data_4NMF
#
_entry.id   4NMF
#
_cell.length_a   95.594
_cell.length_b   151.741
_cell.length_c   176.606
_cell.angle_alpha   90.00
_cell.angle_beta   90.00
_cell.angle_gamma   90.00
#
_symmetry.space_group_name_H-M   'P 21 21 21'
#
loop_
_entity.id
_entity.type
_entity.pdbx_description
1 polymer 'Proline dehydrogenase and Delta-1-pyrroline-5-carboxylate dehydrogenase'
2 non-polymer 'N-propargylglycine-modified flavin adenine dinucleotide'
3 non-polymer '(2R)-2-methyl-1,4-dioxo-1,2,3,4-tetrahydronaphthalene-2-sulfonic acid'
4 non-polymer 1,2-ETHANEDIOL
5 non-polymer '(2S)-2-methyl-1,4-dioxo-1,2,3,4-tetrahydronaphthalene-2-sulfonic acid'
6 water water
#
_entity_poly.entity_id   1
_entity_poly.type   'polypeptide(L)'
_entity_poly.pdbx_seq_one_letter_code
;SMLNSELNTKIVNRGKEFFGSISGEKPSLFNKGAWMGKAMDWSMQNEQFKIQMFRFVDVFPSLTTSKLLTEHIREYFGNE
QDMPAFMSTGAKVAGMLGSFGGAVLNKVLTSNIEEMARQFIVGETTKEAVKNLEKLRKDGFAAVVDVLGEATLSEEEAEV
YTNTYLELLEALKKEQGSWKGLPGKGGDPGLDWGHAPKVNIAVKPTALFCLANPQDFEGSVVAILDRMRRIFKKVMELNG
FLCIDMESYRHKEIILEVFRRLKLEYRDYPHLGIVLQAYLKDNDKDLDDLLAWAKEHKVQISVRLVKGAYWDYETVKAKQ
NDWEVPVWTIKAESDAAYERQARKILENHQICHFACASHNIRTISAVMEMARELNVPEDRYEFQVLYGMAEPVRKGILKV
AGRIRLYAPYGNMVPGMGYLVRRLLENTANESFLRQSFAEDAQIERLLEDPAVTVERERAARAAKPKKERKGLGGLPPFN
NEAMVDFTRADHRAAFPKHIAQVRTQLGKTYPLFINGKEVRTNDLIPTVNPNKPSEVLGQICQAGTTEVGDAIAAAKAAF
PAWRDTDPRTRAEYLLKAAQAARKRLFELSAWQVLEIGKQWDQAYADVTEAIDFLEYYAREMIRLGQPQRVGHAPGELNH
YFYEPKGVAAVIAPWNFPLAISMGMASAAIVTGNCVVFKPSGITSIIGWHLVELFREAGLPEGVFNFTPGRGSVMGDYLV
DHPDISLIAFTGSMETGLRIIERAAKVHPGQANVKKIISEMGGKNAIIIDDDADLDEAVPHVLYSAFGFQGQKCSACSRV
IVLDAVYDKFIERLVSMAKATKVGPSEDPANYMGAVADDKAMKSIKEYAEIGKREGHVLYESPVPAGEGYFVPMTIIGGI
KPEHRIAQEEIFGPVLAVMRAKDFDQAIEWANSTQFALTGGIFSRSPEHLAKARREFRVGNLYINRNNTGALVERQPFGG
ARMSGVGTKAGGPDYLLHFMDPRVVTENTMRRGFAPIEEDDDWVD
;
_entity_poly.pdbx_strand_id   A,B
#
loop_
_chem_comp.id
_chem_comp.type
_chem_comp.name
_chem_comp.formula
2L3 non-polymer '(2R)-2-methyl-1,4-dioxo-1,2,3,4-tetrahydronaphthalene-2-sulfonic acid' 'C11 H10 O5 S'
2LB non-polymer '(2S)-2-methyl-1,4-dioxo-1,2,3,4-tetrahydronaphthalene-2-sulfonic acid' 'C11 H10 O5 S'
EDO non-polymer 1,2-ETHANEDIOL 'C2 H6 O2'
P5F non-polymer 'N-propargylglycine-modified flavin adenine dinucleotide' 'C32 H40 N10 O17 P2'
#
# COMPACT_ATOMS: atom_id res chain seq x y z
N ASN A 4 -6.21 42.99 44.05
CA ASN A 4 -5.65 41.90 43.26
C ASN A 4 -4.18 42.13 42.95
N SER A 5 -3.88 43.28 42.35
CA SER A 5 -2.50 43.70 42.13
C SER A 5 -1.83 43.97 43.46
N GLU A 6 -2.64 44.39 44.44
CA GLU A 6 -2.18 44.57 45.82
C GLU A 6 -1.77 43.22 46.44
N LEU A 7 -2.65 42.23 46.32
CA LEU A 7 -2.42 40.92 46.93
C LEU A 7 -1.25 40.23 46.24
N ASN A 8 -1.28 40.28 44.91
CA ASN A 8 -0.19 39.74 44.10
C ASN A 8 1.15 40.34 44.53
N THR A 9 1.20 41.66 44.67
CA THR A 9 2.40 42.34 45.11
C THR A 9 2.91 41.80 46.45
N LYS A 10 2.01 41.57 47.40
CA LYS A 10 2.38 40.96 48.66
C LYS A 10 2.88 39.53 48.48
N ILE A 11 2.22 38.78 47.61
CA ILE A 11 2.68 37.42 47.28
C ILE A 11 4.08 37.42 46.66
N VAL A 12 4.28 38.27 45.66
CA VAL A 12 5.58 38.41 45.02
C VAL A 12 6.67 38.78 46.04
N ASN A 13 6.40 39.76 46.89
CA ASN A 13 7.34 40.15 47.95
C ASN A 13 7.62 39.01 48.93
N ARG A 14 6.59 38.25 49.29
CA ARG A 14 6.75 37.09 50.16
C ARG A 14 7.63 36.03 49.50
N GLY A 15 7.48 35.89 48.18
CA GLY A 15 8.29 34.96 47.42
C GLY A 15 9.75 35.34 47.45
N LYS A 16 10.02 36.64 47.36
CA LYS A 16 11.39 37.16 47.37
C LYS A 16 12.04 36.96 48.74
N GLU A 17 11.22 37.10 49.79
CA GLU A 17 11.66 36.77 51.14
C GLU A 17 12.21 35.35 51.18
N PHE A 18 11.42 34.40 50.68
CA PHE A 18 11.83 32.99 50.61
C PHE A 18 13.13 32.77 49.87
N PHE A 19 13.26 33.40 48.71
CA PHE A 19 14.46 33.21 47.91
C PHE A 19 15.68 33.80 48.63
N GLY A 20 15.53 34.99 49.18
CA GLY A 20 16.58 35.61 49.99
C GLY A 20 16.95 34.81 51.23
N SER A 21 16.06 33.89 51.62
CA SER A 21 16.28 33.03 52.77
C SER A 21 16.76 31.63 52.38
N PRO A 27 20.51 22.15 47.26
CA PRO A 27 19.65 21.02 46.86
C PRO A 27 20.48 19.94 46.16
N SER A 28 20.63 18.79 46.80
CA SER A 28 21.61 17.77 46.40
C SER A 28 21.57 17.31 44.94
N LEU A 29 20.35 17.16 44.39
CA LEU A 29 20.18 16.72 43.01
C LEU A 29 20.56 17.78 41.98
N PHE A 30 20.69 19.02 42.44
CA PHE A 30 21.07 20.13 41.57
C PHE A 30 22.50 20.60 41.91
N ASN A 31 23.11 19.94 42.89
CA ASN A 31 24.49 20.21 43.25
C ASN A 31 25.44 19.46 42.33
N LYS A 32 26.02 20.19 41.38
CA LYS A 32 26.89 19.59 40.36
C LYS A 32 28.27 19.20 40.88
N GLY A 33 28.50 19.43 42.17
CA GLY A 33 29.71 18.93 42.80
C GLY A 33 29.57 17.46 43.13
N ALA A 34 28.36 17.04 43.49
CA ALA A 34 28.09 15.65 43.82
C ALA A 34 27.72 14.82 42.59
N TRP A 35 27.90 13.51 42.70
CA TRP A 35 27.66 12.59 41.61
C TRP A 35 26.21 12.61 41.08
N MET A 36 25.25 12.65 41.99
CA MET A 36 23.84 12.66 41.59
C MET A 36 23.49 13.95 40.86
N GLY A 37 24.17 15.04 41.24
CA GLY A 37 23.99 16.31 40.55
C GLY A 37 24.45 16.25 39.11
N LYS A 38 25.61 15.61 38.89
CA LYS A 38 26.17 15.48 37.55
C LYS A 38 25.30 14.58 36.69
N ALA A 39 24.85 13.47 37.25
CA ALA A 39 24.00 12.53 36.52
C ALA A 39 22.69 13.19 36.12
N MET A 40 22.11 13.93 37.06
CA MET A 40 20.86 14.64 36.79
C MET A 40 21.06 15.79 35.82
N ASP A 41 22.20 16.46 35.91
CA ASP A 41 22.48 17.56 35.01
C ASP A 41 22.56 17.07 33.57
N TRP A 42 23.17 15.90 33.39
CA TRP A 42 23.29 15.33 32.06
C TRP A 42 21.95 14.79 31.57
N SER A 43 21.13 14.30 32.49
CA SER A 43 19.78 13.88 32.16
C SER A 43 18.94 15.03 31.64
N MET A 44 19.15 16.22 32.20
CA MET A 44 18.35 17.38 31.82
C MET A 44 18.83 17.99 30.51
N GLN A 45 20.05 17.66 30.11
CA GLN A 45 20.62 18.11 28.84
C GLN A 45 20.42 17.11 27.71
N ASN A 46 20.47 15.82 28.02
CA ASN A 46 20.42 14.77 27.01
C ASN A 46 19.29 13.79 27.28
N GLU A 47 18.21 13.87 26.49
CA GLU A 47 17.00 13.10 26.76
C GLU A 47 17.15 11.59 26.57
N GLN A 48 17.98 11.19 25.61
CA GLN A 48 18.28 9.77 25.42
C GLN A 48 18.90 9.21 26.69
N PHE A 49 19.86 9.94 27.27
CA PHE A 49 20.45 9.54 28.53
C PHE A 49 19.47 9.54 29.70
N LYS A 50 18.60 10.56 29.77
CA LYS A 50 17.60 10.60 30.82
C LYS A 50 16.78 9.32 30.83
N ILE A 51 16.30 8.92 29.64
CA ILE A 51 15.50 7.71 29.52
C ILE A 51 16.28 6.47 29.97
N GLN A 52 17.54 6.36 29.54
CA GLN A 52 18.37 5.22 29.91
C GLN A 52 18.63 5.18 31.42
N MET A 53 18.94 6.34 32.00
CA MET A 53 19.29 6.42 33.41
C MET A 53 18.09 6.09 34.31
N PHE A 54 16.94 6.66 33.99
CA PHE A 54 15.75 6.45 34.80
C PHE A 54 15.18 5.03 34.67
N ARG A 55 15.25 4.47 33.47
CA ARG A 55 14.84 3.08 33.29
C ARG A 55 15.80 2.13 33.98
N PHE A 56 17.08 2.47 33.99
CA PHE A 56 18.07 1.69 34.72
C PHE A 56 17.78 1.71 36.21
N VAL A 57 17.50 2.89 36.75
CA VAL A 57 17.23 2.96 38.17
C VAL A 57 15.97 2.14 38.51
N ASP A 58 14.97 2.19 37.62
CA ASP A 58 13.76 1.38 37.78
C ASP A 58 14.05 -0.12 37.85
N VAL A 59 14.91 -0.62 36.96
CA VAL A 59 15.17 -2.06 36.90
C VAL A 59 16.20 -2.49 37.96
N PHE A 60 16.98 -1.53 38.45
CA PHE A 60 18.12 -1.80 39.33
C PHE A 60 17.88 -2.77 40.51
N PRO A 61 16.75 -2.62 41.24
CA PRO A 61 16.61 -3.55 42.36
C PRO A 61 16.44 -5.02 41.98
N SER A 62 16.11 -5.33 40.72
CA SER A 62 15.99 -6.72 40.32
CA SER A 62 15.97 -6.70 40.25
C SER A 62 17.31 -7.29 39.81
N LEU A 63 18.36 -6.46 39.79
CA LEU A 63 19.69 -6.90 39.35
C LEU A 63 20.48 -7.53 40.50
N THR A 64 20.08 -8.74 40.86
CA THR A 64 20.50 -9.38 42.11
C THR A 64 21.73 -10.30 41.99
N THR A 65 22.21 -10.53 40.77
CA THR A 65 23.49 -11.24 40.59
C THR A 65 24.48 -10.35 39.86
N SER A 66 25.77 -10.71 39.95
CA SER A 66 26.84 -9.96 39.32
C SER A 66 26.67 -9.94 37.80
N LYS A 67 26.22 -11.06 37.24
CA LYS A 67 25.95 -11.16 35.81
C LYS A 67 24.82 -10.21 35.36
N LEU A 68 23.67 -10.26 36.03
CA LEU A 68 22.57 -9.35 35.70
C LEU A 68 22.97 -7.90 35.74
N LEU A 69 23.72 -7.52 36.77
CA LEU A 69 24.08 -6.11 36.96
C LEU A 69 25.04 -5.66 35.86
N THR A 70 26.13 -6.41 35.65
CA THR A 70 27.13 -6.10 34.64
C THR A 70 26.49 -5.95 33.25
N GLU A 71 25.64 -6.91 32.89
CA GLU A 71 25.07 -6.88 31.55
C GLU A 71 24.09 -5.74 31.39
N HIS A 72 23.32 -5.43 32.43
CA HIS A 72 22.36 -4.34 32.32
C HIS A 72 23.06 -2.99 32.23
N ILE A 73 24.17 -2.83 32.94
CA ILE A 73 24.93 -1.59 32.85
C ILE A 73 25.39 -1.34 31.40
N ARG A 74 25.97 -2.37 30.78
CA ARG A 74 26.44 -2.27 29.40
C ARG A 74 25.30 -2.02 28.40
N GLU A 75 24.16 -2.67 28.61
CA GLU A 75 23.03 -2.51 27.70
C GLU A 75 22.34 -1.16 27.84
N TYR A 76 22.37 -0.56 29.03
CA TYR A 76 21.75 0.75 29.22
C TYR A 76 22.69 1.91 28.91
N PHE A 77 23.98 1.75 29.22
CA PHE A 77 24.91 2.86 29.11
C PHE A 77 25.98 2.67 28.04
N GLY A 78 26.04 1.48 27.43
CA GLY A 78 27.01 1.23 26.39
C GLY A 78 28.38 0.81 26.91
N ASN A 79 29.37 0.84 26.03
CA ASN A 79 30.75 0.48 26.40
C ASN A 79 31.40 1.53 27.28
N GLU A 80 31.92 1.11 28.44
CA GLU A 80 32.54 2.01 29.41
C GLU A 80 33.70 2.80 28.79
N GLN A 81 33.32 3.80 27.99
CA GLN A 81 34.23 4.56 27.15
C GLN A 81 33.37 5.61 26.45
N ASP A 82 32.31 5.14 25.80
CA ASP A 82 31.27 5.99 25.22
C ASP A 82 30.34 6.53 26.31
N MET A 83 30.53 6.03 27.54
CA MET A 83 29.84 6.59 28.69
C MET A 83 30.34 8.00 28.96
N PRO A 84 29.45 8.88 29.47
CA PRO A 84 29.93 10.15 30.01
C PRO A 84 30.84 9.91 31.22
N ALA A 85 31.76 10.85 31.47
CA ALA A 85 32.88 10.63 32.39
C ALA A 85 32.49 10.37 33.85
N PHE A 86 31.53 11.13 34.37
CA PHE A 86 31.20 11.12 35.80
C PHE A 86 30.84 9.74 36.37
N MET A 87 30.55 8.78 35.50
CA MET A 87 30.23 7.42 35.93
C MET A 87 31.50 6.58 36.12
N ALA A 103 33.91 -5.74 40.36
CA ALA A 103 33.66 -4.87 39.21
C ALA A 103 33.42 -3.43 39.67
N VAL A 104 34.32 -2.53 39.27
CA VAL A 104 34.27 -1.13 39.71
C VAL A 104 32.96 -0.44 39.31
N LEU A 105 32.62 -0.50 38.03
CA LEU A 105 31.42 0.15 37.52
C LEU A 105 30.17 -0.35 38.25
N ASN A 106 30.16 -1.64 38.60
CA ASN A 106 29.11 -2.23 39.41
C ASN A 106 28.93 -1.55 40.77
N LYS A 107 30.04 -1.36 41.49
CA LYS A 107 29.96 -0.77 42.83
C LYS A 107 29.81 0.76 42.83
N VAL A 108 30.32 1.42 41.80
CA VAL A 108 30.11 2.87 41.62
C VAL A 108 28.61 3.16 41.59
N LEU A 109 27.92 2.51 40.66
CA LEU A 109 26.49 2.72 40.50
C LEU A 109 25.71 2.32 41.74
N THR A 110 26.07 1.17 42.31
CA THR A 110 25.30 0.59 43.41
C THR A 110 25.28 1.53 44.61
N SER A 111 26.46 1.97 45.03
CA SER A 111 26.57 2.86 46.17
C SER A 111 25.89 4.20 45.91
N ASN A 112 26.10 4.75 44.71
CA ASN A 112 25.49 6.03 44.35
C ASN A 112 23.97 5.97 44.28
N ILE A 113 23.43 4.93 43.66
CA ILE A 113 21.97 4.82 43.54
C ILE A 113 21.33 4.58 44.91
N GLU A 114 21.90 3.66 45.68
CA GLU A 114 21.42 3.45 47.05
C GLU A 114 21.48 4.73 47.87
N GLU A 115 22.56 5.49 47.71
CA GLU A 115 22.67 6.77 48.41
C GLU A 115 21.57 7.76 47.99
N MET A 116 21.30 7.86 46.69
CA MET A 116 20.22 8.73 46.21
C MET A 116 18.86 8.31 46.78
N ALA A 117 18.63 7.00 46.88
CA ALA A 117 17.35 6.49 47.39
C ALA A 117 17.18 6.81 48.88
N ARG A 118 18.28 6.75 49.63
CA ARG A 118 18.24 7.02 51.07
C ARG A 118 17.89 8.47 51.43
N GLN A 119 18.18 9.40 50.53
CA GLN A 119 17.84 10.81 50.76
C GLN A 119 16.32 11.04 50.91
N PHE A 120 15.50 10.15 50.36
CA PHE A 120 14.05 10.35 50.37
C PHE A 120 13.29 9.45 51.35
N ILE A 121 14.04 8.66 52.12
CA ILE A 121 13.47 7.67 53.02
C ILE A 121 14.01 7.91 54.42
N VAL A 122 13.15 7.86 55.44
CA VAL A 122 13.60 8.08 56.82
C VAL A 122 14.05 6.81 57.55
N GLY A 123 14.10 5.68 56.85
CA GLY A 123 14.57 4.44 57.44
C GLY A 123 14.08 3.19 56.73
N GLU A 124 14.70 2.05 57.02
CA GLU A 124 14.30 0.80 56.38
C GLU A 124 13.52 -0.06 57.35
N THR A 125 13.60 0.28 58.64
CA THR A 125 12.82 -0.38 59.66
C THR A 125 11.99 0.63 60.43
N THR A 126 10.92 0.14 61.06
CA THR A 126 10.09 0.97 61.93
C THR A 126 10.92 1.60 63.02
N LYS A 127 11.82 0.81 63.60
CA LYS A 127 12.66 1.28 64.70
C LYS A 127 13.60 2.41 64.27
N GLU A 128 14.19 2.27 63.08
CA GLU A 128 15.06 3.31 62.53
C GLU A 128 14.24 4.56 62.20
N ALA A 129 13.10 4.35 61.55
CA ALA A 129 12.18 5.44 61.20
C ALA A 129 11.83 6.29 62.42
N VAL A 130 11.32 5.63 63.45
CA VAL A 130 10.92 6.33 64.68
C VAL A 130 12.07 7.15 65.26
N LYS A 131 13.27 6.57 65.32
CA LYS A 131 14.44 7.29 65.83
C LYS A 131 14.79 8.51 64.96
N ASN A 132 14.72 8.36 63.64
CA ASN A 132 14.98 9.47 62.72
C ASN A 132 13.87 10.53 62.73
N LEU A 133 12.63 10.08 62.97
CA LEU A 133 11.49 10.99 63.11
C LEU A 133 11.64 11.85 64.36
N GLU A 134 12.18 11.25 65.41
CA GLU A 134 12.41 11.97 66.65
C GLU A 134 13.52 13.01 66.50
N LYS A 135 14.52 12.70 65.69
CA LYS A 135 15.58 13.67 65.38
C LYS A 135 14.99 14.89 64.65
N LEU A 136 14.10 14.62 63.70
CA LEU A 136 13.47 15.69 62.93
C LEU A 136 12.65 16.62 63.83
N ARG A 137 11.98 16.06 64.84
CA ARG A 137 11.22 16.85 65.82
C ARG A 137 12.11 17.85 66.54
N LYS A 138 13.28 17.38 66.98
CA LYS A 138 14.21 18.23 67.71
C LYS A 138 14.78 19.31 66.78
N ASP A 139 14.71 19.07 65.48
CA ASP A 139 15.09 20.08 64.50
C ASP A 139 13.90 20.98 64.12
N GLY A 140 12.76 20.74 64.74
CA GLY A 140 11.61 21.61 64.57
C GLY A 140 10.54 21.17 63.57
N PHE A 141 10.68 19.96 63.03
CA PHE A 141 9.78 19.46 62.01
C PHE A 141 8.77 18.45 62.51
N ALA A 142 7.51 18.66 62.12
CA ALA A 142 6.48 17.66 62.31
C ALA A 142 6.62 16.61 61.21
N ALA A 143 5.85 15.53 61.29
CA ALA A 143 5.92 14.50 60.26
C ALA A 143 4.57 13.84 60.01
N VAL A 144 4.37 13.34 58.80
CA VAL A 144 3.31 12.39 58.50
C VAL A 144 4.00 11.17 57.93
N VAL A 145 3.75 10.01 58.53
CA VAL A 145 4.54 8.80 58.20
C VAL A 145 3.82 7.91 57.21
N ASP A 146 4.57 7.39 56.25
CA ASP A 146 4.00 6.53 55.22
C ASP A 146 4.82 5.27 55.08
N VAL A 147 4.15 4.16 54.77
CA VAL A 147 4.84 2.88 54.65
C VAL A 147 5.04 2.53 53.17
N LEU A 148 6.30 2.46 52.76
CA LEU A 148 6.66 2.05 51.40
C LEU A 148 6.27 0.59 51.17
N GLY A 149 5.72 0.29 50.01
CA GLY A 149 5.43 -1.09 49.68
C GLY A 149 5.39 -1.29 48.19
N GLU A 150 5.66 -2.51 47.74
CA GLU A 150 5.39 -2.86 46.37
C GLU A 150 3.86 -2.88 46.23
N ALA A 151 3.38 -2.93 45.00
CA ALA A 151 1.95 -3.04 44.75
C ALA A 151 1.37 -4.22 45.52
N THR A 152 0.18 -4.01 46.08
CA THR A 152 -0.53 -5.06 46.79
C THR A 152 -1.21 -5.97 45.79
N LEU A 153 -0.81 -7.24 45.75
CA LEU A 153 -1.36 -8.15 44.75
C LEU A 153 -2.11 -9.31 45.38
N SER A 154 -2.31 -9.28 46.70
CA SER A 154 -3.04 -10.36 47.36
C SER A 154 -3.62 -9.90 48.69
N GLU A 155 -4.49 -10.73 49.25
CA GLU A 155 -4.98 -10.47 50.60
C GLU A 155 -3.85 -10.55 51.64
N GLU A 156 -2.91 -11.48 51.47
CA GLU A 156 -1.81 -11.59 52.44
C GLU A 156 -0.96 -10.33 52.42
N GLU A 157 -0.68 -9.81 51.22
CA GLU A 157 0.07 -8.56 51.06
C GLU A 157 -0.70 -7.37 51.63
N ALA A 158 -2.01 -7.35 51.44
CA ALA A 158 -2.82 -6.27 52.01
C ALA A 158 -2.76 -6.35 53.53
N GLU A 159 -2.72 -7.57 54.05
CA GLU A 159 -2.57 -7.77 55.50
C GLU A 159 -1.19 -7.37 56.05
N VAL A 160 -0.12 -7.71 55.32
CA VAL A 160 1.21 -7.25 55.72
C VAL A 160 1.28 -5.72 55.80
N TYR A 161 0.76 -5.05 54.76
CA TYR A 161 0.75 -3.59 54.69
C TYR A 161 0.00 -3.03 55.89
N THR A 162 -1.20 -3.57 56.12
CA THR A 162 -2.04 -3.12 57.23
C THR A 162 -1.35 -3.28 58.58
N ASN A 163 -0.78 -4.46 58.80
CA ASN A 163 -0.12 -4.73 60.07
C ASN A 163 1.14 -3.89 60.29
N THR A 164 1.77 -3.46 59.20
CA THR A 164 2.92 -2.57 59.31
C THR A 164 2.50 -1.23 59.90
N TYR A 165 1.36 -0.70 59.44
CA TYR A 165 0.83 0.51 60.07
C TYR A 165 0.49 0.28 61.53
N LEU A 166 -0.11 -0.88 61.84
CA LEU A 166 -0.46 -1.16 63.24
C LEU A 166 0.79 -1.29 64.10
N GLU A 167 1.84 -1.88 63.54
CA GLU A 167 3.13 -2.00 64.22
C GLU A 167 3.75 -0.61 64.45
N LEU A 168 3.70 0.22 63.43
CA LEU A 168 4.21 1.59 63.52
C LEU A 168 3.49 2.38 64.61
N LEU A 169 2.17 2.34 64.58
CA LEU A 169 1.37 3.10 65.54
C LEU A 169 1.68 2.63 66.95
N GLU A 170 1.91 1.32 67.10
CA GLU A 170 2.24 0.75 68.40
C GLU A 170 3.56 1.32 68.91
N ALA A 171 4.53 1.44 68.03
CA ALA A 171 5.82 2.00 68.37
C ALA A 171 5.71 3.51 68.65
N LEU A 172 4.89 4.20 67.86
CA LEU A 172 4.66 5.63 68.09
C LEU A 172 3.91 5.89 69.39
N LYS A 173 2.95 5.03 69.71
CA LYS A 173 2.15 5.16 70.92
C LYS A 173 3.03 5.18 72.17
N LYS A 174 4.11 4.39 72.15
CA LYS A 174 4.98 4.31 73.33
C LYS A 174 5.97 5.46 73.44
N GLU A 175 6.16 6.21 72.36
CA GLU A 175 7.15 7.30 72.33
C GLU A 175 6.54 8.70 72.52
N GLN A 176 5.30 8.89 72.08
CA GLN A 176 4.75 10.24 71.94
C GLN A 176 4.55 11.00 73.25
N GLY A 177 4.30 10.27 74.34
CA GLY A 177 4.12 10.90 75.64
C GLY A 177 5.40 11.58 76.08
N SER A 178 6.51 11.05 75.57
CA SER A 178 7.83 11.59 75.90
C SER A 178 8.19 12.81 75.04
N TRP A 179 7.37 13.10 74.03
CA TRP A 179 7.67 14.18 73.08
C TRP A 179 7.17 15.54 73.54
N LYS A 180 8.03 16.56 73.42
CA LYS A 180 7.60 17.93 73.66
C LYS A 180 6.90 18.47 72.42
N GLY A 181 5.77 19.13 72.61
CA GLY A 181 5.07 19.72 71.48
C GLY A 181 5.91 20.78 70.81
N LEU A 182 5.95 20.78 69.48
CA LEU A 182 6.59 21.86 68.75
C LEU A 182 6.02 23.19 69.21
N PRO A 183 6.88 24.20 69.37
CA PRO A 183 6.44 25.49 69.91
C PRO A 183 5.50 26.22 68.97
N GLY A 184 4.50 26.87 69.54
CA GLY A 184 3.50 27.61 68.76
C GLY A 184 3.31 29.02 69.32
N LYS A 185 2.09 29.53 69.25
CA LYS A 185 1.80 30.87 69.78
C LYS A 185 0.89 30.80 71.00
N GLY A 186 0.18 29.70 71.15
CA GLY A 186 -0.64 29.46 72.32
C GLY A 186 -1.05 28.00 72.38
N GLY A 187 -2.13 27.72 73.11
CA GLY A 187 -2.70 26.39 73.14
C GLY A 187 -2.03 25.37 74.03
N ASP A 188 -2.20 24.11 73.67
CA ASP A 188 -1.76 22.96 74.45
C ASP A 188 -0.28 22.65 74.16
N PRO A 189 0.60 22.77 75.17
CA PRO A 189 2.02 22.52 74.94
C PRO A 189 2.34 21.03 74.74
N GLY A 190 1.33 20.17 74.87
CA GLY A 190 1.50 18.75 74.60
C GLY A 190 1.12 18.43 73.17
N LEU A 191 0.65 19.44 72.45
CA LEU A 191 0.29 19.30 71.03
C LEU A 191 1.24 20.12 70.17
N ASP A 192 1.43 19.71 68.92
CA ASP A 192 2.33 20.42 68.03
C ASP A 192 1.80 21.80 67.66
N TRP A 193 2.65 22.82 67.85
CA TRP A 193 2.29 24.23 67.67
C TRP A 193 1.14 24.66 68.57
N GLY A 194 0.78 23.81 69.53
CA GLY A 194 -0.32 24.08 70.43
C GLY A 194 -1.63 23.42 70.06
N HIS A 195 -1.70 22.77 68.89
CA HIS A 195 -2.99 22.25 68.40
C HIS A 195 -2.95 20.92 67.61
N ALA A 196 -1.87 20.66 66.89
CA ALA A 196 -1.84 19.49 66.01
C ALA A 196 -1.46 18.19 66.75
N PRO A 197 -2.18 17.10 66.46
CA PRO A 197 -1.81 15.78 66.98
C PRO A 197 -0.37 15.42 66.58
N LYS A 198 0.40 14.89 67.53
CA LYS A 198 1.80 14.55 67.24
C LYS A 198 1.98 13.35 66.32
N VAL A 199 1.05 12.39 66.36
CA VAL A 199 1.14 11.24 65.47
C VAL A 199 0.21 11.44 64.27
N ASN A 200 0.79 11.32 63.08
CA ASN A 200 0.09 11.62 61.84
C ASN A 200 0.64 10.62 60.83
N ILE A 201 -0.25 9.82 60.24
CA ILE A 201 0.16 8.82 59.26
C ILE A 201 -0.69 8.95 58.00
N ALA A 202 -0.11 8.53 56.87
CA ALA A 202 -0.83 8.53 55.60
C ALA A 202 -0.87 7.12 55.03
N VAL A 203 -2.01 6.76 54.46
CA VAL A 203 -2.21 5.39 53.93
C VAL A 203 -2.66 5.47 52.47
N LYS A 204 -2.13 4.58 51.64
CA LYS A 204 -2.51 4.52 50.22
C LYS A 204 -3.66 3.54 50.11
N PRO A 205 -4.86 4.02 49.78
CA PRO A 205 -6.05 3.16 49.82
C PRO A 205 -5.99 1.90 48.94
N THR A 206 -5.44 1.97 47.72
CA THR A 206 -5.43 0.79 46.87
C THR A 206 -4.46 -0.29 47.38
N ALA A 207 -3.52 0.09 48.25
CA ALA A 207 -2.63 -0.90 48.84
C ALA A 207 -3.37 -1.83 49.82
N LEU A 208 -4.62 -1.48 50.12
CA LEU A 208 -5.46 -2.25 51.03
C LEU A 208 -6.34 -3.32 50.33
N PHE A 209 -6.35 -3.35 49.00
CA PHE A 209 -7.20 -4.28 48.24
C PHE A 209 -6.67 -4.47 46.83
N CYS A 210 -6.18 -5.67 46.53
CA CYS A 210 -5.48 -5.92 45.28
C CYS A 210 -6.39 -5.84 44.05
N LEU A 211 -7.70 -5.99 44.25
CA LEU A 211 -8.64 -5.95 43.13
C LEU A 211 -9.45 -4.65 43.07
N ALA A 212 -8.96 -3.59 43.68
CA ALA A 212 -9.68 -2.31 43.68
C ALA A 212 -9.95 -1.84 42.24
N ASN A 213 -11.23 -1.66 41.93
CA ASN A 213 -11.67 -1.46 40.54
C ASN A 213 -13.07 -0.89 40.55
N PRO A 214 -13.27 0.28 39.93
CA PRO A 214 -14.61 0.89 39.97
C PRO A 214 -15.65 0.06 39.23
N GLN A 215 -15.22 -0.89 38.41
CA GLN A 215 -16.15 -1.87 37.83
C GLN A 215 -16.92 -2.61 38.94
N ASP A 216 -16.23 -2.91 40.05
CA ASP A 216 -16.92 -3.40 41.24
C ASP A 216 -16.80 -2.32 42.33
N PHE A 217 -17.55 -1.25 42.15
CA PHE A 217 -17.42 -0.08 43.01
C PHE A 217 -17.65 -0.40 44.49
N GLU A 218 -18.78 -1.04 44.79
CA GLU A 218 -19.16 -1.26 46.16
C GLU A 218 -18.22 -2.24 46.86
N GLY A 219 -17.84 -3.29 46.14
CA GLY A 219 -16.94 -4.29 46.69
C GLY A 219 -15.57 -3.70 46.99
N SER A 220 -15.14 -2.75 46.15
CA SER A 220 -13.84 -2.13 46.34
C SER A 220 -13.86 -1.17 47.53
N VAL A 221 -14.93 -0.40 47.64
CA VAL A 221 -15.08 0.55 48.75
C VAL A 221 -15.08 -0.23 50.07
N VAL A 222 -15.85 -1.31 50.12
CA VAL A 222 -15.99 -2.10 51.36
C VAL A 222 -14.68 -2.76 51.78
N ALA A 223 -13.98 -3.36 50.83
CA ALA A 223 -12.73 -4.07 51.12
C ALA A 223 -11.68 -3.10 51.65
N ILE A 224 -11.60 -1.93 51.03
CA ILE A 224 -10.63 -0.93 51.45
C ILE A 224 -11.05 -0.33 52.79
N LEU A 225 -12.32 -0.01 52.90
CA LEU A 225 -12.86 0.59 54.12
C LEU A 225 -12.65 -0.30 55.35
N ASP A 226 -12.83 -1.60 55.20
CA ASP A 226 -12.66 -2.49 56.34
C ASP A 226 -11.22 -2.45 56.88
N ARG A 227 -10.22 -2.40 56.00
CA ARG A 227 -8.86 -2.32 56.50
C ARG A 227 -8.54 -0.93 57.02
N MET A 228 -8.99 0.10 56.30
CA MET A 228 -8.75 1.46 56.74
C MET A 228 -9.36 1.71 58.12
N ARG A 229 -10.51 1.10 58.38
CA ARG A 229 -11.18 1.26 59.68
C ARG A 229 -10.32 0.65 60.78
N ARG A 230 -9.72 -0.49 60.49
CA ARG A 230 -8.84 -1.14 61.47
C ARG A 230 -7.66 -0.25 61.84
N ILE A 231 -7.05 0.37 60.83
CA ILE A 231 -5.97 1.33 61.08
C ILE A 231 -6.50 2.56 61.82
N PHE A 232 -7.61 3.11 61.35
CA PHE A 232 -8.16 4.33 61.92
C PHE A 232 -8.49 4.20 63.41
N LYS A 233 -8.97 3.03 63.83
CA LYS A 233 -9.28 2.79 65.24
C LYS A 233 -8.04 2.90 66.12
N LYS A 234 -6.92 2.35 65.65
CA LYS A 234 -5.66 2.46 66.38
C LYS A 234 -5.15 3.88 66.40
N VAL A 235 -5.32 4.60 65.28
CA VAL A 235 -4.98 6.02 65.22
C VAL A 235 -5.75 6.82 66.28
N MET A 236 -7.06 6.61 66.36
CA MET A 236 -7.91 7.34 67.31
C MET A 236 -7.53 7.04 68.76
N GLU A 237 -7.17 5.78 69.04
CA GLU A 237 -6.72 5.38 70.37
C GLU A 237 -5.50 6.19 70.81
N LEU A 238 -4.70 6.62 69.85
CA LEU A 238 -3.49 7.40 70.10
C LEU A 238 -3.77 8.89 70.02
N ASN A 239 -5.03 9.23 69.75
CA ASN A 239 -5.42 10.60 69.41
C ASN A 239 -4.56 11.16 68.28
N GLY A 240 -4.37 10.37 67.23
CA GLY A 240 -3.51 10.76 66.12
C GLY A 240 -4.31 11.25 64.92
N PHE A 241 -3.62 11.51 63.81
CA PHE A 241 -4.28 11.97 62.58
C PHE A 241 -4.04 10.91 61.50
N LEU A 242 -5.09 10.61 60.74
CA LEU A 242 -4.94 9.72 59.57
C LEU A 242 -5.21 10.48 58.28
N CYS A 243 -4.29 10.41 57.32
CA CYS A 243 -4.58 11.00 56.02
C CYS A 243 -4.78 9.92 55.00
N ILE A 244 -5.87 10.02 54.26
CA ILE A 244 -6.11 9.07 53.18
C ILE A 244 -5.54 9.67 51.90
N ASP A 245 -4.47 9.06 51.37
CA ASP A 245 -3.82 9.60 50.19
C ASP A 245 -4.68 9.37 48.95
N MET A 246 -4.44 10.16 47.91
CA MET A 246 -5.23 10.02 46.68
C MET A 246 -4.35 9.44 45.60
N GLU A 247 -4.85 8.44 44.88
CA GLU A 247 -4.05 7.80 43.87
C GLU A 247 -4.53 8.13 42.46
N SER A 248 -4.42 7.20 41.51
CA SER A 248 -4.75 7.52 40.12
C SER A 248 -6.25 7.75 39.90
N TYR A 249 -6.60 8.38 38.77
CA TYR A 249 -7.97 8.81 38.52
C TYR A 249 -8.94 7.63 38.55
N ARG A 250 -8.46 6.48 38.09
CA ARG A 250 -9.22 5.23 38.14
C ARG A 250 -9.89 4.96 39.50
N HIS A 251 -9.23 5.33 40.59
CA HIS A 251 -9.76 5.04 41.93
C HIS A 251 -10.21 6.25 42.74
N LYS A 252 -10.24 7.42 42.10
CA LYS A 252 -10.54 8.64 42.84
C LYS A 252 -11.93 8.60 43.48
N GLU A 253 -12.94 8.17 42.72
CA GLU A 253 -14.29 8.10 43.27
C GLU A 253 -14.42 7.07 44.39
N ILE A 254 -13.73 5.94 44.23
CA ILE A 254 -13.70 4.93 45.29
C ILE A 254 -13.12 5.51 46.57
N ILE A 255 -11.98 6.19 46.44
CA ILE A 255 -11.30 6.76 47.60
C ILE A 255 -12.12 7.84 48.30
N LEU A 256 -12.81 8.68 47.53
CA LEU A 256 -13.67 9.71 48.15
C LEU A 256 -14.78 9.08 48.99
N GLU A 257 -15.34 7.98 48.49
CA GLU A 257 -16.46 7.31 49.15
C GLU A 257 -15.99 6.59 50.41
N VAL A 258 -14.78 6.02 50.35
CA VAL A 258 -14.18 5.45 51.55
C VAL A 258 -14.01 6.52 52.61
N PHE A 259 -13.51 7.70 52.22
CA PHE A 259 -13.34 8.78 53.18
C PHE A 259 -14.67 9.24 53.76
N ARG A 260 -15.65 9.42 52.89
CA ARG A 260 -16.98 9.83 53.33
C ARG A 260 -17.60 8.81 54.32
N ARG A 261 -17.46 7.51 54.05
CA ARG A 261 -18.05 6.53 54.97
C ARG A 261 -17.38 6.48 56.34
N LEU A 262 -16.05 6.48 56.33
CA LEU A 262 -15.28 6.38 57.56
C LEU A 262 -15.50 7.61 58.42
N LYS A 263 -15.60 8.76 57.75
CA LYS A 263 -15.84 10.03 58.45
C LYS A 263 -17.17 10.03 59.19
N LEU A 264 -18.21 9.49 58.56
CA LEU A 264 -19.54 9.47 59.15
C LEU A 264 -19.64 8.44 60.29
N GLU A 265 -18.88 7.35 60.19
CA GLU A 265 -18.81 6.37 61.28
C GLU A 265 -18.22 6.98 62.54
N TYR A 266 -17.37 7.99 62.38
CA TYR A 266 -16.74 8.63 63.52
C TYR A 266 -16.87 10.14 63.38
N ARG A 267 -18.13 10.59 63.36
CA ARG A 267 -18.46 11.95 62.96
C ARG A 267 -17.93 13.02 63.92
N ASP A 268 -17.61 12.62 65.15
CA ASP A 268 -17.12 13.55 66.15
C ASP A 268 -15.59 13.62 66.22
N TYR A 269 -14.91 12.73 65.48
CA TYR A 269 -13.45 12.70 65.50
C TYR A 269 -12.85 13.53 64.37
N PRO A 270 -12.14 14.62 64.73
CA PRO A 270 -11.73 15.66 63.79
C PRO A 270 -10.46 15.37 62.98
N HIS A 271 -9.69 14.35 63.33
CA HIS A 271 -8.36 14.19 62.75
C HIS A 271 -8.31 13.15 61.64
N LEU A 272 -9.13 13.37 60.62
CA LEU A 272 -9.17 12.52 59.44
C LEU A 272 -9.08 13.40 58.19
N GLY A 273 -8.13 13.12 57.32
CA GLY A 273 -7.90 13.94 56.15
C GLY A 273 -8.04 13.19 54.84
N ILE A 274 -8.28 13.94 53.78
CA ILE A 274 -8.31 13.38 52.44
C ILE A 274 -7.44 14.26 51.55
N VAL A 275 -6.79 13.64 50.57
CA VAL A 275 -6.01 14.38 49.59
C VAL A 275 -6.89 14.70 48.36
N LEU A 276 -6.82 15.94 47.89
CA LEU A 276 -7.42 16.29 46.59
C LEU A 276 -6.33 16.82 45.65
N GLN A 277 -6.51 16.57 44.35
CA GLN A 277 -5.50 16.90 43.34
C GLN A 277 -5.92 18.06 42.44
N ALA A 278 -5.20 19.18 42.52
CA ALA A 278 -5.59 20.36 41.74
C ALA A 278 -5.37 20.20 40.24
N TYR A 279 -4.58 19.21 39.82
CA TYR A 279 -4.43 19.02 38.38
C TYR A 279 -5.64 18.40 37.67
N LEU A 280 -6.62 17.90 38.43
CA LEU A 280 -7.83 17.31 37.83
C LEU A 280 -8.87 18.38 37.50
N LYS A 281 -9.40 18.32 36.28
CA LYS A 281 -10.48 19.22 35.89
C LYS A 281 -11.68 19.01 36.83
N ASP A 282 -11.87 17.78 37.29
CA ASP A 282 -12.92 17.41 38.26
C ASP A 282 -12.80 18.12 39.61
N ASN A 283 -11.61 18.61 39.96
CA ASN A 283 -11.39 19.01 41.35
C ASN A 283 -12.17 20.23 41.83
N ASP A 284 -12.46 21.17 40.92
CA ASP A 284 -13.26 22.32 41.30
C ASP A 284 -14.60 21.86 41.86
N LYS A 285 -15.24 20.95 41.14
CA LYS A 285 -16.52 20.39 41.57
C LYS A 285 -16.38 19.40 42.75
N ASP A 286 -15.31 18.60 42.77
CA ASP A 286 -15.13 17.63 43.86
C ASP A 286 -14.93 18.35 45.19
N LEU A 287 -14.17 19.45 45.16
CA LEU A 287 -13.97 20.24 46.37
C LEU A 287 -15.29 20.89 46.82
N ASP A 288 -16.02 21.50 45.89
CA ASP A 288 -17.33 22.08 46.20
C ASP A 288 -18.27 21.02 46.78
N ASP A 289 -18.32 19.86 46.13
CA ASP A 289 -19.18 18.75 46.57
C ASP A 289 -18.82 18.31 48.01
N LEU A 290 -17.53 18.19 48.29
CA LEU A 290 -17.08 17.70 49.60
C LEU A 290 -17.39 18.70 50.69
N LEU A 291 -17.20 19.99 50.40
CA LEU A 291 -17.52 21.01 51.38
C LEU A 291 -19.02 21.06 51.64
N ALA A 292 -19.82 20.95 50.60
CA ALA A 292 -21.28 20.94 50.76
C ALA A 292 -21.72 19.70 51.54
N TRP A 293 -21.11 18.56 51.23
CA TRP A 293 -21.34 17.32 51.96
C TRP A 293 -21.05 17.44 53.46
N ALA A 294 -19.92 18.06 53.80
CA ALA A 294 -19.55 18.20 55.20
C ALA A 294 -20.50 19.13 55.96
N LYS A 295 -20.95 20.20 55.30
CA LYS A 295 -21.89 21.12 55.92
C LYS A 295 -23.24 20.43 56.12
N GLU A 296 -23.68 19.68 55.12
CA GLU A 296 -24.92 18.92 55.22
C GLU A 296 -24.90 17.96 56.41
N HIS A 297 -23.79 17.24 56.57
CA HIS A 297 -23.68 16.24 57.63
C HIS A 297 -23.12 16.81 58.94
N LYS A 298 -22.91 18.13 58.95
CA LYS A 298 -22.41 18.83 60.13
C LYS A 298 -21.16 18.18 60.70
N VAL A 299 -20.21 17.84 59.83
CA VAL A 299 -18.94 17.31 60.29
C VAL A 299 -17.80 18.24 59.89
N GLN A 300 -16.63 18.02 60.48
CA GLN A 300 -15.43 18.76 60.09
C GLN A 300 -14.59 17.87 59.17
N ILE A 301 -13.82 18.48 58.28
CA ILE A 301 -12.90 17.72 57.43
C ILE A 301 -11.52 18.37 57.39
N SER A 302 -10.56 17.66 56.81
CA SER A 302 -9.22 18.17 56.55
C SER A 302 -8.86 17.77 55.13
N VAL A 303 -8.36 18.72 54.33
CA VAL A 303 -7.93 18.41 52.97
C VAL A 303 -6.45 18.76 52.85
N ARG A 304 -5.66 17.80 52.35
CA ARG A 304 -4.32 18.09 51.89
C ARG A 304 -4.43 18.31 50.40
N LEU A 305 -4.24 19.53 49.94
CA LEU A 305 -4.33 19.80 48.50
C LEU A 305 -2.94 19.64 47.89
N VAL A 306 -2.88 18.83 46.84
CA VAL A 306 -1.65 18.64 46.08
C VAL A 306 -1.95 18.97 44.64
N LYS A 307 -0.92 19.15 43.83
CA LYS A 307 -1.17 19.33 42.40
C LYS A 307 -1.54 18.01 41.71
N GLY A 308 -0.76 16.96 41.93
CA GLY A 308 -1.09 15.63 41.42
C GLY A 308 0.15 14.88 40.95
N ALA A 309 0.23 13.58 41.26
CA ALA A 309 1.45 12.81 41.00
C ALA A 309 1.46 11.97 39.74
N TYR A 310 0.34 11.91 39.03
CA TYR A 310 0.26 10.93 37.93
C TYR A 310 0.00 11.57 36.57
N TRP A 311 0.53 12.77 36.35
CA TRP A 311 0.19 13.56 35.16
C TRP A 311 0.39 12.83 33.83
N ASP A 312 1.61 12.34 33.60
CA ASP A 312 1.92 11.69 32.33
C ASP A 312 1.08 10.42 32.15
N TYR A 313 0.94 9.66 33.23
CA TYR A 313 0.10 8.46 33.25
C TYR A 313 -1.35 8.71 32.86
N GLU A 314 -1.98 9.71 33.47
CA GLU A 314 -3.39 9.98 33.19
C GLU A 314 -3.57 10.42 31.74
N THR A 315 -2.62 11.22 31.26
CA THR A 315 -2.75 11.73 29.90
C THR A 315 -2.64 10.57 28.90
N VAL A 316 -1.62 9.73 29.09
CA VAL A 316 -1.43 8.56 28.25
C VAL A 316 -2.63 7.62 28.30
N LYS A 317 -3.09 7.29 29.50
CA LYS A 317 -4.17 6.34 29.68
C LYS A 317 -5.45 6.82 29.00
N ALA A 318 -5.75 8.11 29.15
CA ALA A 318 -6.94 8.68 28.53
C ALA A 318 -6.86 8.63 27.01
N LYS A 319 -5.71 9.02 26.45
CA LYS A 319 -5.52 8.98 25.00
C LYS A 319 -5.64 7.55 24.46
N GLN A 320 -5.16 6.57 25.23
CA GLN A 320 -5.20 5.18 24.78
C GLN A 320 -6.62 4.61 24.75
N ASN A 321 -7.53 5.23 25.50
CA ASN A 321 -8.87 4.68 25.63
C ASN A 321 -9.92 5.61 25.06
N ASP A 322 -9.43 6.69 24.46
CA ASP A 322 -10.29 7.68 23.84
C ASP A 322 -11.25 8.31 24.86
N TRP A 323 -10.72 8.54 26.06
CA TRP A 323 -11.45 9.23 27.13
C TRP A 323 -11.01 10.68 27.19
N GLU A 324 -11.87 11.55 27.71
CA GLU A 324 -11.44 12.92 28.01
C GLU A 324 -10.26 12.88 29.00
N VAL A 325 -9.16 13.53 28.65
CA VAL A 325 -8.00 13.64 29.54
C VAL A 325 -8.47 14.32 30.83
N PRO A 326 -8.30 13.65 31.98
CA PRO A 326 -8.88 14.20 33.22
C PRO A 326 -8.05 15.34 33.86
N VAL A 327 -6.81 15.51 33.41
CA VAL A 327 -5.92 16.53 33.95
C VAL A 327 -5.84 17.74 33.02
N TRP A 328 -5.62 18.92 33.59
CA TRP A 328 -5.16 20.09 32.81
C TRP A 328 -3.87 19.69 32.09
N THR A 329 -3.61 20.28 30.93
CA THR A 329 -2.40 19.93 30.19
C THR A 329 -1.40 21.09 29.98
N ILE A 330 -1.74 22.27 30.47
CA ILE A 330 -0.76 23.33 30.58
C ILE A 330 -0.40 23.44 32.06
N LYS A 331 0.89 23.40 32.40
CA LYS A 331 1.29 23.32 33.80
C LYS A 331 0.76 24.48 34.66
N ALA A 332 0.77 25.68 34.10
CA ALA A 332 0.25 26.85 34.80
C ALA A 332 -1.25 26.72 35.16
N GLU A 333 -1.98 25.90 34.42
CA GLU A 333 -3.40 25.66 34.75
C GLU A 333 -3.56 24.93 36.08
N SER A 334 -2.65 23.99 36.36
CA SER A 334 -2.64 23.31 37.65
C SER A 334 -2.22 24.27 38.77
N ASP A 335 -1.23 25.11 38.50
CA ASP A 335 -0.85 26.13 39.48
C ASP A 335 -2.00 27.08 39.78
N ALA A 336 -2.74 27.49 38.75
CA ALA A 336 -3.87 28.41 38.96
C ALA A 336 -4.99 27.72 39.70
N ALA A 337 -5.26 26.47 39.35
CA ALA A 337 -6.28 25.68 40.03
C ALA A 337 -5.93 25.56 41.51
N TYR A 338 -4.65 25.37 41.81
CA TYR A 338 -4.22 25.17 43.20
C TYR A 338 -4.49 26.43 44.00
N GLU A 339 -4.12 27.58 43.45
CA GLU A 339 -4.34 28.83 44.18
C GLU A 339 -5.82 29.15 44.32
N ARG A 340 -6.59 28.77 43.30
CA ARG A 340 -8.03 28.98 43.29
C ARG A 340 -8.71 28.08 44.34
N GLN A 341 -8.33 26.81 44.34
CA GLN A 341 -8.90 25.84 45.27
C GLN A 341 -8.42 26.01 46.72
N ALA A 342 -7.15 26.39 46.89
CA ALA A 342 -6.66 26.76 48.21
C ALA A 342 -7.46 27.94 48.79
N ARG A 343 -7.78 28.92 47.95
CA ARG A 343 -8.60 30.03 48.41
C ARG A 343 -9.96 29.54 48.90
N LYS A 344 -10.59 28.65 48.14
CA LYS A 344 -11.91 28.12 48.52
C LYS A 344 -11.86 27.37 49.85
N ILE A 345 -10.82 26.58 50.06
CA ILE A 345 -10.67 25.87 51.31
C ILE A 345 -10.50 26.85 52.46
N LEU A 346 -9.63 27.86 52.27
CA LEU A 346 -9.37 28.84 53.33
C LEU A 346 -10.61 29.68 53.65
N GLU A 347 -11.45 29.94 52.65
CA GLU A 347 -12.70 30.67 52.86
C GLU A 347 -13.55 29.83 53.81
N ASN A 348 -13.43 28.51 53.68
CA ASN A 348 -14.19 27.57 54.48
C ASN A 348 -13.42 27.00 55.66
N HIS A 349 -12.52 27.80 56.23
CA HIS A 349 -11.63 27.32 57.27
C HIS A 349 -12.39 26.88 58.51
N GLN A 350 -13.61 27.39 58.68
CA GLN A 350 -14.43 26.97 59.82
C GLN A 350 -14.66 25.45 59.82
N ILE A 351 -14.94 24.90 58.65
CA ILE A 351 -15.29 23.49 58.55
C ILE A 351 -14.16 22.63 58.00
N CYS A 352 -13.19 23.28 57.36
CA CYS A 352 -12.17 22.51 56.64
C CYS A 352 -10.75 22.93 57.01
N HIS A 353 -10.02 22.01 57.64
CA HIS A 353 -8.60 22.21 57.94
C HIS A 353 -7.79 22.07 56.66
N PHE A 354 -6.74 22.88 56.52
CA PHE A 354 -5.94 22.90 55.29
C PHE A 354 -4.49 22.46 55.46
N ALA A 355 -4.04 21.55 54.61
CA ALA A 355 -2.61 21.27 54.52
C ALA A 355 -2.14 21.64 53.11
N CYS A 356 -1.37 22.71 53.02
CA CYS A 356 -0.73 23.07 51.76
C CYS A 356 0.41 22.08 51.51
N ALA A 357 0.35 21.39 50.37
CA ALA A 357 1.40 20.42 50.04
C ALA A 357 2.02 20.74 48.69
N SER A 358 3.06 21.57 48.70
CA SER A 358 3.72 22.01 47.49
C SER A 358 5.14 22.42 47.82
N HIS A 359 6.04 22.30 46.85
CA HIS A 359 7.43 22.70 47.04
C HIS A 359 7.66 23.99 46.27
N ASN A 360 6.59 24.48 45.65
CA ASN A 360 6.62 25.69 44.82
C ASN A 360 6.50 26.95 45.65
N ILE A 361 7.54 27.80 45.62
CA ILE A 361 7.56 29.02 46.43
C ILE A 361 6.47 30.05 46.09
N ARG A 362 6.09 30.16 44.81
CA ARG A 362 4.95 30.98 44.43
C ARG A 362 3.68 30.45 45.08
N THR A 363 3.46 29.15 44.93
CA THR A 363 2.29 28.48 45.50
C THR A 363 2.22 28.67 47.01
N ILE A 364 3.32 28.36 47.70
CA ILE A 364 3.39 28.55 49.15
C ILE A 364 3.14 30.00 49.56
N SER A 365 3.77 30.95 48.87
CA SER A 365 3.62 32.36 49.23
C SER A 365 2.19 32.83 48.99
N ALA A 366 1.56 32.28 47.96
CA ALA A 366 0.16 32.58 47.66
C ALA A 366 -0.75 32.16 48.81
N VAL A 367 -0.59 30.91 49.27
CA VAL A 367 -1.35 30.41 50.41
C VAL A 367 -1.16 31.28 51.65
N MET A 368 0.09 31.63 51.95
CA MET A 368 0.33 32.48 53.11
C MET A 368 -0.35 33.85 53.07
N GLU A 369 -0.31 34.51 51.91
CA GLU A 369 -0.94 35.82 51.84
C GLU A 369 -2.45 35.73 51.75
N MET A 370 -2.96 34.63 51.18
CA MET A 370 -4.42 34.42 51.13
C MET A 370 -4.95 34.17 52.54
N ALA A 371 -4.25 33.33 53.30
CA ALA A 371 -4.61 33.05 54.70
C ALA A 371 -4.69 34.33 55.52
N ARG A 372 -3.72 35.22 55.29
CA ARG A 372 -3.67 36.50 55.96
C ARG A 372 -4.80 37.42 55.49
N GLU A 373 -5.03 37.49 54.18
CA GLU A 373 -6.13 38.29 53.64
C GLU A 373 -7.47 37.84 54.19
N LEU A 374 -7.67 36.53 54.32
CA LEU A 374 -8.93 36.00 54.81
C LEU A 374 -8.97 35.84 56.33
N ASN A 375 -7.92 36.35 57.00
CA ASN A 375 -7.79 36.24 58.46
C ASN A 375 -8.04 34.84 59.01
N VAL A 376 -7.40 33.84 58.40
CA VAL A 376 -7.58 32.46 58.84
C VAL A 376 -6.66 32.18 60.04
N PRO A 377 -7.21 31.59 61.11
CA PRO A 377 -6.39 31.24 62.28
C PRO A 377 -5.36 30.18 61.94
N GLU A 378 -4.19 30.24 62.57
CA GLU A 378 -3.09 29.38 62.19
C GLU A 378 -3.33 27.89 62.47
N ASP A 379 -4.23 27.60 63.41
CA ASP A 379 -4.53 26.19 63.68
C ASP A 379 -5.42 25.58 62.59
N ARG A 380 -5.76 26.39 61.59
CA ARG A 380 -6.57 25.91 60.47
C ARG A 380 -5.76 25.63 59.20
N TYR A 381 -4.44 25.86 59.24
CA TYR A 381 -3.58 25.50 58.09
C TYR A 381 -2.12 25.23 58.44
N GLU A 382 -1.50 24.33 57.67
CA GLU A 382 -0.09 24.01 57.86
C GLU A 382 0.53 23.75 56.50
N PHE A 383 1.85 23.58 56.47
CA PHE A 383 2.56 23.37 55.21
C PHE A 383 3.28 22.03 55.24
N GLN A 384 3.21 21.31 54.12
CA GLN A 384 3.81 19.97 54.04
C GLN A 384 4.73 19.86 52.84
N VAL A 385 5.89 19.22 53.02
CA VAL A 385 6.73 18.89 51.87
C VAL A 385 7.21 17.45 51.97
N LEU A 386 7.69 16.89 50.86
CA LEU A 386 8.24 15.54 50.89
C LEU A 386 9.64 15.56 51.48
N TYR A 387 9.90 14.65 52.41
CA TYR A 387 11.23 14.45 52.98
C TYR A 387 12.26 14.27 51.87
N GLY A 388 13.38 14.98 51.99
CA GLY A 388 14.51 14.76 51.11
C GLY A 388 14.67 15.76 49.97
N MET A 389 13.62 16.50 49.65
CA MET A 389 13.74 17.50 48.60
C MET A 389 13.30 18.86 49.10
N ALA A 390 13.52 19.87 48.28
CA ALA A 390 13.19 21.26 48.61
C ALA A 390 13.68 21.60 50.01
N GLU A 391 14.92 21.19 50.32
CA GLU A 391 15.56 21.51 51.60
C GLU A 391 15.61 23.02 51.88
N PRO A 392 16.08 23.82 50.91
CA PRO A 392 16.04 25.28 51.16
C PRO A 392 14.61 25.77 51.32
N VAL A 393 13.69 25.24 50.51
CA VAL A 393 12.27 25.56 50.67
C VAL A 393 11.83 25.20 52.08
N ARG A 394 12.14 23.96 52.48
CA ARG A 394 11.88 23.48 53.83
C ARG A 394 12.62 24.31 54.88
N LYS A 395 13.87 24.67 54.58
CA LYS A 395 14.61 25.58 55.43
C LYS A 395 13.86 26.91 55.57
N GLY A 396 13.50 27.48 54.43
CA GLY A 396 12.79 28.75 54.38
C GLY A 396 11.41 28.69 55.00
N ILE A 397 10.63 27.66 54.65
CA ILE A 397 9.27 27.50 55.18
C ILE A 397 9.30 27.54 56.70
N LEU A 398 10.19 26.76 57.30
CA LEU A 398 10.29 26.71 58.75
C LEU A 398 10.50 28.11 59.34
N LYS A 399 11.40 28.87 58.74
CA LYS A 399 11.72 30.21 59.24
C LYS A 399 10.52 31.17 59.04
N VAL A 400 9.94 31.14 57.85
CA VAL A 400 8.85 32.05 57.49
C VAL A 400 7.47 31.60 58.00
N ALA A 401 7.14 30.33 57.78
CA ALA A 401 5.80 29.81 58.09
C ALA A 401 5.71 29.11 59.45
N GLY A 402 6.80 28.49 59.88
CA GLY A 402 6.86 27.92 61.22
C GLY A 402 6.20 26.58 61.40
N ARG A 403 5.12 26.32 60.67
CA ARG A 403 4.40 25.05 60.79
C ARG A 403 4.59 24.16 59.56
N ILE A 404 5.63 23.32 59.61
CA ILE A 404 6.01 22.51 58.46
C ILE A 404 6.04 21.03 58.83
N ARG A 405 5.36 20.20 58.04
CA ARG A 405 5.32 18.77 58.29
C ARG A 405 6.00 18.06 57.13
N LEU A 406 6.92 17.14 57.43
CA LEU A 406 7.58 16.36 56.39
C LEU A 406 6.84 15.05 56.14
N TYR A 407 6.50 14.78 54.89
CA TYR A 407 5.93 13.50 54.51
C TYR A 407 7.07 12.50 54.43
N ALA A 408 7.08 11.55 55.36
CA ALA A 408 8.26 10.72 55.63
C ALA A 408 7.98 9.24 55.36
N PRO A 409 8.38 8.76 54.18
CA PRO A 409 8.16 7.34 53.90
C PRO A 409 9.33 6.51 54.43
N TYR A 410 9.07 5.23 54.75
CA TYR A 410 10.11 4.34 55.20
C TYR A 410 9.78 2.93 54.77
N GLY A 411 10.79 2.06 54.73
CA GLY A 411 10.56 0.69 54.33
C GLY A 411 11.67 0.10 53.50
N ASN A 412 11.31 -0.92 52.74
CA ASN A 412 12.25 -1.72 51.97
C ASN A 412 12.86 -0.94 50.80
N MET A 413 14.16 -1.15 50.59
CA MET A 413 14.88 -0.47 49.51
C MET A 413 14.29 -0.75 48.13
N VAL A 414 13.66 -1.91 47.95
CA VAL A 414 13.07 -2.24 46.65
C VAL A 414 11.96 -1.25 46.22
N PRO A 415 10.89 -1.09 47.03
CA PRO A 415 9.97 -0.03 46.61
C PRO A 415 10.55 1.37 46.83
N GLY A 416 11.60 1.50 47.63
CA GLY A 416 12.31 2.76 47.77
C GLY A 416 12.93 3.26 46.47
N MET A 417 13.35 2.30 45.63
CA MET A 417 13.94 2.59 44.33
C MET A 417 12.92 3.08 43.32
N GLY A 418 11.72 2.50 43.35
CA GLY A 418 10.65 2.95 42.48
C GLY A 418 10.22 4.35 42.87
N TYR A 419 10.24 4.63 44.17
CA TYR A 419 9.90 5.95 44.66
C TYR A 419 10.97 6.94 44.24
N LEU A 420 12.24 6.53 44.32
CA LEU A 420 13.34 7.36 43.85
C LEU A 420 13.17 7.77 42.39
N VAL A 421 12.84 6.82 41.52
CA VAL A 421 12.61 7.14 40.11
C VAL A 421 11.56 8.25 39.96
N ARG A 422 10.46 8.12 40.70
CA ARG A 422 9.40 9.11 40.59
C ARG A 422 9.82 10.49 41.12
N ARG A 423 10.61 10.51 42.19
CA ARG A 423 11.16 11.77 42.71
C ARG A 423 12.10 12.43 41.70
N LEU A 424 12.94 11.63 41.06
CA LEU A 424 13.89 12.13 40.06
C LEU A 424 13.13 12.69 38.87
N LEU A 425 12.06 12.01 38.48
CA LEU A 425 11.22 12.44 37.37
C LEU A 425 10.60 13.79 37.66
N GLU A 426 10.05 13.94 38.86
CA GLU A 426 9.46 15.20 39.26
C GLU A 426 10.47 16.36 39.31
N ASN A 427 11.61 16.13 39.94
CA ASN A 427 12.63 17.18 40.08
C ASN A 427 13.21 17.68 38.77
N THR A 428 13.31 16.80 37.78
CA THR A 428 14.00 17.13 36.53
C THR A 428 13.08 17.39 35.36
N ALA A 429 11.77 17.42 35.60
CA ALA A 429 10.83 17.74 34.54
C ALA A 429 11.07 19.17 34.07
N ASN A 430 10.83 19.45 32.78
CA ASN A 430 11.04 20.80 32.24
C ASN A 430 10.18 21.81 32.98
N GLU A 431 8.97 21.38 33.31
CA GLU A 431 7.94 22.25 33.88
C GLU A 431 8.07 22.36 35.39
N SER A 432 9.05 21.67 35.96
CA SER A 432 9.25 21.65 37.42
C SER A 432 9.72 23.00 37.97
N PHE A 433 8.99 23.50 38.97
CA PHE A 433 9.37 24.75 39.62
C PHE A 433 10.77 24.67 40.19
N LEU A 434 11.16 23.49 40.66
CA LEU A 434 12.47 23.32 41.25
C LEU A 434 13.58 23.43 40.20
N ARG A 435 13.46 22.66 39.12
CA ARG A 435 14.42 22.74 38.01
C ARG A 435 14.61 24.17 37.51
N GLN A 436 13.50 24.88 37.31
CA GLN A 436 13.55 26.26 36.83
C GLN A 436 14.18 27.22 37.83
N SER A 437 14.03 26.93 39.12
CA SER A 437 14.61 27.78 40.16
C SER A 437 16.11 27.54 40.33
N PHE A 438 16.58 26.36 39.95
CA PHE A 438 17.98 25.99 40.15
C PHE A 438 18.68 25.61 38.84
N ALA A 442 17.32 31.64 35.37
CA ALA A 442 16.10 31.78 36.17
C ALA A 442 15.76 33.24 36.44
N GLN A 443 14.56 33.66 36.05
CA GLN A 443 14.11 35.02 36.32
C GLN A 443 13.02 35.01 37.40
N ILE A 444 13.35 35.58 38.56
CA ILE A 444 12.48 35.53 39.73
C ILE A 444 11.08 36.13 39.48
N GLU A 445 11.03 37.22 38.70
CA GLU A 445 9.76 37.85 38.35
C GLU A 445 8.87 36.89 37.56
N ARG A 446 9.47 36.12 36.66
CA ARG A 446 8.72 35.12 35.91
C ARG A 446 8.26 34.00 36.82
N LEU A 447 9.13 33.55 37.73
CA LEU A 447 8.79 32.46 38.63
C LEU A 447 7.66 32.81 39.60
N LEU A 448 7.63 34.06 40.05
CA LEU A 448 6.65 34.51 41.04
C LEU A 448 5.40 35.13 40.41
N GLU A 449 5.32 35.04 39.09
CA GLU A 449 4.17 35.54 38.33
C GLU A 449 2.86 34.84 38.74
N ASP A 450 1.76 35.57 38.74
CA ASP A 450 0.45 34.97 38.97
C ASP A 450 0.22 33.94 37.87
N PRO A 451 0.01 32.66 38.26
CA PRO A 451 -0.18 31.61 37.25
C PRO A 451 -1.40 31.86 36.35
N ALA A 452 -2.35 32.66 36.82
CA ALA A 452 -3.49 33.06 35.97
C ALA A 452 -3.04 33.86 34.75
N VAL A 453 -2.05 34.73 34.95
CA VAL A 453 -1.46 35.48 33.83
C VAL A 453 -0.71 34.54 32.90
N THR A 454 0.05 33.62 33.49
CA THR A 454 0.77 32.62 32.71
C THR A 454 -0.22 31.79 31.89
N VAL A 455 -1.36 31.46 32.48
CA VAL A 455 -2.37 30.66 31.79
C VAL A 455 -2.89 31.35 30.52
N GLU A 456 -3.29 32.61 30.65
CA GLU A 456 -3.83 33.35 29.51
C GLU A 456 -2.82 33.47 28.37
N ARG A 457 -1.57 33.77 28.73
CA ARG A 457 -0.50 33.86 27.76
C ARG A 457 -0.29 32.52 27.03
N GLU A 458 -0.13 31.44 27.78
CA GLU A 458 0.11 30.13 27.19
C GLU A 458 -1.07 29.63 26.35
N ARG A 459 -2.28 29.89 26.81
CA ARG A 459 -3.49 29.54 26.06
C ARG A 459 -3.52 30.28 24.72
N ALA A 460 -3.23 31.57 24.77
CA ALA A 460 -3.13 32.40 23.57
C ALA A 460 -2.07 31.86 22.59
N ALA A 461 -0.92 31.47 23.14
CA ALA A 461 0.17 30.96 22.31
C ALA A 461 -0.18 29.63 21.64
N ARG A 462 -1.01 28.82 22.31
CA ARG A 462 -1.46 27.56 21.73
C ARG A 462 -2.59 27.79 20.74
N ALA A 463 -3.30 28.90 20.91
CA ALA A 463 -4.38 29.29 20.00
C ALA A 463 -3.89 29.76 18.62
N ALA A 464 -2.57 29.95 18.50
CA ALA A 464 -1.97 30.39 17.24
C ALA A 464 -0.72 29.59 16.88
N ARG A 470 -4.17 15.47 13.48
CA ARG A 470 -4.50 14.40 12.54
C ARG A 470 -5.73 14.77 11.70
N LYS A 471 -5.54 14.91 10.39
CA LYS A 471 -6.62 15.30 9.50
C LYS A 471 -7.31 14.10 8.86
N GLY A 472 -8.60 14.25 8.58
CA GLY A 472 -9.36 13.22 7.90
C GLY A 472 -9.26 13.35 6.39
N LEU A 473 -10.10 12.61 5.67
CA LEU A 473 -10.04 12.58 4.22
C LEU A 473 -11.43 12.51 3.60
N GLY A 474 -11.61 13.23 2.49
CA GLY A 474 -12.88 13.22 1.78
C GLY A 474 -14.05 13.62 2.66
N GLY A 475 -13.82 14.57 3.57
CA GLY A 475 -14.86 15.08 4.43
C GLY A 475 -15.12 14.29 5.72
N LEU A 476 -14.50 13.12 5.84
CA LEU A 476 -14.67 12.29 7.04
C LEU A 476 -13.57 12.57 8.04
N PRO A 477 -13.88 12.49 9.35
CA PRO A 477 -12.82 12.61 10.37
C PRO A 477 -11.84 11.46 10.24
N PRO A 478 -10.62 11.61 10.78
CA PRO A 478 -9.67 10.49 10.72
C PRO A 478 -10.17 9.34 11.60
N PHE A 479 -9.67 8.12 11.42
CA PHE A 479 -10.15 7.01 12.24
C PHE A 479 -9.68 7.17 13.69
N ASN A 480 -10.56 6.88 14.62
CA ASN A 480 -10.18 6.80 16.04
C ASN A 480 -10.97 5.70 16.67
N ASN A 481 -10.32 4.86 17.49
CA ASN A 481 -11.02 3.79 18.17
C ASN A 481 -12.12 4.33 19.09
N GLU A 482 -13.23 3.61 19.16
CA GLU A 482 -14.39 4.04 19.96
C GLU A 482 -13.96 4.09 21.43
N ALA A 483 -14.47 5.09 22.15
CA ALA A 483 -14.21 5.23 23.58
C ALA A 483 -14.59 3.98 24.36
N MET A 484 -13.70 3.52 25.22
CA MET A 484 -13.98 2.34 26.03
CA MET A 484 -13.97 2.34 26.02
C MET A 484 -14.89 2.70 27.19
N VAL A 485 -15.61 1.71 27.71
CA VAL A 485 -16.50 1.94 28.84
C VAL A 485 -15.65 2.47 30.01
N ASP A 486 -16.22 3.39 30.79
CA ASP A 486 -15.44 4.14 31.77
C ASP A 486 -16.15 4.10 33.12
N PHE A 487 -15.81 3.10 33.93
CA PHE A 487 -16.52 2.88 35.19
C PHE A 487 -16.13 3.85 36.31
N THR A 488 -15.28 4.84 36.04
CA THR A 488 -15.14 5.96 36.97
C THR A 488 -16.44 6.78 36.99
N ARG A 489 -17.24 6.63 35.94
CA ARG A 489 -18.51 7.36 35.80
C ARG A 489 -19.68 6.63 36.45
N ALA A 490 -20.46 7.36 37.24
CA ALA A 490 -21.65 6.79 37.87
C ALA A 490 -22.64 6.27 36.83
N ASP A 491 -22.79 6.99 35.72
CA ASP A 491 -23.78 6.59 34.72
C ASP A 491 -23.39 5.29 34.01
N HIS A 492 -22.09 5.08 33.78
CA HIS A 492 -21.64 3.82 33.20
C HIS A 492 -21.78 2.66 34.19
N ARG A 493 -21.55 2.90 35.47
CA ARG A 493 -21.74 1.83 36.45
C ARG A 493 -23.22 1.44 36.55
N ALA A 494 -24.10 2.42 36.39
CA ALA A 494 -25.54 2.17 36.50
C ALA A 494 -26.11 1.55 35.23
N ALA A 495 -25.46 1.78 34.10
CA ALA A 495 -26.02 1.35 32.81
C ALA A 495 -26.15 -0.18 32.68
N PHE A 496 -25.20 -0.93 33.21
CA PHE A 496 -25.22 -2.38 33.02
C PHE A 496 -26.38 -3.12 33.72
N PRO A 497 -26.57 -2.92 35.05
CA PRO A 497 -27.71 -3.60 35.70
C PRO A 497 -29.03 -3.22 35.02
N LYS A 498 -29.14 -1.96 34.62
CA LYS A 498 -30.35 -1.45 33.97
C LYS A 498 -30.59 -2.10 32.61
N HIS A 499 -29.56 -2.14 31.77
CA HIS A 499 -29.70 -2.75 30.45
C HIS A 499 -29.81 -4.27 30.51
N ILE A 500 -29.15 -4.90 31.47
CA ILE A 500 -29.35 -6.33 31.69
C ILE A 500 -30.80 -6.59 32.05
N ALA A 501 -31.40 -5.76 32.92
CA ALA A 501 -32.82 -5.91 33.24
C ALA A 501 -33.74 -5.70 32.02
N GLN A 502 -33.43 -4.72 31.20
CA GLN A 502 -34.24 -4.45 30.02
C GLN A 502 -34.16 -5.60 29.02
N VAL A 503 -32.97 -6.19 28.88
CA VAL A 503 -32.85 -7.34 28.00
C VAL A 503 -33.73 -8.48 28.50
N ARG A 504 -33.76 -8.68 29.82
CA ARG A 504 -34.61 -9.73 30.39
C ARG A 504 -36.13 -9.57 30.14
N THR A 505 -36.56 -8.38 29.74
CA THR A 505 -37.98 -8.20 29.40
C THR A 505 -38.24 -8.61 27.95
N GLN A 506 -37.18 -8.90 27.20
CA GLN A 506 -37.27 -9.20 25.77
C GLN A 506 -36.91 -10.65 25.43
N LEU A 507 -36.97 -11.54 26.41
CA LEU A 507 -36.58 -12.92 26.17
C LEU A 507 -37.73 -13.74 25.60
N GLY A 508 -37.44 -14.96 25.13
CA GLY A 508 -38.48 -15.86 24.68
C GLY A 508 -38.84 -15.76 23.20
N LYS A 509 -38.14 -14.88 22.48
CA LYS A 509 -38.45 -14.70 21.07
C LYS A 509 -37.93 -15.85 20.22
N THR A 510 -38.52 -15.99 19.04
CA THR A 510 -38.03 -16.94 18.05
C THR A 510 -37.34 -16.16 16.92
N TYR A 511 -36.09 -16.52 16.64
CA TYR A 511 -35.31 -15.79 15.65
C TYR A 511 -35.29 -16.54 14.32
N PRO A 512 -35.76 -15.89 13.25
CA PRO A 512 -35.89 -16.51 11.93
C PRO A 512 -34.60 -16.36 11.14
N LEU A 513 -34.54 -17.03 9.99
CA LEU A 513 -33.51 -16.73 9.01
C LEU A 513 -33.82 -15.35 8.43
N PHE A 514 -32.81 -14.69 7.86
CA PHE A 514 -33.06 -13.45 7.14
C PHE A 514 -32.46 -13.61 5.75
N ILE A 515 -33.31 -13.73 4.74
CA ILE A 515 -32.86 -14.02 3.38
C ILE A 515 -33.53 -13.07 2.40
N ASN A 516 -32.72 -12.43 1.56
CA ASN A 516 -33.23 -11.50 0.56
C ASN A 516 -34.15 -10.43 1.15
N GLY A 517 -33.80 -9.96 2.35
CA GLY A 517 -34.55 -8.89 3.00
C GLY A 517 -35.83 -9.32 3.69
N LYS A 518 -36.07 -10.63 3.78
CA LYS A 518 -37.27 -11.16 4.43
C LYS A 518 -36.91 -12.15 5.54
N GLU A 519 -37.70 -12.13 6.62
CA GLU A 519 -37.58 -13.13 7.68
C GLU A 519 -38.21 -14.43 7.18
N VAL A 520 -37.50 -15.54 7.34
CA VAL A 520 -37.97 -16.83 6.90
C VAL A 520 -37.95 -17.79 8.09
N ARG A 521 -39.12 -18.31 8.47
CA ARG A 521 -39.19 -19.25 9.59
C ARG A 521 -38.98 -20.69 9.14
N THR A 522 -38.34 -21.47 10.00
CA THR A 522 -38.28 -22.92 9.78
C THR A 522 -38.83 -23.62 11.02
N ASN A 523 -39.05 -24.93 10.90
CA ASN A 523 -39.61 -25.70 12.00
C ASN A 523 -38.54 -26.25 12.95
N ASP A 524 -37.29 -26.21 12.52
CA ASP A 524 -36.20 -26.72 13.36
C ASP A 524 -35.64 -25.60 14.24
N LEU A 525 -35.90 -25.70 15.54
CA LEU A 525 -35.49 -24.67 16.50
C LEU A 525 -34.45 -25.17 17.51
N ILE A 526 -33.45 -24.35 17.80
CA ILE A 526 -32.48 -24.64 18.84
C ILE A 526 -32.50 -23.52 19.88
N PRO A 527 -32.75 -23.86 21.15
CA PRO A 527 -32.74 -22.87 22.23
C PRO A 527 -31.34 -22.31 22.43
N THR A 528 -31.25 -21.04 22.82
CA THR A 528 -29.98 -20.47 23.24
C THR A 528 -30.16 -20.09 24.72
N VAL A 529 -29.23 -20.51 25.57
CA VAL A 529 -29.37 -20.29 27.01
C VAL A 529 -28.22 -19.50 27.61
N ASN A 530 -28.43 -19.05 28.85
CA ASN A 530 -27.42 -18.35 29.63
C ASN A 530 -26.41 -19.34 30.21
N PRO A 531 -25.13 -19.27 29.81
CA PRO A 531 -24.18 -20.28 30.29
C PRO A 531 -23.92 -20.25 31.80
N ASN A 532 -24.07 -19.09 32.43
CA ASN A 532 -23.99 -19.01 33.89
C ASN A 532 -25.27 -19.47 34.59
N LYS A 533 -26.33 -19.66 33.81
CA LYS A 533 -27.62 -20.09 34.37
C LYS A 533 -28.47 -20.72 33.28
N PRO A 534 -28.15 -21.97 32.92
CA PRO A 534 -28.70 -22.63 31.72
C PRO A 534 -30.21 -22.81 31.73
N SER A 535 -30.84 -22.71 32.91
CA SER A 535 -32.28 -22.77 32.99
C SER A 535 -32.92 -21.52 32.39
N GLU A 536 -32.13 -20.45 32.27
CA GLU A 536 -32.63 -19.23 31.65
C GLU A 536 -32.45 -19.28 30.14
N VAL A 537 -33.57 -19.47 29.44
CA VAL A 537 -33.57 -19.59 27.99
C VAL A 537 -33.80 -18.21 27.37
N LEU A 538 -32.85 -17.72 26.58
CA LEU A 538 -32.96 -16.36 26.03
C LEU A 538 -33.83 -16.28 24.79
N GLY A 539 -33.92 -17.39 24.04
CA GLY A 539 -34.78 -17.45 22.87
C GLY A 539 -34.60 -18.74 22.07
N GLN A 540 -35.29 -18.81 20.93
CA GLN A 540 -35.23 -20.00 20.06
C GLN A 540 -34.73 -19.59 18.68
N ILE A 541 -33.82 -20.37 18.10
CA ILE A 541 -33.23 -20.00 16.81
C ILE A 541 -33.64 -20.96 15.69
N CYS A 542 -34.24 -20.43 14.63
CA CYS A 542 -34.56 -21.24 13.45
C CYS A 542 -33.29 -21.70 12.74
N GLN A 543 -33.28 -22.94 12.27
CA GLN A 543 -32.13 -23.49 11.60
C GLN A 543 -32.40 -23.62 10.12
N ALA A 544 -31.40 -23.27 9.31
CA ALA A 544 -31.53 -23.35 7.86
C ALA A 544 -31.14 -24.74 7.37
N GLY A 545 -31.99 -25.35 6.55
CA GLY A 545 -31.60 -26.57 5.85
C GLY A 545 -30.81 -26.20 4.60
N THR A 546 -30.39 -27.19 3.81
CA THR A 546 -29.63 -26.89 2.59
C THR A 546 -30.47 -26.08 1.60
N THR A 547 -31.78 -26.33 1.58
CA THR A 547 -32.68 -25.56 0.72
C THR A 547 -32.65 -24.07 1.06
N GLU A 548 -32.76 -23.74 2.35
CA GLU A 548 -32.73 -22.34 2.74
C GLU A 548 -31.33 -21.74 2.54
N VAL A 549 -30.29 -22.52 2.83
CA VAL A 549 -28.93 -22.03 2.58
C VAL A 549 -28.76 -21.74 1.08
N GLY A 550 -29.28 -22.62 0.23
CA GLY A 550 -29.22 -22.43 -1.20
C GLY A 550 -29.96 -21.17 -1.65
N ASP A 551 -31.11 -20.93 -1.02
CA ASP A 551 -31.87 -19.72 -1.31
C ASP A 551 -31.09 -18.46 -0.96
N ALA A 552 -30.38 -18.50 0.16
CA ALA A 552 -29.59 -17.35 0.59
C ALA A 552 -28.43 -17.11 -0.37
N ILE A 553 -27.74 -18.18 -0.76
CA ILE A 553 -26.68 -18.05 -1.75
C ILE A 553 -27.24 -17.48 -3.06
N ALA A 554 -28.40 -17.98 -3.48
CA ALA A 554 -29.03 -17.47 -4.71
C ALA A 554 -29.38 -16.00 -4.59
N ALA A 555 -29.89 -15.59 -3.44
CA ALA A 555 -30.24 -14.19 -3.22
C ALA A 555 -28.99 -13.31 -3.26
N ALA A 556 -27.92 -13.77 -2.62
CA ALA A 556 -26.68 -13.02 -2.59
C ALA A 556 -26.14 -12.89 -4.00
N LYS A 557 -26.19 -13.99 -4.77
CA LYS A 557 -25.72 -13.97 -6.15
C LYS A 557 -26.52 -13.01 -7.02
N ALA A 558 -27.83 -12.95 -6.83
CA ALA A 558 -28.66 -12.05 -7.61
C ALA A 558 -28.41 -10.58 -7.27
N ALA A 559 -28.10 -10.31 -6.00
CA ALA A 559 -27.83 -8.94 -5.55
C ALA A 559 -26.45 -8.46 -5.99
N PHE A 560 -25.53 -9.40 -6.22
CA PHE A 560 -24.12 -9.06 -6.46
C PHE A 560 -23.83 -8.04 -7.59
N PRO A 561 -24.36 -8.26 -8.81
CA PRO A 561 -24.00 -7.32 -9.89
C PRO A 561 -24.25 -5.84 -9.56
N ALA A 562 -25.43 -5.53 -9.03
CA ALA A 562 -25.77 -4.15 -8.70
C ALA A 562 -24.99 -3.62 -7.50
N TRP A 563 -24.66 -4.51 -6.56
CA TRP A 563 -23.86 -4.11 -5.40
C TRP A 563 -22.40 -3.86 -5.82
N ARG A 564 -21.84 -4.76 -6.62
CA ARG A 564 -20.50 -4.56 -7.17
C ARG A 564 -20.40 -3.24 -7.92
N ASP A 565 -21.46 -2.90 -8.65
CA ASP A 565 -21.47 -1.66 -9.42
C ASP A 565 -21.81 -0.42 -8.59
N THR A 566 -22.03 -0.59 -7.29
CA THR A 566 -22.28 0.54 -6.41
C THR A 566 -20.97 1.27 -6.06
N ASP A 567 -20.96 2.61 -6.12
CA ASP A 567 -19.76 3.38 -5.81
C ASP A 567 -19.22 3.04 -4.43
N PRO A 568 -17.90 2.82 -4.33
CA PRO A 568 -17.25 2.43 -3.07
C PRO A 568 -17.57 3.41 -1.94
N ARG A 569 -17.68 4.69 -2.24
CA ARG A 569 -18.05 5.68 -1.22
C ARG A 569 -19.46 5.44 -0.71
N THR A 570 -20.35 5.02 -1.61
CA THR A 570 -21.72 4.68 -1.22
C THR A 570 -21.78 3.40 -0.38
N ARG A 571 -21.07 2.35 -0.80
CA ARG A 571 -20.98 1.13 0.01
C ARG A 571 -20.43 1.46 1.40
N ALA A 572 -19.42 2.33 1.46
CA ALA A 572 -18.82 2.70 2.74
C ALA A 572 -19.80 3.46 3.65
N GLU A 573 -20.70 4.22 3.05
CA GLU A 573 -21.68 4.97 3.82
C GLU A 573 -22.61 4.03 4.62
N TYR A 574 -22.92 2.86 4.07
CA TYR A 574 -23.74 1.90 4.81
C TYR A 574 -23.05 1.41 6.07
N LEU A 575 -21.74 1.19 5.99
CA LEU A 575 -20.98 0.76 7.16
C LEU A 575 -21.00 1.86 8.21
N LEU A 576 -20.89 3.12 7.77
CA LEU A 576 -20.90 4.24 8.71
C LEU A 576 -22.26 4.36 9.38
N LYS A 577 -23.32 4.09 8.63
CA LYS A 577 -24.66 4.10 9.19
C LYS A 577 -24.85 2.97 10.18
N ALA A 578 -24.33 1.79 9.83
CA ALA A 578 -24.38 0.66 10.76
C ALA A 578 -23.61 0.96 12.05
N ALA A 579 -22.46 1.63 11.93
CA ALA A 579 -21.64 1.96 13.09
C ALA A 579 -22.35 2.95 14.01
N GLN A 580 -23.05 3.90 13.41
CA GLN A 580 -23.80 4.86 14.23
C GLN A 580 -25.01 4.18 14.89
N ALA A 581 -25.65 3.27 14.18
CA ALA A 581 -26.73 2.47 14.76
C ALA A 581 -26.26 1.65 15.96
N ALA A 582 -25.07 1.04 15.86
CA ALA A 582 -24.52 0.29 16.98
C ALA A 582 -24.11 1.21 18.13
N ARG A 583 -23.48 2.33 17.79
CA ARG A 583 -23.04 3.30 18.80
C ARG A 583 -24.20 3.71 19.69
N LYS A 584 -25.37 3.92 19.09
CA LYS A 584 -26.55 4.31 19.86
C LYS A 584 -27.11 3.19 20.74
N ARG A 585 -26.69 1.95 20.48
CA ARG A 585 -27.20 0.81 21.24
C ARG A 585 -26.11 0.12 22.06
N LEU A 586 -25.02 0.84 22.33
CA LEU A 586 -23.82 0.23 22.90
C LEU A 586 -24.09 -0.57 24.19
N PHE A 587 -24.78 0.04 25.16
CA PHE A 587 -25.03 -0.68 26.41
C PHE A 587 -26.03 -1.81 26.23
N GLU A 588 -27.03 -1.60 25.38
CA GLU A 588 -28.02 -2.65 25.14
C GLU A 588 -27.37 -3.86 24.47
N LEU A 589 -26.56 -3.59 23.44
CA LEU A 589 -25.86 -4.64 22.71
C LEU A 589 -24.89 -5.37 23.62
N SER A 590 -24.26 -4.64 24.53
CA SER A 590 -23.34 -5.24 25.48
C SER A 590 -24.07 -6.17 26.45
N ALA A 591 -25.23 -5.72 26.94
CA ALA A 591 -25.98 -6.52 27.90
C ALA A 591 -26.38 -7.89 27.36
N TRP A 592 -26.72 -7.95 26.07
CA TRP A 592 -27.08 -9.21 25.44
C TRP A 592 -25.94 -10.21 25.54
N GLN A 593 -24.71 -9.71 25.39
CA GLN A 593 -23.53 -10.58 25.39
C GLN A 593 -23.22 -11.08 26.79
N VAL A 594 -23.43 -10.23 27.79
CA VAL A 594 -23.32 -10.64 29.18
C VAL A 594 -24.17 -11.89 29.43
N LEU A 595 -25.41 -11.87 28.95
CA LEU A 595 -26.34 -12.97 29.19
C LEU A 595 -26.19 -14.16 28.21
N GLU A 596 -25.99 -13.90 26.92
CA GLU A 596 -25.96 -15.03 25.97
C GLU A 596 -24.64 -15.83 25.96
N ILE A 597 -23.52 -15.20 26.25
CA ILE A 597 -22.25 -15.94 26.18
C ILE A 597 -21.36 -15.74 27.40
N GLY A 598 -21.88 -15.06 28.42
CA GLY A 598 -21.13 -14.97 29.66
C GLY A 598 -19.96 -14.00 29.64
N LYS A 599 -20.08 -12.92 28.87
CA LYS A 599 -19.09 -11.86 28.88
C LYS A 599 -19.22 -11.04 30.16
N GLN A 600 -18.10 -10.70 30.78
CA GLN A 600 -18.06 -9.72 31.86
C GLN A 600 -18.38 -8.35 31.28
N TRP A 601 -18.74 -7.38 32.13
CA TRP A 601 -19.22 -6.09 31.63
C TRP A 601 -18.25 -5.43 30.68
N ASP A 602 -16.97 -5.33 31.08
CA ASP A 602 -15.94 -4.71 30.26
C ASP A 602 -15.71 -5.48 28.96
N GLN A 603 -15.73 -6.81 29.07
CA GLN A 603 -15.50 -7.65 27.91
C GLN A 603 -16.63 -7.47 26.90
N ALA A 604 -17.85 -7.33 27.39
CA ALA A 604 -19.01 -7.17 26.52
C ALA A 604 -18.95 -5.84 25.76
N TYR A 605 -18.73 -4.76 26.49
CA TYR A 605 -18.65 -3.44 25.88
C TYR A 605 -17.51 -3.35 24.88
N ALA A 606 -16.37 -3.97 25.19
CA ALA A 606 -15.22 -3.96 24.28
C ALA A 606 -15.52 -4.69 22.99
N ASP A 607 -16.35 -5.72 23.09
CA ASP A 607 -16.72 -6.50 21.92
C ASP A 607 -17.55 -5.64 20.98
N VAL A 608 -18.46 -4.84 21.55
CA VAL A 608 -19.27 -3.96 20.72
C VAL A 608 -18.46 -2.78 20.14
N THR A 609 -17.57 -2.19 20.93
CA THR A 609 -16.75 -1.09 20.42
C THR A 609 -15.82 -1.54 19.31
N GLU A 610 -15.31 -2.76 19.42
CA GLU A 610 -14.48 -3.31 18.37
C GLU A 610 -15.30 -3.49 17.08
N ALA A 611 -16.55 -3.92 17.21
CA ALA A 611 -17.44 -4.04 16.07
C ALA A 611 -17.61 -2.67 15.39
N ILE A 612 -17.78 -1.65 16.22
CA ILE A 612 -17.92 -0.30 15.71
C ILE A 612 -16.61 0.12 15.03
N ASP A 613 -15.47 -0.23 15.63
CA ASP A 613 -14.18 0.14 15.05
C ASP A 613 -13.98 -0.45 13.66
N PHE A 614 -14.31 -1.73 13.48
CA PHE A 614 -14.18 -2.39 12.18
C PHE A 614 -14.99 -1.64 11.12
N LEU A 615 -16.24 -1.32 11.47
CA LEU A 615 -17.11 -0.59 10.56
C LEU A 615 -16.51 0.77 10.16
N GLU A 616 -16.10 1.56 11.15
CA GLU A 616 -15.47 2.85 10.87
C GLU A 616 -14.17 2.69 10.07
N TYR A 617 -13.38 1.68 10.40
CA TYR A 617 -12.07 1.53 9.78
C TYR A 617 -12.18 0.97 8.36
N TYR A 618 -13.00 -0.05 8.18
CA TYR A 618 -13.15 -0.63 6.84
C TYR A 618 -13.86 0.33 5.89
N ALA A 619 -14.77 1.15 6.43
CA ALA A 619 -15.40 2.18 5.59
C ALA A 619 -14.31 3.09 5.01
N ARG A 620 -13.40 3.56 5.86
CA ARG A 620 -12.31 4.44 5.41
C ARG A 620 -11.32 3.71 4.48
N GLU A 621 -11.02 2.46 4.79
CA GLU A 621 -10.14 1.68 3.93
C GLU A 621 -10.70 1.49 2.51
N MET A 622 -12.01 1.31 2.38
CA MET A 622 -12.56 1.13 1.03
C MET A 622 -12.52 2.45 0.26
N ILE A 623 -12.72 3.55 0.98
CA ILE A 623 -12.66 4.87 0.33
C ILE A 623 -11.24 5.11 -0.19
N ARG A 624 -10.25 4.76 0.62
CA ARG A 624 -8.85 4.88 0.22
C ARG A 624 -8.52 3.99 -0.99
N LEU A 625 -8.99 2.75 -0.96
CA LEU A 625 -8.67 1.77 -1.99
C LEU A 625 -9.59 1.86 -3.21
N GLY A 626 -10.68 2.61 -3.07
CA GLY A 626 -11.71 2.69 -4.09
C GLY A 626 -11.39 3.52 -5.32
N GLN A 627 -10.39 4.40 -5.23
CA GLN A 627 -10.02 5.22 -6.38
C GLN A 627 -8.99 4.48 -7.24
N PRO A 628 -9.25 4.36 -8.55
CA PRO A 628 -8.21 3.79 -9.44
C PRO A 628 -6.98 4.69 -9.47
N GLN A 629 -5.81 4.06 -9.44
CA GLN A 629 -4.56 4.80 -9.44
C GLN A 629 -3.85 4.61 -10.77
N ARG A 630 -3.28 5.68 -11.31
CA ARG A 630 -2.44 5.54 -12.49
C ARG A 630 -1.19 4.81 -12.07
N VAL A 631 -0.77 3.82 -12.85
CA VAL A 631 0.53 3.18 -12.62
C VAL A 631 1.38 3.33 -13.88
N GLY A 632 2.69 3.42 -13.70
CA GLY A 632 3.58 3.80 -14.79
C GLY A 632 3.55 5.28 -15.09
N HIS A 633 4.53 5.74 -15.86
CA HIS A 633 4.60 7.17 -16.18
CA HIS A 633 4.66 7.17 -16.15
C HIS A 633 4.99 7.43 -17.62
N ALA A 634 4.88 6.39 -18.46
CA ALA A 634 5.17 6.54 -19.88
C ALA A 634 4.07 7.38 -20.54
N PRO A 635 4.46 8.33 -21.38
CA PRO A 635 3.50 9.19 -22.08
C PRO A 635 2.77 8.39 -23.17
N GLY A 636 1.71 8.94 -23.75
CA GLY A 636 0.95 8.26 -24.80
C GLY A 636 0.22 7.03 -24.29
N GLU A 637 0.16 6.87 -22.97
CA GLU A 637 -0.39 5.67 -22.35
C GLU A 637 -0.94 5.97 -20.97
N LEU A 638 -2.09 5.38 -20.64
CA LEU A 638 -2.62 5.44 -19.28
C LEU A 638 -2.93 4.04 -18.77
N ASN A 639 -2.28 3.64 -17.67
CA ASN A 639 -2.63 2.42 -16.99
C ASN A 639 -3.29 2.75 -15.67
N HIS A 640 -4.50 2.24 -15.45
CA HIS A 640 -5.17 2.41 -14.17
C HIS A 640 -5.34 1.05 -13.50
N TYR A 641 -4.93 1.01 -12.23
CA TYR A 641 -4.91 -0.21 -11.44
C TYR A 641 -5.97 -0.01 -10.37
N PHE A 642 -6.84 -1.01 -10.22
CA PHE A 642 -7.96 -0.88 -9.28
C PHE A 642 -8.45 -2.27 -8.89
N TYR A 643 -9.43 -2.33 -7.99
CA TYR A 643 -9.84 -3.60 -7.39
C TYR A 643 -11.30 -3.92 -7.69
N GLU A 644 -11.59 -5.22 -7.82
CA GLU A 644 -12.93 -5.75 -8.11
C GLU A 644 -13.31 -6.75 -7.03
N PRO A 645 -14.58 -6.80 -6.63
CA PRO A 645 -14.96 -7.84 -5.67
C PRO A 645 -15.03 -9.23 -6.34
N LYS A 646 -15.30 -10.26 -5.54
CA LYS A 646 -15.29 -11.63 -6.05
C LYS A 646 -16.68 -12.22 -6.31
N GLY A 647 -17.62 -12.00 -5.40
CA GLY A 647 -18.96 -12.54 -5.56
C GLY A 647 -19.61 -12.82 -4.23
N VAL A 648 -19.99 -14.08 -4.02
CA VAL A 648 -20.64 -14.44 -2.76
C VAL A 648 -19.61 -14.94 -1.75
N ALA A 649 -19.63 -14.34 -0.56
CA ALA A 649 -18.75 -14.76 0.54
C ALA A 649 -19.56 -15.51 1.61
N ALA A 650 -19.05 -16.69 2.02
CA ALA A 650 -19.59 -17.39 3.17
C ALA A 650 -18.82 -16.94 4.42
N VAL A 651 -19.55 -16.49 5.44
CA VAL A 651 -18.92 -16.02 6.66
C VAL A 651 -19.32 -16.93 7.79
N ILE A 652 -18.34 -17.63 8.37
CA ILE A 652 -18.60 -18.59 9.43
C ILE A 652 -17.97 -18.06 10.71
N ALA A 653 -18.80 -17.53 11.60
CA ALA A 653 -18.35 -16.71 12.73
C ALA A 653 -18.24 -17.50 14.03
N PRO A 654 -17.33 -17.07 14.92
CA PRO A 654 -17.13 -17.73 16.22
C PRO A 654 -18.10 -17.18 17.27
N TRP A 655 -18.21 -17.87 18.39
CA TRP A 655 -19.04 -17.40 19.53
C TRP A 655 -18.30 -16.50 20.52
N ASN A 656 -16.97 -16.52 20.52
CA ASN A 656 -16.24 -15.85 21.59
C ASN A 656 -16.12 -14.34 21.45
N PHE A 657 -16.15 -13.85 20.21
CA PHE A 657 -16.29 -12.42 19.95
C PHE A 657 -17.43 -12.26 18.97
N PRO A 658 -18.66 -12.47 19.47
CA PRO A 658 -19.80 -12.74 18.60
C PRO A 658 -20.29 -11.53 17.82
N LEU A 659 -19.99 -10.31 18.28
CA LEU A 659 -20.37 -9.16 17.47
C LEU A 659 -19.14 -8.64 16.72
N ALA A 660 -18.03 -8.45 17.43
CA ALA A 660 -16.83 -7.86 16.82
C ALA A 660 -16.30 -8.62 15.58
N ILE A 661 -16.00 -9.91 15.75
CA ILE A 661 -15.39 -10.68 14.65
C ILE A 661 -16.39 -10.96 13.51
N SER A 662 -17.63 -11.28 13.88
CA SER A 662 -18.71 -11.41 12.91
C SER A 662 -18.82 -10.16 12.05
N MET A 663 -18.95 -9.01 12.71
CA MET A 663 -19.13 -7.75 12.00
C MET A 663 -17.90 -7.39 11.20
N GLY A 664 -16.72 -7.69 11.74
CA GLY A 664 -15.49 -7.44 11.02
C GLY A 664 -15.45 -8.19 9.70
N MET A 665 -15.66 -9.51 9.76
CA MET A 665 -15.58 -10.33 8.55
C MET A 665 -16.69 -9.98 7.56
N ALA A 666 -17.92 -9.87 8.07
CA ALA A 666 -19.04 -9.54 7.19
C ALA A 666 -18.95 -8.13 6.59
N SER A 667 -18.61 -7.12 7.39
CA SER A 667 -18.57 -5.75 6.86
C SER A 667 -17.41 -5.59 5.88
N ALA A 668 -16.32 -6.32 6.11
CA ALA A 668 -15.18 -6.29 5.18
C ALA A 668 -15.59 -6.85 3.80
N ALA A 669 -16.26 -7.99 3.80
CA ALA A 669 -16.74 -8.58 2.55
C ALA A 669 -17.75 -7.66 1.86
N ILE A 670 -18.66 -7.10 2.64
CA ILE A 670 -19.69 -6.23 2.09
C ILE A 670 -19.15 -4.93 1.52
N VAL A 671 -18.29 -4.25 2.27
CA VAL A 671 -17.82 -2.96 1.81
C VAL A 671 -16.98 -3.08 0.53
N THR A 672 -16.33 -4.22 0.34
CA THR A 672 -15.51 -4.44 -0.84
C THR A 672 -16.33 -4.85 -2.06
N GLY A 673 -17.65 -4.95 -1.91
CA GLY A 673 -18.52 -5.21 -3.03
C GLY A 673 -18.98 -6.64 -3.19
N ASN A 674 -18.71 -7.47 -2.18
CA ASN A 674 -19.25 -8.83 -2.17
C ASN A 674 -20.57 -8.90 -1.44
N CYS A 675 -21.30 -10.00 -1.63
CA CYS A 675 -22.52 -10.25 -0.87
C CYS A 675 -22.28 -11.45 0.05
N VAL A 676 -22.91 -11.44 1.21
CA VAL A 676 -22.55 -12.33 2.31
C VAL A 676 -23.66 -13.31 2.68
N VAL A 677 -23.30 -14.57 2.87
CA VAL A 677 -24.17 -15.53 3.55
C VAL A 677 -23.52 -15.84 4.89
N PHE A 678 -24.22 -15.50 5.96
CA PHE A 678 -23.62 -15.44 7.30
C PHE A 678 -24.15 -16.54 8.23
N LYS A 679 -23.25 -17.38 8.73
CA LYS A 679 -23.62 -18.41 9.70
C LYS A 679 -23.05 -18.05 11.07
N PRO A 680 -23.91 -17.62 12.01
CA PRO A 680 -23.46 -17.36 13.36
C PRO A 680 -23.20 -18.67 14.08
N SER A 681 -22.35 -18.65 15.10
CA SER A 681 -22.25 -19.81 15.98
C SER A 681 -23.60 -20.04 16.60
N GLY A 682 -23.95 -21.31 16.81
CA GLY A 682 -25.25 -21.67 17.38
C GLY A 682 -25.55 -21.02 18.72
N ILE A 683 -24.56 -20.95 19.60
CA ILE A 683 -24.78 -20.43 20.94
C ILE A 683 -24.71 -18.90 21.06
N THR A 684 -24.43 -18.22 19.96
CA THR A 684 -24.49 -16.76 19.96
C THR A 684 -25.30 -16.24 18.78
N SER A 685 -26.37 -16.97 18.46
CA SER A 685 -27.20 -16.63 17.31
C SER A 685 -27.99 -15.33 17.50
N ILE A 686 -28.34 -14.99 18.74
CA ILE A 686 -28.99 -13.71 18.98
C ILE A 686 -28.04 -12.53 18.68
N ILE A 687 -26.78 -12.64 19.11
CA ILE A 687 -25.78 -11.64 18.75
C ILE A 687 -25.63 -11.57 17.23
N GLY A 688 -25.70 -12.73 16.57
CA GLY A 688 -25.70 -12.77 15.12
C GLY A 688 -26.87 -11.97 14.56
N TRP A 689 -28.05 -12.14 15.16
CA TRP A 689 -29.22 -11.38 14.77
C TRP A 689 -29.00 -9.86 14.85
N HIS A 690 -28.15 -9.44 15.79
CA HIS A 690 -27.79 -8.02 15.88
C HIS A 690 -27.20 -7.48 14.58
N LEU A 691 -26.42 -8.31 13.89
CA LEU A 691 -25.93 -7.89 12.56
C LEU A 691 -27.11 -7.63 11.62
N VAL A 692 -28.14 -8.46 11.69
CA VAL A 692 -29.32 -8.23 10.86
C VAL A 692 -29.98 -6.90 11.19
N GLU A 693 -30.19 -6.64 12.49
CA GLU A 693 -30.80 -5.38 12.92
C GLU A 693 -29.97 -4.19 12.45
N LEU A 694 -28.65 -4.28 12.56
CA LEU A 694 -27.78 -3.14 12.25
C LEU A 694 -27.75 -2.84 10.76
N PHE A 695 -27.60 -3.86 9.92
CA PHE A 695 -27.62 -3.65 8.47
C PHE A 695 -29.01 -3.25 7.98
N ARG A 696 -30.04 -3.75 8.64
CA ARG A 696 -31.41 -3.32 8.32
C ARG A 696 -31.58 -1.85 8.63
N GLU A 697 -31.14 -1.43 9.81
CA GLU A 697 -31.27 -0.03 10.17
C GLU A 697 -30.47 0.84 9.20
N ALA A 698 -29.35 0.33 8.70
CA ALA A 698 -28.54 1.08 7.73
C ALA A 698 -29.17 1.14 6.34
N GLY A 699 -30.18 0.31 6.10
CA GLY A 699 -30.87 0.30 4.82
C GLY A 699 -30.10 -0.45 3.73
N LEU A 700 -29.34 -1.46 4.13
CA LEU A 700 -28.54 -2.22 3.18
C LEU A 700 -29.47 -2.93 2.18
N PRO A 701 -29.12 -2.88 0.88
CA PRO A 701 -29.99 -3.49 -0.15
C PRO A 701 -30.22 -4.98 0.11
N GLU A 702 -31.41 -5.47 -0.25
CA GLU A 702 -31.78 -6.86 0.01
C GLU A 702 -30.83 -7.84 -0.68
N GLY A 703 -30.55 -8.96 -0.02
CA GLY A 703 -29.64 -9.95 -0.56
C GLY A 703 -28.17 -9.71 -0.30
N VAL A 704 -27.79 -8.49 0.08
CA VAL A 704 -26.38 -8.20 0.32
C VAL A 704 -25.87 -8.87 1.62
N PHE A 705 -26.77 -9.01 2.59
CA PHE A 705 -26.45 -9.73 3.82
C PHE A 705 -27.58 -10.69 4.14
N ASN A 706 -27.25 -11.97 4.28
CA ASN A 706 -28.22 -13.00 4.58
C ASN A 706 -27.78 -13.77 5.81
N PHE A 707 -28.74 -14.05 6.70
CA PHE A 707 -28.48 -14.63 8.01
C PHE A 707 -29.04 -16.05 8.02
N THR A 708 -28.16 -17.05 8.03
CA THR A 708 -28.56 -18.45 7.96
C THR A 708 -27.89 -19.31 9.03
N PRO A 709 -28.36 -19.18 10.29
CA PRO A 709 -27.89 -20.16 11.27
C PRO A 709 -28.34 -21.56 10.85
N GLY A 710 -27.55 -22.57 11.17
CA GLY A 710 -27.91 -23.93 10.80
C GLY A 710 -27.02 -24.95 11.49
N ARG A 711 -27.45 -26.21 11.46
CA ARG A 711 -26.64 -27.29 12.00
C ARG A 711 -25.53 -27.64 11.03
N GLY A 712 -24.28 -27.57 11.48
CA GLY A 712 -23.13 -27.90 10.64
C GLY A 712 -23.20 -29.27 9.99
N SER A 713 -23.70 -30.26 10.73
CA SER A 713 -23.87 -31.61 10.19
C SER A 713 -24.89 -31.66 9.05
N VAL A 714 -25.76 -30.66 8.98
CA VAL A 714 -26.76 -30.59 7.90
C VAL A 714 -26.27 -29.76 6.70
N MET A 715 -25.81 -28.54 6.96
CA MET A 715 -25.49 -27.59 5.88
C MET A 715 -24.08 -27.03 5.87
N GLY A 716 -23.23 -27.48 6.77
CA GLY A 716 -21.85 -26.99 6.85
C GLY A 716 -21.08 -27.19 5.56
N ASP A 717 -20.97 -28.44 5.12
CA ASP A 717 -20.23 -28.76 3.90
C ASP A 717 -20.93 -28.20 2.66
N TYR A 718 -22.26 -28.28 2.63
CA TYR A 718 -23.05 -27.69 1.55
C TYR A 718 -22.65 -26.22 1.29
N LEU A 719 -22.51 -25.45 2.36
CA LEU A 719 -22.18 -24.04 2.25
C LEU A 719 -20.77 -23.86 1.70
N VAL A 720 -19.80 -24.53 2.32
CA VAL A 720 -18.40 -24.44 1.92
C VAL A 720 -18.17 -24.97 0.49
N ASP A 721 -18.87 -26.06 0.13
CA ASP A 721 -18.67 -26.69 -1.17
C ASP A 721 -19.37 -25.99 -2.34
N HIS A 722 -20.30 -25.10 -2.04
CA HIS A 722 -21.20 -24.59 -3.10
C HIS A 722 -20.41 -23.88 -4.19
N PRO A 723 -20.73 -24.16 -5.47
CA PRO A 723 -19.94 -23.60 -6.57
C PRO A 723 -20.14 -22.09 -6.76
N ASP A 724 -21.18 -21.53 -6.16
CA ASP A 724 -21.42 -20.09 -6.29
C ASP A 724 -20.72 -19.27 -5.19
N ILE A 725 -20.05 -19.96 -4.28
CA ILE A 725 -19.26 -19.29 -3.24
C ILE A 725 -17.87 -18.95 -3.80
N SER A 726 -17.40 -17.72 -3.63
CA SER A 726 -16.09 -17.34 -4.14
C SER A 726 -15.09 -17.04 -3.02
N LEU A 727 -15.60 -16.86 -1.81
CA LEU A 727 -14.75 -16.55 -0.66
C LEU A 727 -15.37 -17.13 0.60
N ILE A 728 -14.52 -17.61 1.49
CA ILE A 728 -14.97 -18.11 2.78
C ILE A 728 -14.14 -17.43 3.84
N ALA A 729 -14.83 -16.76 4.77
CA ALA A 729 -14.16 -16.15 5.91
C ALA A 729 -14.55 -16.95 7.13
N PHE A 730 -13.55 -17.53 7.79
CA PHE A 730 -13.77 -18.42 8.92
C PHE A 730 -12.86 -18.06 10.09
N THR A 731 -13.42 -18.11 11.30
CA THR A 731 -12.62 -17.97 12.51
C THR A 731 -13.10 -19.06 13.47
N GLY A 732 -12.16 -19.90 13.93
CA GLY A 732 -12.53 -21.03 14.75
C GLY A 732 -11.38 -22.00 14.96
N SER A 733 -11.71 -23.27 15.22
CA SER A 733 -10.70 -24.27 15.56
C SER A 733 -9.77 -24.60 14.39
N MET A 734 -8.53 -24.98 14.70
CA MET A 734 -7.59 -25.44 13.68
C MET A 734 -8.19 -26.60 12.87
N GLU A 735 -8.68 -27.62 13.58
CA GLU A 735 -9.27 -28.80 12.92
C GLU A 735 -10.37 -28.46 11.90
N THR A 736 -11.31 -27.60 12.29
CA THR A 736 -12.39 -27.23 11.37
C THR A 736 -11.83 -26.37 10.23
N GLY A 737 -10.94 -25.43 10.59
CA GLY A 737 -10.37 -24.53 9.60
C GLY A 737 -9.58 -25.26 8.55
N LEU A 738 -8.81 -26.26 8.96
CA LEU A 738 -8.02 -27.03 8.00
C LEU A 738 -8.91 -27.86 7.08
N ARG A 739 -10.03 -28.35 7.61
CA ARG A 739 -10.98 -29.12 6.83
C ARG A 739 -11.61 -28.23 5.77
N ILE A 740 -11.94 -27.00 6.15
CA ILE A 740 -12.52 -26.06 5.20
C ILE A 740 -11.55 -25.69 4.09
N ILE A 741 -10.29 -25.47 4.45
CA ILE A 741 -9.27 -25.10 3.47
C ILE A 741 -9.17 -26.23 2.46
N GLU A 742 -9.16 -27.46 2.96
CA GLU A 742 -8.99 -28.63 2.09
C GLU A 742 -10.17 -28.81 1.14
N ARG A 743 -11.40 -28.68 1.66
CA ARG A 743 -12.60 -28.87 0.83
C ARG A 743 -12.76 -27.76 -0.20
N ALA A 744 -12.42 -26.54 0.18
CA ALA A 744 -12.67 -25.40 -0.69
C ALA A 744 -11.67 -25.33 -1.83
N ALA A 745 -10.56 -26.04 -1.68
CA ALA A 745 -9.55 -26.08 -2.74
C ALA A 745 -9.95 -26.98 -3.91
N LYS A 746 -11.18 -27.51 -3.87
CA LYS A 746 -11.76 -28.17 -5.03
C LYS A 746 -12.61 -27.18 -5.83
N VAL A 747 -12.44 -27.18 -7.14
CA VAL A 747 -13.24 -26.36 -8.04
C VAL A 747 -14.33 -27.25 -8.64
N HIS A 748 -15.59 -26.95 -8.34
CA HIS A 748 -16.71 -27.76 -8.81
C HIS A 748 -17.20 -27.30 -10.19
N PRO A 749 -18.03 -28.12 -10.86
CA PRO A 749 -18.64 -27.70 -12.13
C PRO A 749 -19.44 -26.40 -11.96
N GLY A 750 -19.19 -25.44 -12.84
CA GLY A 750 -19.88 -24.17 -12.77
C GLY A 750 -19.30 -23.21 -11.75
N GLN A 751 -18.17 -23.59 -11.17
CA GLN A 751 -17.51 -22.71 -10.20
C GLN A 751 -16.61 -21.70 -10.92
N ALA A 752 -16.94 -20.42 -10.76
CA ALA A 752 -16.29 -19.36 -11.51
C ALA A 752 -14.86 -19.06 -11.06
N ASN A 753 -14.60 -19.17 -9.76
CA ASN A 753 -13.30 -18.77 -9.20
C ASN A 753 -12.66 -19.86 -8.37
N VAL A 754 -11.34 -19.76 -8.19
CA VAL A 754 -10.69 -20.49 -7.11
C VAL A 754 -11.14 -19.81 -5.83
N LYS A 755 -11.62 -20.58 -4.87
CA LYS A 755 -12.15 -19.99 -3.63
C LYS A 755 -11.06 -19.36 -2.80
N LYS A 756 -11.31 -18.14 -2.32
CA LYS A 756 -10.35 -17.44 -1.49
C LYS A 756 -10.68 -17.74 -0.03
N ILE A 757 -9.66 -18.17 0.72
CA ILE A 757 -9.86 -18.53 2.12
C ILE A 757 -9.28 -17.49 3.05
N ILE A 758 -10.11 -17.00 3.95
CA ILE A 758 -9.66 -16.16 5.05
C ILE A 758 -9.98 -16.92 6.32
N SER A 759 -8.95 -17.55 6.88
CA SER A 759 -9.13 -18.45 8.03
C SER A 759 -8.22 -18.02 9.16
N GLU A 760 -8.82 -17.77 10.32
CA GLU A 760 -8.08 -17.47 11.53
C GLU A 760 -8.36 -18.60 12.50
N MET A 761 -7.29 -19.24 12.98
CA MET A 761 -7.46 -20.43 13.80
C MET A 761 -6.81 -20.20 15.17
N GLY A 762 -6.47 -21.27 15.86
CA GLY A 762 -6.09 -21.13 17.25
C GLY A 762 -4.77 -20.46 17.57
N GLY A 763 -4.50 -20.37 18.86
CA GLY A 763 -3.18 -20.03 19.34
C GLY A 763 -2.87 -20.88 20.55
N LYS A 764 -1.58 -21.11 20.83
CA LYS A 764 -1.17 -21.64 22.13
C LYS A 764 -0.14 -20.65 22.64
N ASN A 765 -0.64 -19.54 23.17
CA ASN A 765 0.18 -18.35 23.36
C ASN A 765 0.93 -18.31 24.68
N ALA A 766 2.21 -17.94 24.60
CA ALA A 766 3.06 -17.84 25.78
C ALA A 766 3.38 -16.39 26.17
N ILE A 767 3.49 -16.16 27.47
CA ILE A 767 4.15 -14.95 27.96
C ILE A 767 5.44 -15.34 28.68
N ILE A 768 6.55 -14.73 28.29
CA ILE A 768 7.82 -15.00 28.94
C ILE A 768 8.04 -14.00 30.09
N ILE A 769 8.39 -14.52 31.26
CA ILE A 769 8.71 -13.67 32.41
C ILE A 769 10.21 -13.73 32.67
N ASP A 770 10.92 -12.67 32.32
CA ASP A 770 12.39 -12.64 32.41
C ASP A 770 12.83 -12.35 33.83
N ASP A 771 14.09 -12.64 34.15
CA ASP A 771 14.67 -12.38 35.46
C ASP A 771 14.43 -10.98 35.99
N ASP A 772 14.49 -9.99 35.10
CA ASP A 772 14.39 -8.60 35.51
C ASP A 772 13.01 -7.99 35.31
N ALA A 773 12.01 -8.84 35.05
CA ALA A 773 10.63 -8.35 34.85
C ALA A 773 10.15 -7.58 36.06
N ASP A 774 9.30 -6.59 35.83
CA ASP A 774 8.62 -5.90 36.92
C ASP A 774 7.41 -6.72 37.34
N LEU A 775 7.50 -7.41 38.48
CA LEU A 775 6.47 -8.40 38.83
C LEU A 775 5.14 -7.75 39.25
N ASP A 776 5.20 -6.50 39.70
CA ASP A 776 3.97 -5.77 40.05
C ASP A 776 3.12 -5.58 38.80
N GLU A 777 3.75 -5.57 37.64
CA GLU A 777 3.03 -5.47 36.37
C GLU A 777 2.79 -6.86 35.78
N ALA A 778 3.82 -7.69 35.81
CA ALA A 778 3.75 -8.99 35.16
C ALA A 778 2.62 -9.84 35.75
N VAL A 779 2.50 -9.85 37.07
CA VAL A 779 1.50 -10.71 37.69
C VAL A 779 0.04 -10.40 37.29
N PRO A 780 -0.43 -9.17 37.47
CA PRO A 780 -1.83 -8.97 37.09
C PRO A 780 -2.05 -9.08 35.58
N HIS A 781 -1.06 -8.73 34.76
CA HIS A 781 -1.23 -8.85 33.31
C HIS A 781 -1.30 -10.32 32.88
N VAL A 782 -0.48 -11.17 33.47
CA VAL A 782 -0.55 -12.61 33.16
C VAL A 782 -1.90 -13.20 33.58
N LEU A 783 -2.36 -12.81 34.77
CA LEU A 783 -3.63 -13.31 35.30
C LEU A 783 -4.77 -12.93 34.37
N TYR A 784 -4.79 -11.69 33.92
CA TYR A 784 -5.82 -11.24 32.99
C TYR A 784 -5.67 -11.92 31.62
N SER A 785 -4.44 -12.04 31.13
CA SER A 785 -4.24 -12.66 29.82
C SER A 785 -4.74 -14.10 29.80
N ALA A 786 -4.60 -14.79 30.93
CA ALA A 786 -4.96 -16.20 31.03
C ALA A 786 -6.45 -16.42 31.31
N PHE A 787 -7.01 -15.59 32.19
CA PHE A 787 -8.36 -15.85 32.71
C PHE A 787 -9.43 -14.82 32.36
N GLY A 788 -9.05 -13.75 31.66
CA GLY A 788 -10.03 -12.83 31.10
C GLY A 788 -11.00 -13.58 30.24
N PHE A 789 -12.30 -13.35 30.46
CA PHE A 789 -13.34 -14.10 29.74
C PHE A 789 -13.10 -15.62 29.79
N GLN A 790 -12.69 -16.13 30.97
CA GLN A 790 -12.53 -17.57 31.19
C GLN A 790 -11.47 -18.15 30.25
N GLY A 791 -10.56 -17.34 29.74
CA GLY A 791 -9.55 -17.87 28.81
C GLY A 791 -10.09 -18.26 27.44
N GLN A 792 -11.27 -17.76 27.10
CA GLN A 792 -11.89 -18.10 25.82
C GLN A 792 -11.56 -17.09 24.72
N LYS A 793 -10.26 -16.89 24.50
CA LYS A 793 -9.77 -15.99 23.46
C LYS A 793 -8.71 -16.71 22.68
N CYS A 794 -8.67 -16.50 21.36
CA CYS A 794 -7.61 -17.10 20.56
C CYS A 794 -6.27 -16.53 20.98
N SER A 795 -6.29 -15.33 21.56
CA SER A 795 -5.08 -14.62 22.00
C SER A 795 -4.68 -14.91 23.45
N ALA A 796 -5.50 -15.68 24.16
CA ALA A 796 -5.27 -15.90 25.60
C ALA A 796 -3.94 -16.55 25.92
N CYS A 797 -3.35 -16.13 27.03
CA CYS A 797 -2.14 -16.76 27.54
C CYS A 797 -2.48 -18.12 28.15
N SER A 798 -1.94 -19.21 27.60
CA SER A 798 -2.20 -20.54 28.14
C SER A 798 -0.90 -21.18 28.62
N ARG A 799 0.20 -20.48 28.36
CA ARG A 799 1.54 -20.88 28.80
C ARG A 799 2.27 -19.65 29.37
N VAL A 800 2.71 -19.72 30.63
CA VAL A 800 3.58 -18.68 31.16
C VAL A 800 4.96 -19.29 31.40
N ILE A 801 5.95 -18.77 30.70
CA ILE A 801 7.29 -19.38 30.70
C ILE A 801 8.16 -18.50 31.55
N VAL A 802 8.59 -19.02 32.70
CA VAL A 802 9.17 -18.20 33.77
C VAL A 802 10.62 -18.56 33.99
N LEU A 803 11.47 -17.54 34.02
CA LEU A 803 12.90 -17.76 34.19
C LEU A 803 13.24 -18.32 35.57
N ASP A 804 14.19 -19.25 35.58
CA ASP A 804 14.57 -20.05 36.74
C ASP A 804 14.71 -19.25 38.03
N ALA A 805 15.47 -18.15 38.00
CA ALA A 805 15.81 -17.44 39.24
C ALA A 805 14.67 -16.60 39.80
N VAL A 806 13.62 -16.37 39.01
CA VAL A 806 12.53 -15.55 39.50
C VAL A 806 11.27 -16.40 39.66
N TYR A 807 11.39 -17.70 39.36
CA TYR A 807 10.24 -18.61 39.32
C TYR A 807 9.43 -18.68 40.61
N ASP A 808 10.10 -19.03 41.72
CA ASP A 808 9.40 -19.24 42.99
C ASP A 808 8.67 -18.00 43.44
N LYS A 809 9.35 -16.86 43.27
CA LYS A 809 8.81 -15.54 43.60
C LYS A 809 7.59 -15.17 42.76
N PHE A 810 7.71 -15.30 41.44
CA PHE A 810 6.59 -14.99 40.54
C PHE A 810 5.39 -15.88 40.83
N ILE A 811 5.63 -17.18 40.99
CA ILE A 811 4.53 -18.11 41.12
C ILE A 811 3.76 -17.91 42.42
N GLU A 812 4.48 -17.62 43.51
CA GLU A 812 3.81 -17.35 44.77
C GLU A 812 2.88 -16.13 44.63
N ARG A 813 3.36 -15.06 44.02
CA ARG A 813 2.53 -13.87 43.86
C ARG A 813 1.35 -14.10 42.91
N LEU A 814 1.58 -14.83 41.82
CA LEU A 814 0.50 -15.12 40.86
C LEU A 814 -0.59 -15.97 41.51
N VAL A 815 -0.18 -16.99 42.24
CA VAL A 815 -1.14 -17.86 42.91
C VAL A 815 -1.90 -17.11 44.01
N SER A 816 -1.20 -16.26 44.74
CA SER A 816 -1.85 -15.46 45.78
C SER A 816 -2.85 -14.45 45.21
N MET A 817 -2.54 -13.87 44.06
CA MET A 817 -3.52 -12.97 43.44
C MET A 817 -4.72 -13.76 42.94
N ALA A 818 -4.46 -14.89 42.28
CA ALA A 818 -5.54 -15.77 41.80
C ALA A 818 -6.50 -16.11 42.93
N LYS A 819 -5.94 -16.50 44.09
CA LYS A 819 -6.76 -16.84 45.26
C LYS A 819 -7.73 -15.74 45.66
N ALA A 820 -7.38 -14.49 45.37
CA ALA A 820 -8.23 -13.36 45.77
C ALA A 820 -9.40 -13.16 44.81
N THR A 821 -9.35 -13.79 43.64
CA THR A 821 -10.41 -13.63 42.63
C THR A 821 -11.54 -14.64 42.85
N LYS A 822 -12.74 -14.29 42.38
CA LYS A 822 -13.92 -15.14 42.56
C LYS A 822 -14.46 -15.55 41.21
N VAL A 823 -14.91 -16.80 41.10
CA VAL A 823 -15.53 -17.32 39.88
C VAL A 823 -17.06 -17.33 40.06
N GLY A 824 -17.80 -16.80 39.08
CA GLY A 824 -19.24 -16.70 39.20
C GLY A 824 -19.86 -15.93 38.05
N PRO A 825 -21.20 -15.82 38.03
CA PRO A 825 -21.94 -15.20 36.91
C PRO A 825 -21.34 -13.86 36.46
N SER A 826 -21.21 -13.71 35.15
CA SER A 826 -20.63 -12.52 34.55
C SER A 826 -21.51 -11.27 34.73
N GLU A 827 -22.78 -11.47 35.06
CA GLU A 827 -23.65 -10.30 35.25
C GLU A 827 -23.32 -9.59 36.56
N ASP A 828 -22.58 -10.28 37.43
CA ASP A 828 -22.16 -9.72 38.72
C ASP A 828 -20.71 -9.27 38.59
N PRO A 829 -20.46 -7.96 38.65
CA PRO A 829 -19.12 -7.46 38.36
C PRO A 829 -18.10 -7.77 39.45
N ALA A 830 -18.53 -8.34 40.58
CA ALA A 830 -17.58 -8.75 41.61
C ALA A 830 -16.79 -9.97 41.16
N ASN A 831 -17.34 -10.70 40.19
CA ASN A 831 -16.66 -11.88 39.67
C ASN A 831 -15.60 -11.56 38.63
N TYR A 832 -14.46 -12.23 38.72
CA TYR A 832 -13.35 -12.05 37.79
C TYR A 832 -13.60 -12.80 36.47
N MET A 833 -14.05 -14.05 36.57
CA MET A 833 -14.46 -14.84 35.40
C MET A 833 -15.65 -15.70 35.81
N GLY A 834 -16.30 -16.33 34.83
CA GLY A 834 -17.50 -17.10 35.09
C GLY A 834 -17.59 -18.35 34.26
N ALA A 835 -18.81 -18.80 33.96
CA ALA A 835 -19.02 -20.04 33.22
C ALA A 835 -18.46 -19.98 31.80
N VAL A 836 -17.97 -21.13 31.30
CA VAL A 836 -17.54 -21.23 29.91
C VAL A 836 -18.76 -21.38 29.01
N ALA A 837 -18.51 -21.43 27.70
CA ALA A 837 -19.54 -21.17 26.69
C ALA A 837 -20.77 -22.09 26.75
N ASP A 838 -20.52 -23.39 26.85
CA ASP A 838 -21.60 -24.37 26.88
C ASP A 838 -21.17 -25.70 27.50
N ASP A 839 -22.11 -26.62 27.55
CA ASP A 839 -21.93 -27.99 28.01
C ASP A 839 -20.71 -28.68 27.39
N LYS A 840 -20.61 -28.59 26.07
CA LYS A 840 -19.51 -29.16 25.30
C LYS A 840 -18.16 -28.62 25.73
N ALA A 841 -18.07 -27.29 25.85
CA ALA A 841 -16.80 -26.66 26.22
C ALA A 841 -16.38 -27.09 27.63
N MET A 842 -17.32 -27.07 28.57
CA MET A 842 -17.03 -27.47 29.95
C MET A 842 -16.47 -28.88 30.03
N LYS A 843 -17.10 -29.80 29.31
CA LYS A 843 -16.65 -31.20 29.30
C LYS A 843 -15.22 -31.30 28.76
N SER A 844 -14.99 -30.69 27.60
CA SER A 844 -13.68 -30.75 26.94
C SER A 844 -12.59 -30.09 27.79
N ILE A 845 -12.89 -28.91 28.32
CA ILE A 845 -11.92 -28.20 29.16
C ILE A 845 -11.58 -29.00 30.41
N LYS A 846 -12.58 -29.62 31.04
CA LYS A 846 -12.33 -30.44 32.23
C LYS A 846 -11.48 -31.66 31.93
N GLU A 847 -11.66 -32.26 30.76
CA GLU A 847 -10.81 -33.38 30.38
C GLU A 847 -9.36 -32.91 30.29
N TYR A 848 -9.17 -31.74 29.66
CA TYR A 848 -7.84 -31.15 29.56
C TYR A 848 -7.23 -30.80 30.92
N ALA A 849 -8.05 -30.31 31.85
CA ALA A 849 -7.58 -30.05 33.19
C ALA A 849 -7.05 -31.32 33.85
N GLU A 850 -7.74 -32.43 33.65
CA GLU A 850 -7.32 -33.70 34.25
C GLU A 850 -6.04 -34.20 33.61
N ILE A 851 -5.96 -34.09 32.30
CA ILE A 851 -4.74 -34.44 31.56
C ILE A 851 -3.54 -33.63 32.09
N GLY A 852 -3.71 -32.32 32.24
CA GLY A 852 -2.66 -31.46 32.74
C GLY A 852 -2.25 -31.80 34.17
N LYS A 853 -3.21 -32.21 34.99
CA LYS A 853 -2.89 -32.58 36.38
C LYS A 853 -2.07 -33.84 36.49
N ARG A 854 -2.12 -34.71 35.48
CA ARG A 854 -1.28 -35.90 35.47
C ARG A 854 0.08 -35.54 34.89
N GLU A 855 0.08 -34.59 33.97
CA GLU A 855 1.32 -34.15 33.32
C GLU A 855 2.17 -33.30 34.27
N GLY A 856 1.51 -32.39 34.98
CA GLY A 856 2.18 -31.48 35.89
C GLY A 856 1.63 -31.57 37.29
N HIS A 857 1.70 -30.46 38.02
CA HIS A 857 1.20 -30.42 39.38
C HIS A 857 0.33 -29.19 39.56
N VAL A 858 -0.84 -29.37 40.16
CA VAL A 858 -1.75 -28.25 40.34
C VAL A 858 -1.19 -27.24 41.34
N LEU A 859 -1.12 -25.97 40.92
CA LEU A 859 -0.66 -24.88 41.77
C LEU A 859 -1.85 -24.12 42.36
N TYR A 860 -2.93 -24.06 41.59
CA TYR A 860 -4.16 -23.42 42.06
C TYR A 860 -5.36 -23.98 41.32
N GLU A 861 -6.46 -24.16 42.06
CA GLU A 861 -7.72 -24.59 41.45
C GLU A 861 -8.85 -23.98 42.26
N SER A 862 -9.52 -22.99 41.67
CA SER A 862 -10.47 -22.17 42.41
C SER A 862 -11.72 -22.94 42.79
N PRO A 863 -12.43 -22.46 43.82
CA PRO A 863 -13.81 -22.90 44.03
C PRO A 863 -14.66 -22.43 42.86
N VAL A 864 -15.81 -23.06 42.65
CA VAL A 864 -16.83 -22.55 41.72
C VAL A 864 -18.16 -22.56 42.45
N PRO A 865 -19.15 -21.79 41.95
CA PRO A 865 -20.47 -21.78 42.61
C PRO A 865 -21.12 -23.15 42.57
N ALA A 866 -21.90 -23.48 43.60
CA ALA A 866 -22.67 -24.72 43.59
C ALA A 866 -23.87 -24.52 42.67
N GLY A 867 -24.46 -25.62 42.18
CA GLY A 867 -25.65 -25.50 41.37
C GLY A 867 -25.38 -25.40 39.87
N GLU A 868 -26.34 -24.85 39.14
CA GLU A 868 -26.27 -24.85 37.68
C GLU A 868 -25.28 -23.81 37.13
N GLY A 869 -24.82 -24.04 35.90
CA GLY A 869 -23.88 -23.15 35.26
C GLY A 869 -22.67 -23.95 34.79
N TYR A 870 -22.08 -23.56 33.66
CA TYR A 870 -20.98 -24.31 33.08
C TYR A 870 -19.63 -23.89 33.66
N PHE A 871 -19.48 -24.05 34.96
CA PHE A 871 -18.29 -23.57 35.67
C PHE A 871 -17.09 -24.51 35.57
N VAL A 872 -15.96 -23.94 35.18
CA VAL A 872 -14.68 -24.62 35.23
C VAL A 872 -13.81 -23.77 36.15
N PRO A 873 -13.14 -24.41 37.13
CA PRO A 873 -12.28 -23.66 38.05
C PRO A 873 -11.18 -22.89 37.32
N MET A 874 -10.87 -21.70 37.82
CA MET A 874 -9.64 -21.02 37.45
C MET A 874 -8.51 -21.98 37.87
N THR A 875 -7.71 -22.44 36.91
CA THR A 875 -6.77 -23.53 37.14
C THR A 875 -5.36 -23.18 36.67
N ILE A 876 -4.39 -23.33 37.56
CA ILE A 876 -2.99 -23.07 37.24
C ILE A 876 -2.20 -24.33 37.55
N ILE A 877 -1.41 -24.78 36.59
CA ILE A 877 -0.70 -26.05 36.69
C ILE A 877 0.78 -25.86 36.38
N GLY A 878 1.65 -26.33 37.28
CA GLY A 878 3.08 -26.12 37.12
C GLY A 878 3.77 -27.41 36.74
N GLY A 879 5.07 -27.35 36.49
CA GLY A 879 5.83 -28.55 36.11
C GLY A 879 5.65 -28.90 34.64
N ILE A 880 5.15 -27.96 33.85
CA ILE A 880 4.88 -28.24 32.44
C ILE A 880 6.10 -28.01 31.52
N LYS A 881 6.28 -28.93 30.57
CA LYS A 881 7.39 -28.91 29.62
C LYS A 881 6.80 -28.98 28.21
N PRO A 882 7.58 -28.57 27.19
CA PRO A 882 7.03 -28.55 25.82
C PRO A 882 6.48 -29.89 25.32
N GLU A 883 6.97 -31.00 25.85
CA GLU A 883 6.50 -32.33 25.45
C GLU A 883 5.06 -32.61 25.88
N HIS A 884 4.56 -31.86 26.85
CA HIS A 884 3.24 -32.16 27.42
C HIS A 884 2.09 -31.74 26.52
N ARG A 885 0.97 -32.46 26.61
CA ARG A 885 -0.21 -32.12 25.82
C ARG A 885 -0.74 -30.73 26.14
N ILE A 886 -0.74 -30.32 27.41
CA ILE A 886 -1.27 -28.98 27.69
C ILE A 886 -0.27 -27.86 27.42
N ALA A 887 0.94 -28.22 27.02
CA ALA A 887 1.89 -27.24 26.49
C ALA A 887 1.74 -27.10 24.96
N GLN A 888 0.86 -27.90 24.36
CA GLN A 888 0.76 -27.93 22.89
C GLN A 888 -0.64 -27.70 22.34
N GLU A 889 -1.65 -28.23 23.01
CA GLU A 889 -3.01 -28.21 22.47
C GLU A 889 -3.84 -27.07 23.05
N GLU A 890 -4.56 -26.38 22.17
CA GLU A 890 -5.37 -25.25 22.59
C GLU A 890 -6.58 -25.71 23.40
N ILE A 891 -6.66 -25.29 24.65
CA ILE A 891 -7.73 -25.70 25.55
C ILE A 891 -8.93 -24.74 25.45
N PHE A 892 -8.66 -23.48 25.14
CA PHE A 892 -9.70 -22.45 25.07
C PHE A 892 -10.52 -22.39 26.36
N GLY A 893 -9.83 -22.34 27.49
CA GLY A 893 -10.50 -22.34 28.78
C GLY A 893 -9.56 -21.87 29.88
N PRO A 894 -10.05 -21.81 31.12
CA PRO A 894 -9.26 -21.21 32.20
C PRO A 894 -8.22 -22.17 32.79
N VAL A 895 -7.32 -22.65 31.94
CA VAL A 895 -6.25 -23.56 32.37
C VAL A 895 -4.89 -23.01 31.91
N LEU A 896 -4.07 -22.61 32.88
CA LEU A 896 -2.79 -21.97 32.57
C LEU A 896 -1.64 -22.92 32.92
N ALA A 897 -0.79 -23.19 31.93
CA ALA A 897 0.38 -24.03 32.15
C ALA A 897 1.56 -23.15 32.53
N VAL A 898 2.25 -23.50 33.61
CA VAL A 898 3.44 -22.75 34.05
C VAL A 898 4.67 -23.58 33.76
N MET A 899 5.61 -22.99 33.01
CA MET A 899 6.77 -23.70 32.50
C MET A 899 8.04 -23.02 33.01
N ARG A 900 8.97 -23.81 33.55
CA ARG A 900 10.17 -23.25 34.20
C ARG A 900 11.41 -23.30 33.30
N ALA A 901 11.82 -22.15 32.76
CA ALA A 901 12.93 -22.11 31.81
C ALA A 901 14.28 -21.90 32.50
N LYS A 902 15.31 -22.62 32.05
CA LYS A 902 16.61 -22.56 32.73
C LYS A 902 17.37 -21.28 32.41
N ASP A 903 17.17 -20.73 31.22
CA ASP A 903 17.80 -19.47 30.83
C ASP A 903 16.97 -18.81 29.73
N PHE A 904 17.35 -17.61 29.30
CA PHE A 904 16.50 -16.88 28.36
C PHE A 904 16.44 -17.57 26.99
N ASP A 905 17.56 -18.15 26.57
CA ASP A 905 17.57 -18.90 25.31
C ASP A 905 16.55 -20.04 25.29
N GLN A 906 16.46 -20.79 26.40
CA GLN A 906 15.47 -21.85 26.49
C GLN A 906 14.06 -21.28 26.55
N ALA A 907 13.88 -20.15 27.21
CA ALA A 907 12.57 -19.52 27.23
C ALA A 907 12.10 -19.24 25.81
N ILE A 908 12.99 -18.70 24.97
CA ILE A 908 12.64 -18.41 23.57
C ILE A 908 12.33 -19.69 22.79
N GLU A 909 13.16 -20.71 22.97
CA GLU A 909 12.97 -21.99 22.31
C GLU A 909 11.61 -22.62 22.68
N TRP A 910 11.29 -22.62 23.98
CA TRP A 910 10.03 -23.15 24.46
C TRP A 910 8.83 -22.34 23.93
N ALA A 911 8.96 -21.01 23.91
CA ALA A 911 7.89 -20.17 23.35
C ALA A 911 7.59 -20.54 21.90
N ASN A 912 8.62 -20.93 21.16
CA ASN A 912 8.48 -21.28 19.74
C ASN A 912 8.19 -22.76 19.50
N SER A 913 7.92 -23.53 20.55
CA SER A 913 7.87 -24.99 20.42
C SER A 913 6.50 -25.58 20.04
N THR A 914 5.52 -24.72 19.77
CA THR A 914 4.20 -25.23 19.37
C THR A 914 4.01 -25.07 17.88
N GLN A 915 2.90 -25.59 17.34
CA GLN A 915 2.63 -25.39 15.92
C GLN A 915 1.87 -24.10 15.63
N PHE A 916 1.65 -23.28 16.67
CA PHE A 916 0.90 -22.02 16.52
C PHE A 916 1.80 -20.80 16.66
N ALA A 917 1.30 -19.64 16.24
CA ALA A 917 2.08 -18.41 16.24
C ALA A 917 1.17 -17.21 16.18
N LEU A 918 0.20 -17.16 17.11
CA LEU A 918 -0.79 -16.09 17.08
C LEU A 918 -0.34 -14.89 17.92
N THR A 919 -0.31 -15.03 19.24
CA THR A 919 0.16 -13.94 20.09
C THR A 919 1.26 -14.42 21.04
N GLY A 920 1.93 -13.47 21.67
CA GLY A 920 2.98 -13.78 22.61
C GLY A 920 3.26 -12.53 23.41
N GLY A 921 3.82 -12.72 24.60
CA GLY A 921 4.14 -11.59 25.46
C GLY A 921 5.49 -11.78 26.11
N ILE A 922 6.13 -10.69 26.49
CA ILE A 922 7.36 -10.79 27.26
C ILE A 922 7.44 -9.66 28.26
N PHE A 923 7.68 -10.02 29.53
CA PHE A 923 8.01 -9.01 30.53
C PHE A 923 9.50 -9.07 30.76
N SER A 924 10.18 -7.99 30.39
CA SER A 924 11.63 -7.90 30.49
C SER A 924 12.00 -6.43 30.40
N ARG A 925 13.09 -6.09 31.07
CA ARG A 925 13.63 -4.73 31.00
C ARG A 925 15.09 -4.81 30.54
N SER A 926 15.38 -5.83 29.75
CA SER A 926 16.71 -6.01 29.17
C SER A 926 16.62 -5.73 27.68
N PRO A 927 17.27 -4.65 27.20
CA PRO A 927 17.26 -4.28 25.79
C PRO A 927 17.69 -5.43 24.89
N GLU A 928 18.69 -6.17 25.36
CA GLU A 928 19.18 -7.33 24.63
C GLU A 928 18.15 -8.43 24.48
N HIS A 929 17.48 -8.77 25.59
CA HIS A 929 16.47 -9.83 25.55
C HIS A 929 15.24 -9.39 24.77
N LEU A 930 14.87 -8.12 24.94
CA LEU A 930 13.76 -7.57 24.17
C LEU A 930 14.07 -7.60 22.67
N ALA A 931 15.30 -7.27 22.30
CA ALA A 931 15.68 -7.25 20.89
C ALA A 931 15.68 -8.66 20.32
N LYS A 932 16.17 -9.62 21.09
CA LYS A 932 16.11 -11.03 20.69
C LYS A 932 14.67 -11.51 20.52
N ALA A 933 13.79 -11.14 21.44
CA ALA A 933 12.37 -11.49 21.33
C ALA A 933 11.73 -10.87 20.09
N ARG A 934 12.00 -9.59 19.82
CA ARG A 934 11.41 -8.92 18.64
C ARG A 934 11.79 -9.69 17.37
N ARG A 935 13.00 -10.19 17.34
CA ARG A 935 13.48 -10.90 16.15
C ARG A 935 13.00 -12.35 16.11
N GLU A 936 13.14 -13.06 17.23
CA GLU A 936 12.96 -14.53 17.23
C GLU A 936 11.63 -15.08 17.75
N PHE A 937 10.92 -14.32 18.57
CA PHE A 937 9.62 -14.77 19.09
C PHE A 937 8.59 -14.41 18.02
N ARG A 938 8.50 -15.26 17.00
CA ARG A 938 7.83 -14.89 15.74
C ARG A 938 6.32 -15.16 15.70
N VAL A 939 5.58 -14.51 16.58
CA VAL A 939 4.13 -14.62 16.57
C VAL A 939 3.55 -13.46 15.77
N GLY A 940 2.29 -13.58 15.36
CA GLY A 940 1.62 -12.52 14.62
C GLY A 940 1.52 -11.21 15.40
N ASN A 941 1.37 -11.31 16.72
CA ASN A 941 1.28 -10.12 17.56
C ASN A 941 2.09 -10.35 18.83
N LEU A 942 3.26 -9.72 18.91
CA LEU A 942 4.10 -9.84 20.10
C LEU A 942 3.85 -8.62 20.98
N TYR A 943 3.64 -8.84 22.27
CA TYR A 943 3.42 -7.74 23.20
C TYR A 943 4.56 -7.61 24.22
N ILE A 944 5.07 -6.40 24.38
CA ILE A 944 6.17 -6.16 25.31
C ILE A 944 5.68 -5.40 26.55
N ASN A 945 5.85 -6.03 27.71
CA ASN A 945 5.51 -5.43 29.00
C ASN A 945 4.03 -5.04 29.20
N ARG A 946 3.14 -5.89 28.69
CA ARG A 946 1.71 -5.71 28.91
C ARG A 946 1.05 -7.03 28.56
N ASN A 947 -0.26 -7.13 28.77
CA ASN A 947 -0.98 -8.34 28.41
C ASN A 947 -0.93 -8.64 26.90
N ASN A 948 -1.06 -9.90 26.54
CA ASN A 948 -1.00 -10.27 25.13
C ASN A 948 -2.38 -10.43 24.49
N THR A 949 -3.40 -9.86 25.15
CA THR A 949 -4.75 -9.89 24.61
C THR A 949 -5.22 -8.45 24.34
N GLY A 950 -6.42 -8.30 23.77
CA GLY A 950 -6.99 -6.96 23.57
C GLY A 950 -6.49 -6.15 22.38
N ALA A 951 -6.24 -6.83 21.26
CA ALA A 951 -5.82 -6.12 20.04
C ALA A 951 -6.88 -5.11 19.59
N LEU A 952 -6.45 -3.89 19.28
CA LEU A 952 -7.40 -2.86 18.82
C LEU A 952 -7.22 -2.63 17.33
N VAL A 953 -8.31 -2.26 16.66
CA VAL A 953 -8.27 -1.97 15.22
C VAL A 953 -7.25 -0.88 14.95
N GLU A 954 -6.48 -1.06 13.86
CA GLU A 954 -5.41 -0.16 13.42
C GLU A 954 -4.14 -0.21 14.26
N ARG A 955 -4.28 -0.13 15.58
CA ARG A 955 -3.13 -0.19 16.47
C ARG A 955 -2.51 -1.58 16.52
N GLN A 956 -3.35 -2.61 16.62
CA GLN A 956 -2.85 -3.99 16.61
C GLN A 956 -3.64 -4.87 15.62
N PRO A 957 -3.40 -4.67 14.31
CA PRO A 957 -3.98 -5.61 13.34
C PRO A 957 -3.62 -7.05 13.73
N PHE A 958 -4.61 -7.93 13.70
CA PHE A 958 -4.57 -9.17 14.44
C PHE A 958 -4.58 -10.40 13.53
N GLY A 959 -3.67 -11.33 13.78
CA GLY A 959 -3.66 -12.58 13.04
C GLY A 959 -2.26 -13.10 12.81
N GLY A 960 -2.13 -14.40 12.55
CA GLY A 960 -0.82 -15.00 12.37
C GLY A 960 -0.76 -16.04 11.25
N ALA A 961 0.39 -16.70 11.17
CA ALA A 961 0.55 -17.77 10.19
C ALA A 961 0.78 -19.07 10.94
N ARG A 962 1.65 -19.94 10.41
CA ARG A 962 1.79 -21.31 10.91
C ARG A 962 0.40 -21.96 11.00
N MET A 963 0.09 -22.69 12.07
CA MET A 963 -1.23 -23.31 12.16
C MET A 963 -2.27 -22.35 12.76
N SER A 964 -1.90 -21.09 12.92
CA SER A 964 -2.82 -20.10 13.49
C SER A 964 -3.66 -19.38 12.44
N GLY A 965 -3.25 -19.44 11.19
CA GLY A 965 -3.98 -18.74 10.15
C GLY A 965 -3.26 -18.68 8.82
N VAL A 966 -3.80 -17.94 7.86
CA VAL A 966 -3.17 -17.83 6.55
C VAL A 966 -2.53 -16.47 6.31
N GLY A 967 -2.23 -15.75 7.39
CA GLY A 967 -1.46 -14.52 7.27
C GLY A 967 -2.27 -13.29 6.94
N THR A 968 -3.55 -13.31 7.29
CA THR A 968 -4.39 -12.13 7.12
C THR A 968 -4.50 -11.45 8.47
N LYS A 969 -4.53 -10.11 8.46
CA LYS A 969 -4.65 -9.35 9.71
C LYS A 969 -5.83 -8.39 9.69
N ALA A 970 -6.89 -8.82 10.36
CA ALA A 970 -8.09 -8.04 10.52
C ALA A 970 -7.72 -6.75 11.24
N GLY A 971 -8.40 -5.66 10.88
CA GLY A 971 -8.18 -4.38 11.53
C GLY A 971 -6.91 -3.70 11.09
N GLY A 972 -6.38 -4.10 9.93
CA GLY A 972 -5.18 -3.49 9.40
C GLY A 972 -5.25 -3.16 7.91
N PRO A 973 -4.21 -2.53 7.38
CA PRO A 973 -4.26 -1.90 6.06
C PRO A 973 -4.07 -2.87 4.89
N ASP A 974 -3.83 -4.15 5.17
CA ASP A 974 -3.70 -5.14 4.11
C ASP A 974 -4.95 -6.00 3.98
N TYR A 975 -5.90 -5.82 4.88
CA TYR A 975 -7.00 -6.78 5.02
C TYR A 975 -8.02 -6.77 3.88
N LEU A 976 -8.53 -5.59 3.51
CA LEU A 976 -9.58 -5.52 2.48
C LEU A 976 -9.16 -6.12 1.13
N LEU A 977 -7.88 -6.02 0.77
CA LEU A 977 -7.42 -6.57 -0.50
C LEU A 977 -7.66 -8.08 -0.60
N HIS A 978 -7.73 -8.76 0.53
CA HIS A 978 -8.01 -10.19 0.52
C HIS A 978 -9.42 -10.53 0.02
N PHE A 979 -10.31 -9.53 0.00
CA PHE A 979 -11.68 -9.78 -0.43
C PHE A 979 -11.92 -9.36 -1.88
N MET A 980 -10.85 -8.93 -2.56
CA MET A 980 -10.92 -8.41 -3.94
C MET A 980 -9.81 -8.99 -4.82
N ASP A 981 -9.87 -8.68 -6.12
CA ASP A 981 -8.78 -8.98 -7.04
C ASP A 981 -8.48 -7.75 -7.87
N PRO A 982 -7.21 -7.51 -8.18
CA PRO A 982 -6.86 -6.30 -8.94
C PRO A 982 -7.15 -6.44 -10.43
N ARG A 983 -7.42 -5.33 -11.08
CA ARG A 983 -7.56 -5.27 -12.54
C ARG A 983 -6.72 -4.09 -13.03
N VAL A 984 -6.25 -4.17 -14.26
CA VAL A 984 -5.59 -3.02 -14.89
C VAL A 984 -6.26 -2.73 -16.22
N VAL A 985 -6.57 -1.46 -16.47
CA VAL A 985 -6.98 -1.03 -17.81
C VAL A 985 -5.89 -0.17 -18.42
N THR A 986 -5.43 -0.57 -19.59
CA THR A 986 -4.36 0.14 -20.28
C THR A 986 -4.85 0.77 -21.59
N GLU A 987 -4.75 2.08 -21.68
CA GLU A 987 -5.20 2.77 -22.90
C GLU A 987 -4.06 3.43 -23.68
N ASN A 988 -3.99 3.12 -24.97
CA ASN A 988 -3.16 3.84 -25.90
C ASN A 988 -3.84 5.16 -26.23
N THR A 989 -3.31 6.28 -25.74
CA THR A 989 -3.98 7.58 -25.91
C THR A 989 -3.59 8.33 -27.17
N MET A 990 -2.66 7.77 -27.95
CA MET A 990 -2.24 8.44 -29.18
C MET A 990 -3.15 8.14 -30.38
N ARG A 991 -3.67 9.18 -31.01
CA ARG A 991 -4.45 9.04 -32.22
C ARG A 991 -3.92 9.99 -33.27
N ARG A 992 -3.64 9.46 -34.47
CA ARG A 992 -3.27 10.29 -35.60
C ARG A 992 -2.04 11.15 -35.24
N GLY A 993 -1.16 10.58 -34.41
CA GLY A 993 0.12 11.20 -34.09
C GLY A 993 0.12 12.17 -32.92
N PHE A 994 -0.99 12.25 -32.21
CA PHE A 994 -1.04 13.11 -31.03
CA PHE A 994 -1.04 13.10 -31.03
C PHE A 994 -1.65 12.40 -29.82
N ALA A 995 -1.06 12.67 -28.66
CA ALA A 995 -1.57 12.18 -27.39
C ALA A 995 -1.54 13.33 -26.38
N PRO A 996 -2.62 13.46 -25.59
CA PRO A 996 -2.66 14.46 -24.50
C PRO A 996 -1.50 14.28 -23.54
N ILE A 997 -0.96 15.39 -23.05
CA ILE A 997 0.05 15.34 -21.99
C ILE A 997 -0.69 15.18 -20.68
N GLU A 998 -0.31 14.19 -19.88
CA GLU A 998 -0.93 14.00 -18.57
C GLU A 998 0.06 14.45 -17.52
N GLU A 999 -0.45 14.80 -16.34
CA GLU A 999 0.35 15.42 -15.28
C GLU A 999 1.64 14.68 -14.95
N ASP A 1000 1.52 13.39 -14.64
CA ASP A 1000 2.67 12.61 -14.17
C ASP A 1000 3.53 11.98 -15.27
N ASP A 1001 3.32 12.39 -16.52
CA ASP A 1001 4.10 11.84 -17.64
C ASP A 1001 5.60 12.15 -17.49
N ASP A 1002 6.44 11.18 -17.83
CA ASP A 1002 7.82 11.48 -18.18
C ASP A 1002 7.77 12.20 -19.51
N TRP A 1003 8.18 13.47 -19.54
CA TRP A 1003 8.12 14.24 -20.79
C TRP A 1003 9.42 15.02 -21.02
N VAL A 1004 9.35 16.09 -21.82
CA VAL A 1004 10.54 16.85 -22.22
C VAL A 1004 10.40 18.36 -21.96
N GLU B 6 25.12 40.68 -39.82
CA GLU B 6 25.03 41.25 -41.17
C GLU B 6 23.99 40.50 -41.99
N LEU B 7 24.26 39.22 -42.25
CA LEU B 7 23.33 38.35 -42.96
C LEU B 7 22.02 38.26 -42.20
N ASN B 8 22.12 38.18 -40.87
CA ASN B 8 20.93 38.09 -40.03
C ASN B 8 20.02 39.30 -40.21
N THR B 9 20.63 40.48 -40.29
CA THR B 9 19.88 41.72 -40.48
C THR B 9 19.19 41.78 -41.84
N LYS B 10 19.83 41.22 -42.85
CA LYS B 10 19.20 41.06 -44.16
C LYS B 10 18.04 40.07 -44.15
N ILE B 11 18.15 39.02 -43.35
CA ILE B 11 17.09 38.03 -43.25
C ILE B 11 15.86 38.65 -42.58
N VAL B 12 16.08 39.38 -41.49
CA VAL B 12 14.98 40.04 -40.77
C VAL B 12 14.24 41.03 -41.66
N ASN B 13 14.98 41.88 -42.37
CA ASN B 13 14.35 42.86 -43.25
C ASN B 13 13.63 42.17 -44.41
N ARG B 14 14.20 41.06 -44.88
CA ARG B 14 13.56 40.23 -45.89
C ARG B 14 12.22 39.71 -45.38
N GLY B 15 12.21 39.19 -44.15
CA GLY B 15 10.98 38.71 -43.56
C GLY B 15 9.99 39.84 -43.30
N LYS B 16 10.53 41.01 -42.96
CA LYS B 16 9.69 42.17 -42.69
C LYS B 16 8.91 42.60 -43.92
N GLU B 17 9.57 42.61 -45.08
CA GLU B 17 8.91 42.97 -46.34
C GLU B 17 7.86 41.92 -46.67
N PHE B 18 8.16 40.68 -46.33
CA PHE B 18 7.25 39.56 -46.57
C PHE B 18 5.96 39.73 -45.78
N PHE B 19 6.07 40.02 -44.48
CA PHE B 19 4.90 40.27 -43.66
C PHE B 19 4.13 41.48 -44.19
N GLY B 20 4.86 42.50 -44.62
CA GLY B 20 4.27 43.67 -45.24
C GLY B 20 3.44 43.35 -46.47
N SER B 21 3.96 42.46 -47.30
CA SER B 21 3.29 42.11 -48.55
C SER B 21 2.01 41.26 -48.35
N ILE B 22 1.82 40.73 -47.15
CA ILE B 22 0.67 39.88 -46.84
C ILE B 22 -0.60 40.72 -46.56
N SER B 23 -0.40 41.94 -46.08
CA SER B 23 -1.49 42.90 -45.87
C SER B 23 -2.48 42.49 -44.78
N GLY B 24 -1.99 41.75 -43.80
CA GLY B 24 -2.84 41.30 -42.70
C GLY B 24 -3.72 40.12 -43.03
N GLU B 25 -3.62 39.59 -44.25
CA GLU B 25 -4.46 38.46 -44.64
C GLU B 25 -4.19 37.24 -43.76
N LYS B 26 -5.26 36.57 -43.32
CA LYS B 26 -5.12 35.32 -42.58
C LYS B 26 -5.45 34.11 -43.46
N PRO B 27 -4.73 32.99 -43.24
CA PRO B 27 -5.10 31.72 -43.89
C PRO B 27 -6.50 31.33 -43.43
N SER B 28 -7.23 30.56 -44.25
CA SER B 28 -8.61 30.18 -43.92
C SER B 28 -8.79 29.57 -42.54
N LEU B 29 -7.81 28.78 -42.10
CA LEU B 29 -7.88 28.15 -40.79
C LEU B 29 -7.87 29.16 -39.64
N PHE B 30 -7.43 30.38 -39.92
CA PHE B 30 -7.38 31.43 -38.90
C PHE B 30 -8.36 32.55 -39.21
N ASN B 31 -9.27 32.29 -40.13
CA ASN B 31 -10.30 33.28 -40.50
C ASN B 31 -11.52 33.05 -39.61
N LYS B 32 -11.67 33.90 -38.60
CA LYS B 32 -12.76 33.76 -37.64
C LYS B 32 -14.13 34.10 -38.22
N GLY B 33 -14.15 34.55 -39.47
CA GLY B 33 -15.40 34.79 -40.16
C GLY B 33 -15.91 33.50 -40.78
N ALA B 34 -15.01 32.52 -40.92
CA ALA B 34 -15.36 31.20 -41.46
C ALA B 34 -15.57 30.15 -40.37
N TRP B 35 -16.32 29.10 -40.70
CA TRP B 35 -16.64 28.03 -39.76
C TRP B 35 -15.40 27.31 -39.25
N MET B 36 -14.50 26.94 -40.17
CA MET B 36 -13.29 26.21 -39.79
C MET B 36 -12.41 27.07 -38.88
N GLY B 37 -12.42 28.37 -39.14
CA GLY B 37 -11.68 29.33 -38.33
C GLY B 37 -12.25 29.42 -36.93
N LYS B 38 -13.59 29.45 -36.83
CA LYS B 38 -14.26 29.45 -35.53
C LYS B 38 -13.96 28.16 -34.77
N ALA B 39 -13.99 27.04 -35.47
CA ALA B 39 -13.73 25.74 -34.86
C ALA B 39 -12.30 25.65 -34.32
N MET B 40 -11.35 26.17 -35.09
CA MET B 40 -9.95 26.09 -34.68
C MET B 40 -9.67 27.09 -33.56
N ASP B 41 -10.36 28.24 -33.62
CA ASP B 41 -10.19 29.27 -32.60
C ASP B 41 -10.59 28.68 -31.25
N TRP B 42 -11.74 28.02 -31.21
CA TRP B 42 -12.19 27.42 -29.97
C TRP B 42 -11.28 26.27 -29.56
N SER B 43 -10.83 25.47 -30.53
CA SER B 43 -9.89 24.39 -30.24
C SER B 43 -8.60 24.92 -29.63
N MET B 44 -8.14 26.07 -30.12
CA MET B 44 -6.89 26.63 -29.61
C MET B 44 -7.09 27.26 -28.22
N GLN B 45 -8.33 27.65 -27.92
CA GLN B 45 -8.66 28.21 -26.59
C GLN B 45 -8.99 27.15 -25.54
N ASN B 46 -9.47 25.99 -25.99
CA ASN B 46 -10.01 25.00 -25.07
C ASN B 46 -9.51 23.62 -25.41
N GLU B 47 -8.56 23.11 -24.63
CA GLU B 47 -7.88 21.85 -24.93
C GLU B 47 -8.80 20.62 -24.97
N GLN B 48 -9.82 20.59 -24.13
CA GLN B 48 -10.77 19.48 -24.15
C GLN B 48 -11.57 19.48 -25.45
N PHE B 49 -11.99 20.66 -25.91
CA PHE B 49 -12.69 20.71 -27.18
C PHE B 49 -11.77 20.32 -28.33
N LYS B 50 -10.52 20.79 -28.28
CA LYS B 50 -9.55 20.40 -29.31
C LYS B 50 -9.44 18.88 -29.41
N ILE B 51 -9.37 18.22 -28.26
CA ILE B 51 -9.28 16.76 -28.25
C ILE B 51 -10.54 16.13 -28.83
N GLN B 52 -11.71 16.61 -28.39
CA GLN B 52 -12.99 16.13 -28.90
C GLN B 52 -13.10 16.31 -30.42
N MET B 53 -12.88 17.53 -30.89
CA MET B 53 -13.01 17.87 -32.32
C MET B 53 -12.04 17.08 -33.19
N PHE B 54 -10.75 17.06 -32.82
CA PHE B 54 -9.77 16.38 -33.66
C PHE B 54 -9.98 14.86 -33.69
N ARG B 55 -10.35 14.28 -32.55
CA ARG B 55 -10.63 12.85 -32.51
C ARG B 55 -11.93 12.55 -33.27
N PHE B 56 -12.85 13.50 -33.26
CA PHE B 56 -14.09 13.30 -34.02
C PHE B 56 -13.81 13.26 -35.52
N VAL B 57 -13.02 14.23 -36.00
CA VAL B 57 -12.65 14.26 -37.42
C VAL B 57 -11.91 12.98 -37.79
N ASP B 58 -11.12 12.42 -36.87
CA ASP B 58 -10.41 11.15 -37.12
C ASP B 58 -11.38 9.98 -37.31
N VAL B 59 -12.38 9.86 -36.44
CA VAL B 59 -13.35 8.75 -36.55
C VAL B 59 -14.40 8.98 -37.65
N PHE B 60 -14.62 10.25 -38.01
CA PHE B 60 -15.66 10.65 -38.96
C PHE B 60 -15.83 9.75 -40.21
N PRO B 61 -14.72 9.40 -40.89
CA PRO B 61 -14.95 8.57 -42.09
C PRO B 61 -15.53 7.17 -41.84
N SER B 62 -15.51 6.67 -40.60
CA SER B 62 -16.09 5.35 -40.34
CA SER B 62 -16.08 5.36 -40.30
C SER B 62 -17.55 5.46 -39.92
N LEU B 63 -18.06 6.69 -39.80
CA LEU B 63 -19.45 6.87 -39.36
C LEU B 63 -20.39 6.78 -40.56
N THR B 64 -20.50 5.58 -41.11
CA THR B 64 -21.13 5.36 -42.42
C THR B 64 -22.64 5.13 -42.39
N THR B 65 -23.24 5.08 -41.21
CA THR B 65 -24.70 5.00 -41.11
C THR B 65 -25.23 6.15 -40.26
N SER B 66 -26.52 6.40 -40.36
CA SER B 66 -27.13 7.55 -39.68
C SER B 66 -27.07 7.42 -38.15
N LYS B 67 -27.17 6.19 -37.64
CA LYS B 67 -27.18 5.96 -36.20
C LYS B 67 -25.78 6.15 -35.62
N LEU B 68 -24.79 5.58 -36.31
CA LEU B 68 -23.39 5.75 -35.92
C LEU B 68 -23.03 7.22 -35.85
N LEU B 69 -23.40 7.96 -36.89
CA LEU B 69 -23.06 9.37 -36.97
C LEU B 69 -23.73 10.16 -35.84
N THR B 70 -25.03 9.99 -35.70
CA THR B 70 -25.79 10.67 -34.64
C THR B 70 -25.21 10.41 -33.25
N GLU B 71 -24.93 9.14 -32.95
CA GLU B 71 -24.44 8.79 -31.61
C GLU B 71 -23.06 9.34 -31.31
N HIS B 72 -22.16 9.27 -32.29
CA HIS B 72 -20.80 9.75 -32.06
C HIS B 72 -20.81 11.27 -31.90
N ILE B 73 -21.70 11.95 -32.60
CA ILE B 73 -21.80 13.40 -32.44
C ILE B 73 -22.15 13.72 -31.00
N ARG B 74 -23.17 13.03 -30.48
CA ARG B 74 -23.56 13.25 -29.08
C ARG B 74 -22.46 12.85 -28.11
N GLU B 75 -21.78 11.73 -28.38
CA GLU B 75 -20.73 11.24 -27.49
C GLU B 75 -19.51 12.15 -27.47
N TYR B 76 -19.17 12.73 -28.61
CA TYR B 76 -18.01 13.63 -28.69
C TYR B 76 -18.32 15.06 -28.26
N PHE B 77 -19.49 15.56 -28.63
CA PHE B 77 -19.79 16.98 -28.40
C PHE B 77 -20.91 17.29 -27.41
N GLY B 78 -21.61 16.26 -26.91
CA GLY B 78 -22.70 16.49 -25.98
C GLY B 78 -24.02 16.74 -26.69
N ASN B 79 -25.04 17.15 -25.93
CA ASN B 79 -26.33 17.50 -26.54
C ASN B 79 -26.26 18.88 -27.19
N GLU B 80 -27.16 19.14 -28.14
CA GLU B 80 -27.20 20.38 -28.91
C GLU B 80 -27.07 21.67 -28.10
N GLN B 81 -27.65 21.69 -26.91
CA GLN B 81 -27.68 22.90 -26.08
C GLN B 81 -26.30 23.24 -25.50
N ASP B 82 -25.46 22.23 -25.34
CA ASP B 82 -24.18 22.40 -24.65
C ASP B 82 -23.00 22.53 -25.61
N MET B 83 -23.30 22.57 -26.91
CA MET B 83 -22.28 22.77 -27.93
C MET B 83 -21.94 24.25 -28.05
N PRO B 84 -20.77 24.56 -28.63
CA PRO B 84 -20.49 25.98 -28.92
C PRO B 84 -21.43 26.49 -30.01
N ALA B 85 -21.65 27.81 -30.06
CA ALA B 85 -22.65 28.39 -30.95
C ALA B 85 -22.38 28.11 -32.42
N PHE B 86 -21.11 28.18 -32.82
CA PHE B 86 -20.75 27.93 -34.21
C PHE B 86 -21.12 26.52 -34.65
N MET B 87 -21.29 25.63 -33.66
CA MET B 87 -21.70 24.26 -33.91
C MET B 87 -23.21 24.14 -34.13
N ALA B 103 -31.60 14.10 -39.79
CA ALA B 103 -31.07 14.98 -38.74
C ALA B 103 -30.25 16.14 -39.32
N VAL B 104 -30.61 17.36 -38.94
CA VAL B 104 -29.99 18.57 -39.50
C VAL B 104 -28.54 18.76 -39.06
N LEU B 105 -28.28 18.56 -37.76
CA LEU B 105 -26.95 18.69 -37.20
C LEU B 105 -25.94 17.78 -37.90
N ASN B 106 -26.38 16.56 -38.24
CA ASN B 106 -25.57 15.65 -39.03
C ASN B 106 -25.12 16.30 -40.35
N LYS B 107 -26.05 16.96 -41.03
CA LYS B 107 -25.78 17.62 -42.31
C LYS B 107 -24.79 18.79 -42.19
N VAL B 108 -25.01 19.67 -41.22
CA VAL B 108 -24.13 20.83 -41.04
C VAL B 108 -22.70 20.45 -40.64
N LEU B 109 -22.56 19.45 -39.77
CA LEU B 109 -21.25 18.96 -39.35
C LEU B 109 -20.57 18.25 -40.51
N THR B 110 -21.30 17.34 -41.16
CA THR B 110 -20.77 16.59 -42.30
C THR B 110 -20.26 17.54 -43.38
N SER B 111 -21.06 18.55 -43.73
CA SER B 111 -20.69 19.47 -44.81
C SER B 111 -19.47 20.31 -44.45
N ASN B 112 -19.39 20.78 -43.22
CA ASN B 112 -18.26 21.62 -42.85
C ASN B 112 -16.95 20.83 -42.76
N ILE B 113 -17.04 19.62 -42.26
CA ILE B 113 -15.86 18.77 -42.16
C ILE B 113 -15.38 18.34 -43.54
N GLU B 114 -16.31 18.00 -44.43
CA GLU B 114 -15.96 17.62 -45.79
C GLU B 114 -15.31 18.79 -46.51
N GLU B 115 -15.81 20.00 -46.23
CA GLU B 115 -15.28 21.21 -46.82
C GLU B 115 -13.83 21.45 -46.37
N MET B 116 -13.55 21.23 -45.09
CA MET B 116 -12.18 21.38 -44.56
C MET B 116 -11.24 20.40 -45.23
N ALA B 117 -11.69 19.16 -45.42
CA ALA B 117 -10.85 18.14 -46.05
C ALA B 117 -10.51 18.48 -47.50
N ARG B 118 -11.49 19.01 -48.25
CA ARG B 118 -11.29 19.35 -49.66
C ARG B 118 -10.31 20.49 -49.84
N GLN B 119 -10.21 21.34 -48.82
CA GLN B 119 -9.23 22.42 -48.76
C GLN B 119 -7.77 21.93 -48.95
N PHE B 120 -7.50 20.69 -48.53
CA PHE B 120 -6.12 20.17 -48.57
C PHE B 120 -5.87 19.12 -49.64
N ILE B 121 -6.88 18.90 -50.48
CA ILE B 121 -6.84 17.80 -51.45
C ILE B 121 -7.17 18.35 -52.84
N VAL B 122 -6.40 17.96 -53.86
CA VAL B 122 -6.62 18.52 -55.21
C VAL B 122 -7.65 17.76 -56.02
N GLY B 123 -8.12 16.64 -55.49
CA GLY B 123 -9.16 15.86 -56.14
C GLY B 123 -9.35 14.49 -55.53
N GLU B 124 -10.38 13.78 -55.98
CA GLU B 124 -10.61 12.42 -55.52
C GLU B 124 -10.21 11.38 -56.58
N THR B 125 -10.22 11.81 -57.84
CA THR B 125 -9.80 10.95 -58.94
C THR B 125 -8.62 11.56 -59.71
N THR B 126 -7.87 10.71 -60.39
CA THR B 126 -6.72 11.13 -61.18
C THR B 126 -7.10 12.21 -62.18
N LYS B 127 -8.21 12.01 -62.87
CA LYS B 127 -8.73 12.94 -63.84
C LYS B 127 -9.03 14.31 -63.24
N GLU B 128 -9.61 14.32 -62.04
CA GLU B 128 -9.95 15.57 -61.35
C GLU B 128 -8.67 16.23 -60.86
N ALA B 129 -7.77 15.42 -60.31
CA ALA B 129 -6.47 15.91 -59.86
C ALA B 129 -5.72 16.61 -60.99
N VAL B 130 -5.65 15.96 -62.15
CA VAL B 130 -4.97 16.54 -63.31
C VAL B 130 -5.59 17.88 -63.75
N LYS B 131 -6.92 17.94 -63.84
CA LYS B 131 -7.60 19.19 -64.20
C LYS B 131 -7.24 20.31 -63.24
N ASN B 132 -7.21 20.00 -61.95
CA ASN B 132 -6.90 20.99 -60.93
C ASN B 132 -5.42 21.41 -60.90
N LEU B 133 -4.52 20.48 -61.18
CA LEU B 133 -3.10 20.80 -61.33
C LEU B 133 -2.84 21.77 -62.47
N GLU B 134 -3.57 21.61 -63.57
CA GLU B 134 -3.46 22.53 -64.70
C GLU B 134 -4.03 23.90 -64.37
N LYS B 135 -5.06 23.94 -63.54
CA LYS B 135 -5.57 25.20 -63.01
C LYS B 135 -4.46 25.91 -62.25
N LEU B 136 -3.79 25.16 -61.39
CA LEU B 136 -2.74 25.71 -60.55
C LEU B 136 -1.59 26.26 -61.37
N ARG B 137 -1.26 25.57 -62.47
CA ARG B 137 -0.22 26.02 -63.40
C ARG B 137 -0.54 27.40 -63.98
N LYS B 138 -1.79 27.59 -64.41
CA LYS B 138 -2.22 28.87 -64.95
C LYS B 138 -2.12 29.98 -63.91
N ASP B 139 -2.26 29.62 -62.64
CA ASP B 139 -2.09 30.58 -61.55
C ASP B 139 -0.63 30.80 -61.17
N GLY B 140 0.28 30.09 -61.83
CA GLY B 140 1.70 30.27 -61.61
C GLY B 140 2.39 29.25 -60.73
N PHE B 141 1.69 28.19 -60.36
CA PHE B 141 2.25 27.20 -59.43
C PHE B 141 2.62 25.87 -60.08
N ALA B 142 3.81 25.38 -59.74
CA ALA B 142 4.21 24.02 -60.09
C ALA B 142 3.62 23.09 -59.03
N ALA B 143 3.75 21.78 -59.22
CA ALA B 143 3.20 20.84 -58.25
C ALA B 143 4.08 19.61 -58.04
N VAL B 144 3.96 19.01 -56.86
CA VAL B 144 4.46 17.65 -56.64
C VAL B 144 3.26 16.85 -56.20
N VAL B 145 2.94 15.80 -56.95
CA VAL B 145 1.71 15.07 -56.72
C VAL B 145 1.91 13.86 -55.82
N ASP B 146 1.01 13.68 -54.87
CA ASP B 146 1.05 12.57 -53.94
C ASP B 146 -0.29 11.83 -53.93
N VAL B 147 -0.24 10.51 -53.77
CA VAL B 147 -1.44 9.68 -53.77
C VAL B 147 -1.84 9.39 -52.33
N LEU B 148 -3.06 9.79 -51.93
CA LEU B 148 -3.56 9.46 -50.59
C LEU B 148 -3.85 7.97 -50.50
N GLY B 149 -3.56 7.36 -49.36
CA GLY B 149 -3.95 5.98 -49.15
C GLY B 149 -3.94 5.62 -47.68
N GLU B 150 -4.82 4.71 -47.29
CA GLU B 150 -4.75 4.10 -45.97
C GLU B 150 -3.39 3.39 -45.87
N ALA B 151 -3.02 3.00 -44.66
CA ALA B 151 -1.75 2.27 -44.47
C ALA B 151 -1.77 1.01 -45.32
N THR B 152 -0.63 0.71 -45.96
CA THR B 152 -0.55 -0.50 -46.76
C THR B 152 -0.38 -1.69 -45.83
N LEU B 153 -1.34 -2.62 -45.86
CA LEU B 153 -1.29 -3.76 -44.94
C LEU B 153 -1.15 -5.09 -45.68
N SER B 154 -0.97 -5.06 -46.99
CA SER B 154 -0.87 -6.30 -47.76
C SER B 154 -0.14 -6.06 -49.06
N GLU B 155 0.18 -7.14 -49.77
CA GLU B 155 0.84 -7.01 -51.06
C GLU B 155 -0.13 -6.40 -52.07
N GLU B 156 -1.40 -6.80 -51.98
CA GLU B 156 -2.38 -6.29 -52.93
C GLU B 156 -2.60 -4.78 -52.74
N GLU B 157 -2.53 -4.32 -51.50
CA GLU B 157 -2.68 -2.89 -51.24
C GLU B 157 -1.46 -2.13 -51.75
N ALA B 158 -0.27 -2.73 -51.62
CA ALA B 158 0.95 -2.11 -52.15
C ALA B 158 0.87 -2.04 -53.67
N GLU B 159 0.32 -3.08 -54.29
CA GLU B 159 0.16 -3.10 -55.73
C GLU B 159 -0.84 -2.03 -56.21
N VAL B 160 -1.96 -1.88 -55.50
CA VAL B 160 -2.93 -0.81 -55.80
C VAL B 160 -2.28 0.57 -55.74
N TYR B 161 -1.52 0.81 -54.69
CA TYR B 161 -0.83 2.07 -54.51
C TYR B 161 0.16 2.32 -55.65
N THR B 162 1.01 1.32 -55.93
CA THR B 162 1.95 1.41 -57.03
C THR B 162 1.25 1.74 -58.36
N ASN B 163 0.18 0.99 -58.65
CA ASN B 163 -0.53 1.15 -59.91
C ASN B 163 -1.26 2.49 -60.03
N THR B 164 -1.57 3.11 -58.89
CA THR B 164 -2.21 4.43 -58.92
C THR B 164 -1.18 5.46 -59.41
N TYR B 165 0.05 5.40 -58.92
CA TYR B 165 1.11 6.26 -59.46
C TYR B 165 1.35 6.01 -60.95
N LEU B 166 1.36 4.75 -61.37
CA LEU B 166 1.52 4.42 -62.78
C LEU B 166 0.35 5.00 -63.60
N GLU B 167 -0.87 4.91 -63.05
CA GLU B 167 -2.03 5.50 -63.70
C GLU B 167 -1.86 7.02 -63.80
N LEU B 168 -1.40 7.63 -62.71
CA LEU B 168 -1.19 9.07 -62.68
C LEU B 168 -0.16 9.51 -63.72
N LEU B 169 0.96 8.79 -63.77
CA LEU B 169 2.04 9.13 -64.69
C LEU B 169 1.59 9.01 -66.15
N GLU B 170 0.75 8.01 -66.45
CA GLU B 170 0.24 7.88 -67.80
C GLU B 170 -0.66 9.06 -68.17
N ALA B 171 -1.50 9.50 -67.24
CA ALA B 171 -2.36 10.66 -67.48
C ALA B 171 -1.53 11.94 -67.70
N LEU B 172 -0.51 12.15 -66.87
CA LEU B 172 0.33 13.33 -66.98
C LEU B 172 1.18 13.31 -68.26
N LYS B 173 1.64 12.12 -68.62
CA LYS B 173 2.39 11.93 -69.87
C LYS B 173 1.65 12.50 -71.08
N LYS B 174 0.33 12.26 -71.13
CA LYS B 174 -0.50 12.72 -72.24
C LYS B 174 -0.75 14.24 -72.21
N GLU B 175 -0.50 14.87 -71.07
CA GLU B 175 -0.90 16.26 -70.88
C GLU B 175 0.26 17.25 -70.91
N GLN B 176 1.44 16.79 -70.51
CA GLN B 176 2.53 17.72 -70.23
C GLN B 176 3.11 18.37 -71.48
N GLY B 177 2.92 17.73 -72.63
CA GLY B 177 3.42 18.27 -73.87
C GLY B 177 2.68 19.54 -74.25
N SER B 178 1.48 19.70 -73.69
CA SER B 178 0.63 20.85 -73.99
C SER B 178 0.76 21.96 -72.94
N TRP B 179 1.62 21.75 -71.95
CA TRP B 179 1.82 22.75 -70.91
C TRP B 179 2.99 23.66 -71.26
N LYS B 180 2.73 24.97 -71.28
CA LYS B 180 3.81 25.93 -71.40
C LYS B 180 4.59 25.93 -70.08
N GLY B 181 5.90 25.99 -70.15
CA GLY B 181 6.72 26.05 -68.95
C GLY B 181 6.54 27.34 -68.17
N LEU B 182 6.45 27.22 -66.85
CA LEU B 182 6.38 28.39 -65.98
C LEU B 182 7.54 29.35 -66.25
N PRO B 183 7.26 30.66 -66.22
CA PRO B 183 8.24 31.71 -66.54
C PRO B 183 9.47 31.63 -65.65
N GLY B 184 10.65 31.67 -66.26
CA GLY B 184 11.90 31.66 -65.51
C GLY B 184 12.72 32.90 -65.77
N LYS B 185 13.95 32.92 -65.24
CA LYS B 185 14.86 34.03 -65.51
C LYS B 185 15.73 33.68 -66.71
N GLY B 186 15.92 32.37 -66.90
CA GLY B 186 16.71 31.86 -68.02
C GLY B 186 16.53 30.36 -68.15
N GLY B 187 17.21 29.76 -69.13
CA GLY B 187 17.11 28.32 -69.32
C GLY B 187 16.30 27.87 -70.52
N ASP B 188 15.51 26.82 -70.34
CA ASP B 188 14.77 26.14 -71.40
C ASP B 188 13.27 26.40 -71.27
N PRO B 189 12.67 27.04 -72.30
CA PRO B 189 11.25 27.47 -72.25
C PRO B 189 10.26 26.30 -72.14
N GLY B 190 10.71 25.08 -72.44
CA GLY B 190 9.84 23.91 -72.30
C GLY B 190 9.79 23.37 -70.88
N LEU B 191 10.64 23.90 -70.01
CA LEU B 191 10.75 23.41 -68.64
C LEU B 191 10.30 24.49 -67.66
N ASP B 192 9.81 24.09 -66.49
CA ASP B 192 9.35 25.05 -65.50
C ASP B 192 10.50 25.92 -64.99
N TRP B 193 10.29 27.23 -65.08
CA TRP B 193 11.31 28.23 -64.76
C TRP B 193 12.55 28.07 -65.64
N GLY B 194 12.40 27.36 -66.75
CA GLY B 194 13.51 27.14 -67.66
C GLY B 194 14.33 25.89 -67.35
N HIS B 195 14.05 25.21 -66.24
CA HIS B 195 14.92 24.09 -65.84
C HIS B 195 14.22 22.88 -65.18
N ALA B 196 13.14 23.09 -64.43
CA ALA B 196 12.53 21.99 -63.69
C ALA B 196 11.56 21.16 -64.53
N PRO B 197 11.67 19.82 -64.46
CA PRO B 197 10.74 18.91 -65.12
C PRO B 197 9.31 19.21 -64.69
N LYS B 198 8.36 19.17 -65.62
CA LYS B 198 6.98 19.58 -65.32
C LYS B 198 6.19 18.57 -64.50
N VAL B 199 6.60 17.31 -64.54
CA VAL B 199 5.95 16.24 -63.80
C VAL B 199 6.84 15.86 -62.62
N ASN B 200 6.28 15.98 -61.42
CA ASN B 200 7.01 15.76 -60.18
C ASN B 200 6.07 15.00 -59.24
N ILE B 201 6.46 13.80 -58.84
CA ILE B 201 5.64 13.02 -57.92
C ILE B 201 6.44 12.62 -56.67
N ALA B 202 5.71 12.36 -55.60
CA ALA B 202 6.33 11.97 -54.33
C ALA B 202 5.66 10.69 -53.87
N VAL B 203 6.45 9.76 -53.35
CA VAL B 203 5.95 8.44 -52.97
C VAL B 203 6.37 8.16 -51.52
N LYS B 204 5.48 7.54 -50.74
CA LYS B 204 5.80 7.12 -49.37
C LYS B 204 6.33 5.70 -49.40
N PRO B 205 7.62 5.51 -49.08
CA PRO B 205 8.29 4.20 -49.15
C PRO B 205 7.58 3.07 -48.40
N THR B 206 7.12 3.30 -47.17
CA THR B 206 6.48 2.22 -46.44
C THR B 206 5.12 1.82 -47.00
N ALA B 207 4.51 2.70 -47.81
CA ALA B 207 3.28 2.31 -48.47
C ALA B 207 3.54 1.25 -49.56
N LEU B 208 4.82 0.99 -49.84
CA LEU B 208 5.20 0.00 -50.84
C LEU B 208 5.51 -1.37 -50.24
N PHE B 209 5.41 -1.50 -48.92
CA PHE B 209 5.71 -2.79 -48.26
C PHE B 209 5.13 -2.83 -46.86
N CYS B 210 4.17 -3.73 -46.66
CA CYS B 210 3.39 -3.75 -45.43
C CYS B 210 4.18 -4.28 -44.23
N LEU B 211 5.29 -4.93 -44.48
CA LEU B 211 6.08 -5.46 -43.37
C LEU B 211 7.42 -4.76 -43.23
N ALA B 212 7.52 -3.54 -43.73
CA ALA B 212 8.75 -2.74 -43.56
C ALA B 212 9.15 -2.64 -42.08
N ASN B 213 10.38 -3.06 -41.77
CA ASN B 213 10.83 -3.23 -40.39
C ASN B 213 12.35 -3.38 -40.40
N PRO B 214 13.05 -2.52 -39.63
CA PRO B 214 14.52 -2.63 -39.62
C PRO B 214 15.00 -3.93 -39.00
N GLN B 215 14.14 -4.64 -38.30
CA GLN B 215 14.49 -5.99 -37.84
C GLN B 215 14.83 -6.89 -39.04
N ASP B 216 14.10 -6.72 -40.15
CA ASP B 216 14.46 -7.38 -41.40
C ASP B 216 14.93 -6.28 -42.37
N PHE B 217 16.08 -5.69 -42.08
CA PHE B 217 16.56 -4.51 -42.81
C PHE B 217 16.70 -4.76 -44.31
N GLU B 218 17.43 -5.81 -44.68
CA GLU B 218 17.65 -6.07 -46.11
C GLU B 218 16.37 -6.41 -46.85
N GLY B 219 15.53 -7.24 -46.24
CA GLY B 219 14.27 -7.61 -46.85
C GLY B 219 13.38 -6.39 -47.10
N SER B 220 13.39 -5.44 -46.17
CA SER B 220 12.53 -4.27 -46.29
C SER B 220 13.04 -3.35 -47.40
N VAL B 221 14.37 -3.13 -47.42
CA VAL B 221 14.98 -2.32 -48.46
C VAL B 221 14.64 -2.88 -49.85
N VAL B 222 14.82 -4.19 -50.04
CA VAL B 222 14.56 -4.82 -51.33
C VAL B 222 13.10 -4.74 -51.77
N ALA B 223 12.18 -5.04 -50.86
CA ALA B 223 10.77 -5.03 -51.21
C ALA B 223 10.34 -3.62 -51.66
N ILE B 224 10.75 -2.61 -50.90
CA ILE B 224 10.42 -1.22 -51.24
C ILE B 224 11.11 -0.81 -52.53
N LEU B 225 12.41 -1.06 -52.61
CA LEU B 225 13.19 -0.74 -53.82
C LEU B 225 12.59 -1.31 -55.11
N ASP B 226 12.10 -2.55 -55.08
CA ASP B 226 11.55 -3.18 -56.29
C ASP B 226 10.33 -2.41 -56.84
N ARG B 227 9.44 -1.96 -55.97
CA ARG B 227 8.28 -1.19 -56.40
C ARG B 227 8.63 0.25 -56.77
N MET B 228 9.52 0.86 -55.98
CA MET B 228 9.97 2.21 -56.27
C MET B 228 10.64 2.24 -57.64
N ARG B 229 11.36 1.16 -57.97
CA ARG B 229 12.04 1.07 -59.25
C ARG B 229 11.05 1.08 -60.40
N ARG B 230 9.95 0.34 -60.25
CA ARG B 230 8.92 0.32 -61.29
C ARG B 230 8.32 1.71 -61.48
N ILE B 231 8.04 2.40 -60.38
CA ILE B 231 7.52 3.77 -60.51
C ILE B 231 8.57 4.68 -61.15
N PHE B 232 9.81 4.62 -60.66
CA PHE B 232 10.90 5.46 -61.18
C PHE B 232 11.11 5.30 -62.69
N LYS B 233 11.07 4.06 -63.18
CA LYS B 233 11.26 3.82 -64.61
C LYS B 233 10.25 4.59 -65.47
N LYS B 234 9.01 4.68 -65.00
CA LYS B 234 7.99 5.42 -65.75
C LYS B 234 8.16 6.93 -65.58
N VAL B 235 8.65 7.34 -64.42
CA VAL B 235 9.03 8.74 -64.21
C VAL B 235 10.13 9.13 -65.20
N MET B 236 11.12 8.26 -65.35
CA MET B 236 12.22 8.57 -66.28
C MET B 236 11.73 8.58 -67.72
N GLU B 237 10.76 7.73 -68.03
CA GLU B 237 10.17 7.68 -69.37
C GLU B 237 9.54 9.02 -69.82
N LEU B 238 9.05 9.80 -68.86
CA LEU B 238 8.53 11.11 -69.25
C LEU B 238 9.41 12.28 -68.78
N ASN B 239 10.65 11.97 -68.44
CA ASN B 239 11.62 12.97 -67.98
C ASN B 239 11.11 13.72 -66.75
N GLY B 240 10.53 12.97 -65.82
CA GLY B 240 9.91 13.57 -64.64
C GLY B 240 10.82 13.55 -63.44
N PHE B 241 10.32 14.11 -62.33
CA PHE B 241 11.01 14.07 -61.04
C PHE B 241 10.29 13.14 -60.05
N LEU B 242 11.04 12.27 -59.37
CA LEU B 242 10.50 11.47 -58.28
C LEU B 242 11.13 11.88 -56.96
N CYS B 243 10.30 12.18 -55.96
CA CYS B 243 10.81 12.43 -54.63
C CYS B 243 10.45 11.27 -53.71
N ILE B 244 11.43 10.77 -52.98
CA ILE B 244 11.17 9.75 -51.97
C ILE B 244 10.93 10.47 -50.63
N ASP B 245 9.69 10.44 -50.14
CA ASP B 245 9.36 11.11 -48.87
C ASP B 245 9.98 10.39 -47.68
N MET B 246 10.14 11.11 -46.56
CA MET B 246 10.73 10.50 -45.36
C MET B 246 9.62 10.27 -44.35
N GLU B 247 9.61 9.10 -43.72
CA GLU B 247 8.57 8.83 -42.74
C GLU B 247 9.16 8.80 -41.34
N SER B 248 8.64 7.93 -40.47
CA SER B 248 9.04 7.98 -39.05
C SER B 248 10.43 7.38 -38.85
N TYR B 249 11.04 7.66 -37.71
CA TYR B 249 12.45 7.32 -37.45
C TYR B 249 12.77 5.83 -37.64
N ARG B 250 11.79 4.98 -37.33
CA ARG B 250 11.95 3.53 -37.43
C ARG B 250 12.40 3.09 -38.82
N HIS B 251 12.01 3.85 -39.84
CA HIS B 251 12.27 3.45 -41.22
C HIS B 251 13.27 4.36 -41.91
N LYS B 252 13.83 5.32 -41.18
CA LYS B 252 14.71 6.33 -41.80
C LYS B 252 15.92 5.73 -42.50
N GLU B 253 16.60 4.80 -41.83
CA GLU B 253 17.79 4.17 -42.41
C GLU B 253 17.43 3.30 -43.60
N ILE B 254 16.30 2.62 -43.52
CA ILE B 254 15.82 1.82 -44.63
C ILE B 254 15.57 2.74 -45.83
N ILE B 255 14.89 3.85 -45.59
CA ILE B 255 14.56 4.75 -46.67
C ILE B 255 15.80 5.40 -47.31
N LEU B 256 16.77 5.82 -46.50
CA LEU B 256 18.03 6.34 -47.06
C LEU B 256 18.74 5.32 -47.95
N GLU B 257 18.70 4.05 -47.54
CA GLU B 257 19.36 3.00 -48.32
C GLU B 257 18.62 2.73 -49.63
N VAL B 258 17.28 2.82 -49.61
CA VAL B 258 16.51 2.70 -50.84
C VAL B 258 16.93 3.79 -51.82
N PHE B 259 16.98 5.03 -51.34
CA PHE B 259 17.39 6.15 -52.18
C PHE B 259 18.79 5.94 -52.75
N ARG B 260 19.72 5.54 -51.91
CA ARG B 260 21.10 5.35 -52.36
C ARG B 260 21.18 4.27 -53.44
N ARG B 261 20.48 3.16 -53.27
CA ARG B 261 20.56 2.07 -54.24
C ARG B 261 19.90 2.44 -55.56
N LEU B 262 18.76 3.11 -55.50
CA LEU B 262 18.06 3.49 -56.73
C LEU B 262 18.88 4.53 -57.50
N LYS B 263 19.46 5.47 -56.79
CA LYS B 263 20.31 6.49 -57.39
C LYS B 263 21.51 5.85 -58.12
N LEU B 264 22.13 4.83 -57.51
CA LEU B 264 23.27 4.18 -58.16
C LEU B 264 22.87 3.34 -59.39
N GLU B 265 21.66 2.78 -59.39
CA GLU B 265 21.16 2.06 -60.58
C GLU B 265 20.96 3.01 -61.76
N TYR B 266 20.70 4.28 -61.48
CA TYR B 266 20.49 5.29 -62.53
C TYR B 266 21.33 6.54 -62.25
N ARG B 267 22.64 6.34 -62.19
CA ARG B 267 23.58 7.37 -61.74
C ARG B 267 23.56 8.63 -62.61
N ASP B 268 23.09 8.50 -63.84
CA ASP B 268 23.07 9.63 -64.77
C ASP B 268 21.74 10.42 -64.75
N TYR B 269 20.72 9.91 -64.07
CA TYR B 269 19.42 10.60 -64.02
C TYR B 269 19.30 11.54 -62.82
N PRO B 270 19.22 12.84 -63.11
CA PRO B 270 19.34 13.89 -62.09
C PRO B 270 18.08 14.12 -61.26
N HIS B 271 16.92 13.67 -61.73
CA HIS B 271 15.66 14.06 -61.10
C HIS B 271 15.11 13.04 -60.10
N LEU B 272 15.92 12.75 -59.08
CA LEU B 272 15.55 11.86 -57.99
C LEU B 272 15.89 12.55 -56.67
N GLY B 273 14.88 12.76 -55.83
CA GLY B 273 15.07 13.44 -54.57
C GLY B 273 14.83 12.61 -53.33
N ILE B 274 15.34 13.09 -52.19
CA ILE B 274 15.09 12.44 -50.92
C ILE B 274 14.70 13.54 -49.93
N VAL B 275 13.85 13.20 -48.96
CA VAL B 275 13.53 14.12 -47.88
C VAL B 275 14.45 13.89 -46.69
N LEU B 276 14.95 14.97 -46.08
CA LEU B 276 15.67 14.89 -44.81
C LEU B 276 15.01 15.79 -43.79
N GLN B 277 15.01 15.38 -42.53
CA GLN B 277 14.25 16.05 -41.48
C GLN B 277 15.16 16.75 -40.46
N ALA B 278 15.11 18.08 -40.45
CA ALA B 278 15.97 18.89 -39.60
C ALA B 278 15.69 18.71 -38.11
N TYR B 279 14.53 18.14 -37.76
CA TYR B 279 14.27 17.94 -36.34
C TYR B 279 15.00 16.73 -35.77
N LEU B 280 15.64 15.93 -36.63
CA LEU B 280 16.41 14.77 -36.14
C LEU B 280 17.81 15.19 -35.72
N LYS B 281 18.22 14.80 -34.51
CA LYS B 281 19.59 15.04 -34.08
C LYS B 281 20.57 14.36 -35.05
N ASP B 282 20.15 13.22 -35.59
CA ASP B 282 20.92 12.54 -36.63
C ASP B 282 21.16 13.35 -37.92
N ASN B 283 20.35 14.38 -38.18
CA ASN B 283 20.38 14.97 -39.53
C ASN B 283 21.67 15.66 -39.95
N ASP B 284 22.38 16.29 -39.02
CA ASP B 284 23.66 16.92 -39.38
C ASP B 284 24.59 15.86 -39.96
N LYS B 285 24.70 14.72 -39.28
CA LYS B 285 25.56 13.63 -39.78
C LYS B 285 24.96 12.98 -41.02
N ASP B 286 23.65 12.76 -41.05
CA ASP B 286 23.02 12.15 -42.21
C ASP B 286 23.21 13.01 -43.46
N LEU B 287 23.08 14.33 -43.32
CA LEU B 287 23.31 15.24 -44.44
C LEU B 287 24.78 15.19 -44.91
N ASP B 288 25.71 15.31 -43.97
CA ASP B 288 27.15 15.23 -44.26
C ASP B 288 27.52 13.92 -44.95
N ASP B 289 27.03 12.80 -44.41
CA ASP B 289 27.31 11.49 -44.99
C ASP B 289 26.79 11.38 -46.41
N LEU B 290 25.57 11.86 -46.63
CA LEU B 290 24.95 11.79 -47.95
C LEU B 290 25.65 12.66 -48.99
N LEU B 291 26.14 13.83 -48.58
CA LEU B 291 26.87 14.69 -49.51
C LEU B 291 28.21 14.06 -49.84
N ALA B 292 28.86 13.49 -48.83
CA ALA B 292 30.17 12.87 -49.04
C ALA B 292 30.01 11.65 -49.94
N TRP B 293 28.95 10.90 -49.70
CA TRP B 293 28.60 9.74 -50.52
C TRP B 293 28.40 10.11 -51.98
N ALA B 294 27.68 11.20 -52.20
CA ALA B 294 27.44 11.69 -53.55
C ALA B 294 28.75 12.09 -54.24
N LYS B 295 29.61 12.78 -53.49
CA LYS B 295 30.92 13.17 -53.99
C LYS B 295 31.71 11.94 -54.41
N GLU B 296 31.75 10.96 -53.52
CA GLU B 296 32.50 9.72 -53.74
C GLU B 296 32.07 8.97 -55.00
N HIS B 297 30.76 8.91 -55.23
CA HIS B 297 30.24 8.15 -56.36
C HIS B 297 30.07 9.01 -57.62
N LYS B 298 30.45 10.27 -57.52
CA LYS B 298 30.34 11.21 -58.63
C LYS B 298 28.91 11.25 -59.17
N VAL B 299 27.96 11.37 -58.26
CA VAL B 299 26.56 11.56 -58.64
C VAL B 299 26.07 12.87 -58.06
N GLN B 300 24.91 13.32 -58.53
CA GLN B 300 24.24 14.46 -57.93
C GLN B 300 22.95 13.99 -57.28
N ILE B 301 22.42 14.81 -56.37
CA ILE B 301 21.23 14.44 -55.63
C ILE B 301 20.34 15.66 -55.49
N SER B 302 19.13 15.44 -54.98
CA SER B 302 18.21 16.52 -54.65
C SER B 302 17.69 16.22 -53.27
N VAL B 303 17.67 17.24 -52.41
CA VAL B 303 17.18 17.06 -51.06
C VAL B 303 16.02 18.03 -50.83
N ARG B 304 14.87 17.50 -50.42
CA ARG B 304 13.83 18.36 -49.87
C ARG B 304 14.01 18.39 -48.37
N LEU B 305 14.34 19.55 -47.84
CA LEU B 305 14.54 19.65 -46.40
C LEU B 305 13.26 20.09 -45.73
N VAL B 306 12.80 19.30 -44.78
CA VAL B 306 11.63 19.63 -43.99
C VAL B 306 12.08 19.65 -42.55
N LYS B 307 11.27 20.24 -41.68
CA LYS B 307 11.57 20.13 -40.25
C LYS B 307 11.23 18.73 -39.72
N GLY B 308 10.02 18.23 -39.99
CA GLY B 308 9.65 16.87 -39.63
C GLY B 308 8.22 16.72 -39.15
N ALA B 309 7.55 15.63 -39.56
CA ALA B 309 6.11 15.53 -39.38
C ALA B 309 5.62 14.72 -38.18
N TYR B 310 6.54 14.04 -37.48
CA TYR B 310 6.17 13.04 -36.48
C TYR B 310 6.70 13.37 -35.08
N TRP B 311 6.82 14.66 -34.74
CA TRP B 311 7.51 15.06 -33.50
C TRP B 311 6.93 14.40 -32.24
N ASP B 312 5.63 14.54 -32.03
CA ASP B 312 4.98 14.01 -30.84
C ASP B 312 5.11 12.49 -30.81
N TYR B 313 4.94 11.87 -31.97
CA TYR B 313 5.08 10.43 -32.08
C TYR B 313 6.47 9.93 -31.66
N GLU B 314 7.52 10.54 -32.19
CA GLU B 314 8.88 10.06 -31.90
C GLU B 314 9.25 10.24 -30.43
N THR B 315 8.80 11.33 -29.84
CA THR B 315 9.13 11.59 -28.45
C THR B 315 8.43 10.55 -27.56
N VAL B 316 7.15 10.31 -27.84
CA VAL B 316 6.37 9.32 -27.10
C VAL B 316 6.93 7.91 -27.27
N LYS B 317 7.24 7.55 -28.50
CA LYS B 317 7.78 6.22 -28.77
C LYS B 317 9.10 5.96 -28.03
N ALA B 318 10.00 6.94 -28.04
CA ALA B 318 11.30 6.78 -27.40
C ALA B 318 11.17 6.70 -25.89
N LYS B 319 10.26 7.49 -25.33
CA LYS B 319 10.01 7.46 -23.90
C LYS B 319 9.38 6.14 -23.46
N GLN B 320 8.57 5.53 -24.34
CA GLN B 320 7.93 4.24 -24.01
C GLN B 320 8.90 3.07 -24.02
N ASN B 321 10.04 3.23 -24.68
CA ASN B 321 10.99 2.14 -24.84
C ASN B 321 12.35 2.44 -24.25
N ASP B 322 12.44 3.53 -23.50
CA ASP B 322 13.71 4.05 -22.97
C ASP B 322 14.80 4.18 -24.03
N TRP B 323 14.43 4.68 -25.20
CA TRP B 323 15.42 5.04 -26.19
C TRP B 323 15.73 6.53 -26.06
N GLU B 324 16.90 6.94 -26.52
CA GLU B 324 17.20 8.35 -26.68
C GLU B 324 16.16 8.97 -27.62
N VAL B 325 15.54 10.07 -27.21
CA VAL B 325 14.62 10.79 -28.09
C VAL B 325 15.40 11.25 -29.32
N PRO B 326 14.94 10.86 -30.53
CA PRO B 326 15.74 11.16 -31.73
C PRO B 326 15.53 12.56 -32.29
N VAL B 327 14.56 13.29 -31.75
CA VAL B 327 14.28 14.64 -32.22
C VAL B 327 14.79 15.67 -31.21
N TRP B 328 15.11 16.86 -31.71
CA TRP B 328 15.30 18.01 -30.82
C TRP B 328 13.98 18.23 -30.08
N THR B 329 14.04 18.79 -28.86
CA THR B 329 12.83 18.92 -28.06
C THR B 329 12.47 20.37 -27.72
N ILE B 330 13.34 21.30 -28.11
CA ILE B 330 13.02 22.72 -28.11
C ILE B 330 12.81 23.13 -29.56
N LYS B 331 11.67 23.76 -29.84
CA LYS B 331 11.25 23.96 -31.23
C LYS B 331 12.28 24.79 -32.03
N ALA B 332 12.87 25.77 -31.37
CA ALA B 332 13.89 26.62 -31.99
C ALA B 332 15.13 25.85 -32.44
N GLU B 333 15.44 24.74 -31.76
CA GLU B 333 16.54 23.87 -32.19
C GLU B 333 16.32 23.29 -33.58
N SER B 334 15.07 22.96 -33.90
CA SER B 334 14.71 22.50 -35.23
C SER B 334 14.83 23.61 -36.28
N ASP B 335 14.40 24.82 -35.91
CA ASP B 335 14.56 25.97 -36.78
C ASP B 335 16.04 26.26 -37.03
N ALA B 336 16.85 26.26 -35.97
CA ALA B 336 18.28 26.54 -36.13
C ALA B 336 18.95 25.43 -36.93
N ALA B 337 18.54 24.19 -36.70
CA ALA B 337 19.06 23.07 -37.48
C ALA B 337 18.68 23.24 -38.95
N TYR B 338 17.45 23.70 -39.20
CA TYR B 338 17.02 23.92 -40.59
C TYR B 338 17.92 24.94 -41.30
N GLU B 339 18.14 26.09 -40.66
CA GLU B 339 18.95 27.13 -41.32
C GLU B 339 20.40 26.67 -41.49
N ARG B 340 20.91 25.93 -40.51
CA ARG B 340 22.25 25.35 -40.58
C ARG B 340 22.40 24.36 -41.73
N GLN B 341 21.45 23.44 -41.86
CA GLN B 341 21.53 22.40 -42.90
C GLN B 341 21.18 22.92 -44.29
N ALA B 342 20.24 23.86 -44.37
CA ALA B 342 19.98 24.57 -45.63
C ALA B 342 21.25 25.24 -46.15
N ARG B 343 21.98 25.92 -45.28
CA ARG B 343 23.22 26.58 -45.71
C ARG B 343 24.22 25.55 -46.24
N LYS B 344 24.32 24.42 -45.54
CA LYS B 344 25.22 23.34 -45.98
C LYS B 344 24.84 22.84 -47.36
N ILE B 345 23.54 22.67 -47.61
CA ILE B 345 23.08 22.23 -48.91
C ILE B 345 23.38 23.27 -49.99
N LEU B 346 23.07 24.52 -49.69
CA LEU B 346 23.28 25.62 -50.63
C LEU B 346 24.76 25.76 -50.98
N GLU B 347 25.63 25.55 -49.99
CA GLU B 347 27.08 25.64 -50.22
C GLU B 347 27.53 24.52 -51.15
N ASN B 348 26.75 23.44 -51.17
CA ASN B 348 27.04 22.28 -52.00
C ASN B 348 26.08 22.17 -53.18
N HIS B 349 25.66 23.32 -53.71
CA HIS B 349 24.72 23.37 -54.82
C HIS B 349 25.23 22.68 -56.08
N GLN B 350 26.54 22.51 -56.17
CA GLN B 350 27.13 21.84 -57.33
C GLN B 350 26.59 20.42 -57.45
N ILE B 351 26.57 19.70 -56.34
CA ILE B 351 26.11 18.31 -56.37
C ILE B 351 24.70 18.14 -55.83
N CYS B 352 24.18 19.14 -55.12
CA CYS B 352 22.91 18.97 -54.43
C CYS B 352 21.88 20.04 -54.78
N HIS B 353 20.79 19.61 -55.41
CA HIS B 353 19.66 20.49 -55.69
C HIS B 353 18.86 20.64 -54.39
N PHE B 354 18.28 21.82 -54.16
CA PHE B 354 17.60 22.10 -52.89
C PHE B 354 16.13 22.46 -53.05
N ALA B 355 15.29 21.81 -52.25
CA ALA B 355 13.89 22.20 -52.10
C ALA B 355 13.61 22.63 -50.67
N CYS B 356 13.40 23.93 -50.48
CA CYS B 356 13.00 24.46 -49.19
C CYS B 356 11.54 24.12 -48.94
N ALA B 357 11.28 23.33 -47.90
CA ALA B 357 9.91 22.92 -47.60
C ALA B 357 9.45 23.41 -46.25
N SER B 358 8.97 24.65 -46.19
CA SER B 358 8.57 25.26 -44.93
C SER B 358 7.54 26.35 -45.16
N HIS B 359 6.64 26.53 -44.20
CA HIS B 359 5.65 27.61 -44.25
C HIS B 359 6.06 28.77 -43.34
N ASN B 360 7.27 28.69 -42.80
CA ASN B 360 7.79 29.66 -41.84
C ASN B 360 8.53 30.78 -42.56
N ILE B 361 8.06 32.02 -42.40
CA ILE B 361 8.61 33.17 -43.13
C ILE B 361 10.08 33.44 -42.76
N ARG B 362 10.44 33.26 -41.49
CA ARG B 362 11.84 33.38 -41.09
C ARG B 362 12.70 32.34 -41.82
N THR B 363 12.23 31.10 -41.83
CA THR B 363 12.94 30.02 -42.48
C THR B 363 13.13 30.30 -43.97
N ILE B 364 12.02 30.67 -44.63
CA ILE B 364 12.02 31.00 -46.05
C ILE B 364 12.94 32.19 -46.34
N SER B 365 12.87 33.21 -45.51
CA SER B 365 13.73 34.40 -45.66
C SER B 365 15.20 34.05 -45.49
N ALA B 366 15.49 33.20 -44.52
CA ALA B 366 16.85 32.73 -44.30
C ALA B 366 17.38 32.07 -45.55
N VAL B 367 16.64 31.10 -46.07
CA VAL B 367 17.02 30.41 -47.30
C VAL B 367 17.25 31.38 -48.46
N MET B 368 16.35 32.34 -48.66
CA MET B 368 16.52 33.30 -49.75
C MET B 368 17.81 34.12 -49.62
N GLU B 369 18.10 34.59 -48.41
CA GLU B 369 19.25 35.46 -48.23
C GLU B 369 20.56 34.68 -48.26
N MET B 370 20.54 33.46 -47.76
CA MET B 370 21.73 32.62 -47.86
C MET B 370 22.07 32.29 -49.32
N ALA B 371 21.06 31.94 -50.11
CA ALA B 371 21.26 31.63 -51.52
C ALA B 371 21.76 32.85 -52.31
N ARG B 372 21.20 34.01 -52.01
CA ARG B 372 21.69 35.25 -52.59
C ARG B 372 23.15 35.50 -52.23
N GLU B 373 23.45 35.38 -50.93
CA GLU B 373 24.81 35.64 -50.44
C GLU B 373 25.82 34.62 -50.96
N LEU B 374 25.36 33.40 -51.18
CA LEU B 374 26.21 32.35 -51.75
C LEU B 374 26.16 32.37 -53.27
N ASN B 375 25.46 33.36 -53.83
CA ASN B 375 25.24 33.43 -55.27
C ASN B 375 24.85 32.10 -55.96
N VAL B 376 23.95 31.34 -55.33
CA VAL B 376 23.49 30.06 -55.87
C VAL B 376 22.63 30.27 -57.12
N PRO B 377 22.87 29.49 -58.19
CA PRO B 377 22.01 29.58 -59.38
C PRO B 377 20.58 29.20 -59.04
N GLU B 378 19.59 29.90 -59.63
CA GLU B 378 18.19 29.67 -59.28
C GLU B 378 17.69 28.28 -59.63
N ASP B 379 18.32 27.64 -60.62
CA ASP B 379 17.99 26.27 -60.98
C ASP B 379 18.44 25.25 -59.94
N ARG B 380 19.10 25.69 -58.88
CA ARG B 380 19.55 24.78 -57.84
C ARG B 380 18.70 24.86 -56.58
N TYR B 381 17.70 25.74 -56.57
CA TYR B 381 16.81 25.80 -55.40
C TYR B 381 15.41 26.33 -55.71
N GLU B 382 14.41 25.69 -55.09
CA GLU B 382 13.01 26.07 -55.23
C GLU B 382 12.33 25.99 -53.87
N PHE B 383 11.12 26.53 -53.77
CA PHE B 383 10.36 26.51 -52.54
C PHE B 383 9.07 25.70 -52.70
N GLN B 384 8.70 25.00 -51.63
CA GLN B 384 7.56 24.09 -51.64
C GLN B 384 6.71 24.32 -50.40
N VAL B 385 5.39 24.22 -50.57
CA VAL B 385 4.47 24.29 -49.44
C VAL B 385 3.39 23.24 -49.63
N LEU B 386 2.61 22.98 -48.59
CA LEU B 386 1.51 22.03 -48.71
C LEU B 386 0.31 22.75 -49.32
N TYR B 387 -0.33 22.11 -50.29
CA TYR B 387 -1.54 22.63 -50.90
C TYR B 387 -2.59 22.92 -49.83
N GLY B 388 -3.19 24.10 -49.91
CA GLY B 388 -4.34 24.42 -49.10
C GLY B 388 -4.10 25.04 -47.73
N MET B 389 -2.84 25.25 -47.35
CA MET B 389 -2.58 26.00 -46.12
C MET B 389 -1.63 27.14 -46.33
N ALA B 390 -1.43 27.93 -45.28
CA ALA B 390 -0.58 29.11 -45.31
C ALA B 390 -0.76 29.92 -46.59
N GLU B 391 -2.02 30.07 -47.03
CA GLU B 391 -2.34 30.75 -48.29
C GLU B 391 -1.60 32.08 -48.54
N PRO B 392 -1.59 32.99 -47.54
CA PRO B 392 -0.83 34.22 -47.80
C PRO B 392 0.67 33.98 -47.87
N VAL B 393 1.18 32.98 -47.16
CA VAL B 393 2.60 32.63 -47.29
C VAL B 393 2.89 32.17 -48.70
N ARG B 394 2.05 31.25 -49.21
CA ARG B 394 2.18 30.73 -50.57
C ARG B 394 2.23 31.85 -51.62
N LYS B 395 1.27 32.77 -51.54
CA LYS B 395 1.20 33.89 -52.47
C LYS B 395 2.39 34.85 -52.30
N GLY B 396 2.87 35.01 -51.07
CA GLY B 396 4.06 35.80 -50.83
C GLY B 396 5.31 35.19 -51.41
N ILE B 397 5.41 33.86 -51.36
CA ILE B 397 6.56 33.19 -51.94
C ILE B 397 6.57 33.42 -53.45
N LEU B 398 5.42 33.23 -54.09
CA LEU B 398 5.32 33.44 -55.53
C LEU B 398 5.83 34.82 -55.93
N LYS B 399 5.41 35.85 -55.21
CA LYS B 399 5.80 37.23 -55.54
C LYS B 399 7.30 37.48 -55.41
N VAL B 400 7.89 37.07 -54.28
CA VAL B 400 9.27 37.40 -53.99
C VAL B 400 10.30 36.37 -54.51
N ALA B 401 9.92 35.10 -54.57
CA ALA B 401 10.86 34.04 -54.92
C ALA B 401 10.62 33.45 -56.31
N GLY B 402 9.40 33.62 -56.84
CA GLY B 402 9.10 33.17 -58.18
C GLY B 402 8.85 31.67 -58.35
N ARG B 403 9.71 30.83 -57.79
CA ARG B 403 9.65 29.39 -58.03
C ARG B 403 9.04 28.62 -56.85
N ILE B 404 7.76 28.26 -56.99
CA ILE B 404 7.02 27.69 -55.85
C ILE B 404 6.20 26.49 -56.33
N ARG B 405 6.39 25.36 -55.66
CA ARG B 405 5.75 24.10 -56.03
C ARG B 405 4.81 23.68 -54.91
N LEU B 406 3.58 23.30 -55.25
CA LEU B 406 2.61 22.90 -54.25
C LEU B 406 2.60 21.38 -54.10
N TYR B 407 2.71 20.90 -52.86
CA TYR B 407 2.58 19.46 -52.59
C TYR B 407 1.09 19.18 -52.62
N ALA B 408 0.66 18.37 -53.59
CA ALA B 408 -0.76 18.23 -53.90
C ALA B 408 -1.20 16.77 -53.79
N PRO B 409 -1.82 16.41 -52.66
CA PRO B 409 -2.34 15.06 -52.50
C PRO B 409 -3.73 14.91 -53.13
N TYR B 410 -4.03 13.71 -53.62
CA TYR B 410 -5.34 13.42 -54.18
C TYR B 410 -5.75 11.99 -53.88
N GLY B 411 -7.05 11.72 -53.89
CA GLY B 411 -7.53 10.37 -53.67
C GLY B 411 -8.72 10.29 -52.74
N ASN B 412 -8.83 9.15 -52.06
CA ASN B 412 -10.01 8.85 -51.25
C ASN B 412 -10.16 9.72 -49.99
N MET B 413 -11.39 10.14 -49.72
CA MET B 413 -11.62 10.99 -48.56
C MET B 413 -11.39 10.27 -47.21
N VAL B 414 -11.42 8.93 -47.19
CA VAL B 414 -11.07 8.22 -45.95
C VAL B 414 -9.63 8.54 -45.45
N PRO B 415 -8.59 8.26 -46.27
CA PRO B 415 -7.28 8.72 -45.80
C PRO B 415 -7.19 10.25 -45.84
N GLY B 416 -8.00 10.89 -46.66
CA GLY B 416 -8.05 12.36 -46.70
C GLY B 416 -8.39 12.95 -45.35
N MET B 417 -9.23 12.25 -44.58
CA MET B 417 -9.62 12.74 -43.26
C MET B 417 -8.48 12.62 -42.25
N GLY B 418 -7.70 11.54 -42.33
CA GLY B 418 -6.56 11.37 -41.43
C GLY B 418 -5.51 12.44 -41.70
N TYR B 419 -5.32 12.73 -42.98
CA TYR B 419 -4.42 13.79 -43.42
C TYR B 419 -4.89 15.14 -42.90
N LEU B 420 -6.19 15.39 -43.02
CA LEU B 420 -6.76 16.63 -42.47
C LEU B 420 -6.45 16.83 -40.98
N VAL B 421 -6.65 15.79 -40.19
CA VAL B 421 -6.40 15.90 -38.75
C VAL B 421 -4.96 16.31 -38.46
N ARG B 422 -4.03 15.74 -39.23
CA ARG B 422 -2.62 16.05 -39.05
C ARG B 422 -2.29 17.46 -39.48
N ARG B 423 -2.98 17.97 -40.50
CA ARG B 423 -2.83 19.38 -40.88
C ARG B 423 -3.34 20.33 -39.80
N LEU B 424 -4.49 19.99 -39.21
CA LEU B 424 -5.08 20.81 -38.15
C LEU B 424 -4.20 20.81 -36.91
N LEU B 425 -3.63 19.66 -36.60
CA LEU B 425 -2.68 19.54 -35.49
C LEU B 425 -1.47 20.43 -35.70
N GLU B 426 -0.92 20.43 -36.91
CA GLU B 426 0.25 21.25 -37.20
C GLU B 426 -0.05 22.74 -37.18
N ASN B 427 -1.19 23.13 -37.75
CA ASN B 427 -1.58 24.55 -37.78
C ASN B 427 -1.88 25.12 -36.41
N THR B 428 -2.39 24.29 -35.50
CA THR B 428 -2.87 24.80 -34.21
C THR B 428 -1.95 24.47 -33.04
N ALA B 429 -0.78 23.89 -33.32
CA ALA B 429 0.20 23.62 -32.26
C ALA B 429 0.68 24.92 -31.61
N ASN B 430 0.95 24.88 -30.30
CA ASN B 430 1.39 26.07 -29.58
C ASN B 430 2.66 26.64 -30.18
N GLU B 431 3.52 25.74 -30.67
CA GLU B 431 4.81 26.13 -31.21
C GLU B 431 4.75 26.48 -32.70
N SER B 432 3.56 26.38 -33.30
CA SER B 432 3.45 26.62 -34.74
C SER B 432 3.73 28.08 -35.11
N PHE B 433 4.63 28.28 -36.09
CA PHE B 433 4.84 29.61 -36.66
C PHE B 433 3.53 30.21 -37.19
N LEU B 434 2.67 29.38 -37.79
CA LEU B 434 1.41 29.89 -38.36
C LEU B 434 0.45 30.35 -37.27
N ARG B 435 0.32 29.55 -36.21
CA ARG B 435 -0.50 29.96 -35.08
C ARG B 435 0.02 31.26 -34.47
N GLN B 436 1.33 31.32 -34.23
CA GLN B 436 1.94 32.51 -33.62
C GLN B 436 1.75 33.75 -34.49
N SER B 437 1.82 33.58 -35.81
CA SER B 437 1.70 34.72 -36.73
C SER B 437 0.26 35.19 -36.95
N PHE B 438 -0.67 34.24 -36.98
CA PHE B 438 -2.02 34.51 -37.50
C PHE B 438 -3.13 34.36 -36.46
N ALA B 439 -2.89 33.60 -35.40
CA ALA B 439 -3.82 33.53 -34.28
C ALA B 439 -3.42 34.45 -33.11
N GLU B 440 -2.14 34.43 -32.76
CA GLU B 440 -1.71 34.98 -31.48
C GLU B 440 -1.14 36.41 -31.54
N ASP B 441 -1.13 37.00 -32.74
CA ASP B 441 -0.57 38.34 -32.92
C ASP B 441 0.82 38.52 -32.29
N ALA B 442 1.72 37.58 -32.55
CA ALA B 442 3.09 37.65 -32.03
C ALA B 442 3.83 38.85 -32.61
N GLN B 443 4.79 39.38 -31.85
CA GLN B 443 5.62 40.47 -32.35
C GLN B 443 6.46 39.96 -33.52
N ILE B 444 6.55 40.76 -34.59
CA ILE B 444 7.31 40.38 -35.79
C ILE B 444 8.78 40.18 -35.47
N GLU B 445 9.33 41.07 -34.64
CA GLU B 445 10.75 40.98 -34.26
C GLU B 445 11.09 39.65 -33.61
N ARG B 446 10.21 39.17 -32.73
CA ARG B 446 10.42 37.89 -32.09
C ARG B 446 10.22 36.73 -33.09
N LEU B 447 9.25 36.88 -33.99
CA LEU B 447 8.99 35.86 -35.00
C LEU B 447 10.17 35.71 -35.97
N LEU B 448 10.83 36.82 -36.28
CA LEU B 448 11.92 36.81 -37.26
C LEU B 448 13.32 36.71 -36.63
N GLU B 449 13.36 36.56 -35.32
CA GLU B 449 14.62 36.43 -34.59
C GLU B 449 15.45 35.24 -35.07
N ASP B 450 16.77 35.40 -35.11
CA ASP B 450 17.69 34.28 -35.35
C ASP B 450 17.37 33.15 -34.37
N PRO B 451 16.97 31.99 -34.89
CA PRO B 451 16.59 30.91 -33.97
C PRO B 451 17.74 30.44 -33.07
N ALA B 452 18.98 30.68 -33.48
CA ALA B 452 20.13 30.36 -32.64
C ALA B 452 20.09 31.21 -31.36
N VAL B 453 19.67 32.46 -31.48
CA VAL B 453 19.45 33.30 -30.31
C VAL B 453 18.32 32.71 -29.47
N THR B 454 17.26 32.29 -30.13
CA THR B 454 16.13 31.66 -29.47
C THR B 454 16.58 30.43 -28.66
N VAL B 455 17.38 29.58 -29.30
CA VAL B 455 17.90 28.35 -28.69
C VAL B 455 18.64 28.64 -27.39
N GLU B 456 19.61 29.56 -27.44
CA GLU B 456 20.38 29.93 -26.25
C GLU B 456 19.48 30.43 -25.12
N ARG B 457 18.50 31.27 -25.44
CA ARG B 457 17.60 31.80 -24.43
C ARG B 457 16.74 30.72 -23.78
N GLU B 458 16.25 29.77 -24.58
CA GLU B 458 15.41 28.72 -24.02
C GLU B 458 16.23 27.60 -23.39
N ARG B 459 17.42 27.36 -23.93
CA ARG B 459 18.35 26.42 -23.28
C ARG B 459 18.74 26.95 -21.91
N ALA B 460 19.10 28.23 -21.85
CA ALA B 460 19.46 28.87 -20.59
C ALA B 460 18.34 28.72 -19.57
N ALA B 461 17.13 29.11 -20.00
CA ALA B 461 15.94 28.97 -19.16
C ALA B 461 15.71 27.53 -18.69
N ARG B 462 15.79 26.58 -19.62
CA ARG B 462 15.54 25.17 -19.30
C ARG B 462 16.59 24.59 -18.35
N ALA B 463 17.67 25.33 -18.14
CA ALA B 463 18.60 25.04 -17.05
C ALA B 463 18.12 25.74 -15.78
N ALA B 464 16.83 25.57 -15.49
CA ALA B 464 16.20 26.11 -14.28
C ALA B 464 14.82 25.49 -14.06
N ARG B 470 11.71 11.94 -12.43
CA ARG B 470 11.32 11.31 -11.17
C ARG B 470 12.52 11.10 -10.26
N LYS B 471 12.27 11.07 -8.96
CA LYS B 471 13.33 10.85 -7.99
C LYS B 471 13.26 9.40 -7.49
N GLY B 472 14.42 8.84 -7.14
CA GLY B 472 14.47 7.53 -6.54
C GLY B 472 14.61 7.65 -5.03
N LEU B 473 14.90 6.54 -4.36
CA LEU B 473 14.99 6.53 -2.90
C LEU B 473 16.28 5.87 -2.43
N GLY B 474 16.74 6.27 -1.24
CA GLY B 474 17.89 5.65 -0.60
C GLY B 474 19.10 5.45 -1.49
N GLY B 475 19.42 6.46 -2.30
CA GLY B 475 20.58 6.42 -3.15
C GLY B 475 20.40 5.69 -4.48
N LEU B 476 19.27 5.01 -4.65
CA LEU B 476 19.01 4.29 -5.90
C LEU B 476 18.17 5.14 -6.84
N PRO B 477 18.54 5.17 -8.13
CA PRO B 477 17.67 5.85 -9.11
C PRO B 477 16.28 5.21 -9.15
N PRO B 478 15.26 5.94 -9.64
CA PRO B 478 13.93 5.33 -9.66
C PRO B 478 13.88 4.15 -10.65
N PHE B 479 12.83 3.35 -10.57
CA PHE B 479 12.71 2.26 -11.52
C PHE B 479 12.40 2.78 -12.91
N ASN B 480 13.05 2.20 -13.91
CA ASN B 480 12.62 2.42 -15.30
C ASN B 480 12.82 1.14 -16.05
N ASN B 481 11.90 0.82 -16.96
CA ASN B 481 12.03 -0.42 -17.74
C ASN B 481 13.28 -0.35 -18.60
N GLU B 482 13.98 -1.47 -18.71
CA GLU B 482 15.23 -1.56 -19.45
C GLU B 482 14.94 -1.23 -20.92
N ALA B 483 15.87 -0.54 -21.58
CA ALA B 483 15.70 -0.18 -23.00
C ALA B 483 15.49 -1.40 -23.89
N MET B 484 14.54 -1.28 -24.82
CA MET B 484 14.24 -2.37 -25.75
C MET B 484 15.28 -2.41 -26.86
N VAL B 485 15.46 -3.58 -27.46
CA VAL B 485 16.39 -3.70 -28.60
C VAL B 485 15.93 -2.72 -29.68
N ASP B 486 16.88 -2.08 -30.35
CA ASP B 486 16.55 -0.98 -31.26
C ASP B 486 17.18 -1.24 -32.61
N PHE B 487 16.45 -1.90 -33.51
CA PHE B 487 17.02 -2.30 -34.80
C PHE B 487 17.21 -1.17 -35.82
N THR B 488 16.95 0.07 -35.43
CA THR B 488 17.40 1.19 -36.26
C THR B 488 18.93 1.27 -36.20
N ARG B 489 19.51 0.67 -35.14
CA ARG B 489 20.95 0.70 -34.95
C ARG B 489 21.66 -0.45 -35.68
N ALA B 490 22.69 -0.13 -36.45
CA ALA B 490 23.47 -1.16 -37.14
C ALA B 490 24.07 -2.16 -36.17
N ASP B 491 24.47 -1.68 -34.99
CA ASP B 491 25.14 -2.56 -34.03
C ASP B 491 24.19 -3.58 -33.40
N HIS B 492 22.94 -3.18 -33.15
CA HIS B 492 21.94 -4.13 -32.67
C HIS B 492 21.57 -5.14 -33.75
N ARG B 493 21.47 -4.69 -34.99
CA ARG B 493 21.16 -5.62 -36.09
C ARG B 493 22.27 -6.66 -36.28
N ALA B 494 23.52 -6.25 -36.09
CA ALA B 494 24.64 -7.16 -36.31
C ALA B 494 24.88 -8.08 -35.10
N ALA B 495 24.38 -7.65 -33.95
CA ALA B 495 24.63 -8.36 -32.68
C ALA B 495 24.01 -9.77 -32.64
N PHE B 496 22.81 -9.94 -33.18
CA PHE B 496 22.13 -11.23 -33.10
C PHE B 496 22.82 -12.37 -33.86
N PRO B 497 23.12 -12.18 -35.16
CA PRO B 497 23.82 -13.27 -35.85
C PRO B 497 25.16 -13.61 -35.21
N LYS B 498 25.85 -12.61 -34.68
CA LYS B 498 27.11 -12.84 -33.98
C LYS B 498 26.96 -13.64 -32.69
N HIS B 499 25.96 -13.29 -31.89
CA HIS B 499 25.75 -13.98 -30.62
C HIS B 499 25.14 -15.37 -30.79
N ILE B 500 24.27 -15.52 -31.80
CA ILE B 500 23.74 -16.85 -32.15
C ILE B 500 24.89 -17.77 -32.56
N ALA B 501 25.81 -17.25 -33.38
CA ALA B 501 26.98 -18.04 -33.78
C ALA B 501 27.82 -18.40 -32.56
N GLN B 502 27.96 -17.46 -31.63
CA GLN B 502 28.74 -17.71 -30.43
C GLN B 502 28.07 -18.80 -29.58
N VAL B 503 26.75 -18.75 -29.43
CA VAL B 503 26.02 -19.79 -28.73
C VAL B 503 26.29 -21.17 -29.34
N ARG B 504 26.33 -21.24 -30.67
CA ARG B 504 26.58 -22.51 -31.35
C ARG B 504 27.94 -23.14 -31.06
N THR B 505 28.88 -22.37 -30.51
CA THR B 505 30.15 -22.94 -30.08
C THR B 505 30.06 -23.47 -28.65
N GLN B 506 28.91 -23.28 -28.00
CA GLN B 506 28.74 -23.70 -26.62
C GLN B 506 27.77 -24.87 -26.45
N LEU B 507 27.51 -25.59 -27.55
CA LEU B 507 26.50 -26.65 -27.53
C LEU B 507 27.08 -27.99 -27.05
N GLY B 508 26.19 -28.88 -26.63
CA GLY B 508 26.59 -30.24 -26.33
C GLY B 508 26.99 -30.44 -24.88
N LYS B 509 26.76 -29.43 -24.05
CA LYS B 509 27.16 -29.56 -22.67
C LYS B 509 26.11 -30.31 -21.85
N THR B 510 26.53 -30.87 -20.73
CA THR B 510 25.63 -31.50 -19.77
C THR B 510 25.40 -30.56 -18.60
N TYR B 511 24.13 -30.30 -18.29
CA TYR B 511 23.77 -29.36 -17.23
C TYR B 511 23.33 -30.14 -16.00
N PRO B 512 24.04 -29.92 -14.87
CA PRO B 512 23.71 -30.69 -13.69
C PRO B 512 22.67 -29.98 -12.83
N LEU B 513 22.27 -30.59 -11.72
CA LEU B 513 21.44 -29.90 -10.77
C LEU B 513 22.36 -28.95 -10.00
N PHE B 514 21.77 -27.95 -9.38
CA PHE B 514 22.58 -27.05 -8.56
C PHE B 514 21.91 -26.99 -7.20
N ILE B 515 22.55 -27.60 -6.21
CA ILE B 515 21.95 -27.72 -4.90
C ILE B 515 22.96 -27.29 -3.83
N ASN B 516 22.56 -26.35 -3.00
CA ASN B 516 23.41 -25.88 -1.91
C ASN B 516 24.78 -25.39 -2.38
N GLY B 517 24.80 -24.68 -3.51
CA GLY B 517 26.04 -24.12 -4.03
C GLY B 517 26.90 -25.12 -4.78
N LYS B 518 26.43 -26.35 -4.92
CA LYS B 518 27.22 -27.37 -5.60
C LYS B 518 26.51 -27.97 -6.80
N GLU B 519 27.28 -28.42 -7.78
CA GLU B 519 26.71 -29.16 -8.91
C GLU B 519 26.52 -30.61 -8.51
N VAL B 520 25.31 -31.13 -8.73
CA VAL B 520 24.99 -32.52 -8.46
C VAL B 520 24.57 -33.16 -9.77
N ARG B 521 25.26 -34.22 -10.18
CA ARG B 521 24.97 -34.88 -11.46
C ARG B 521 24.06 -36.09 -11.22
N THR B 522 23.06 -36.28 -12.08
CA THR B 522 22.32 -37.54 -12.05
C THR B 522 22.56 -38.30 -13.36
N ASN B 523 22.12 -39.55 -13.42
CA ASN B 523 22.34 -40.33 -14.65
C ASN B 523 21.13 -40.39 -15.58
N ASP B 524 20.08 -39.65 -15.23
CA ASP B 524 18.93 -39.54 -16.11
C ASP B 524 19.06 -38.22 -16.88
N LEU B 525 19.40 -38.32 -18.17
CA LEU B 525 19.60 -37.13 -19.02
C LEU B 525 18.47 -36.97 -20.05
N ILE B 526 17.99 -35.74 -20.23
CA ILE B 526 17.07 -35.44 -21.32
C ILE B 526 17.65 -34.37 -22.25
N PRO B 527 17.72 -34.67 -23.55
CA PRO B 527 18.23 -33.66 -24.48
C PRO B 527 17.28 -32.48 -24.63
N THR B 528 17.87 -31.31 -24.84
CA THR B 528 17.10 -30.14 -25.20
C THR B 528 17.50 -29.71 -26.62
N VAL B 529 16.51 -29.52 -27.49
CA VAL B 529 16.79 -29.29 -28.91
C VAL B 529 16.17 -28.01 -29.43
N ASN B 530 16.61 -27.62 -30.62
CA ASN B 530 16.10 -26.45 -31.34
C ASN B 530 14.78 -26.81 -32.01
N PRO B 531 13.68 -26.17 -31.61
CA PRO B 531 12.38 -26.57 -32.19
C PRO B 531 12.25 -26.22 -33.67
N ASN B 532 13.03 -25.25 -34.15
CA ASN B 532 13.06 -24.96 -35.58
C ASN B 532 13.99 -25.88 -36.35
N LYS B 533 14.79 -26.65 -35.62
CA LYS B 533 15.72 -27.61 -36.24
C LYS B 533 16.10 -28.69 -35.24
N PRO B 534 15.17 -29.63 -34.96
CA PRO B 534 15.29 -30.58 -33.84
C PRO B 534 16.53 -31.47 -33.89
N SER B 535 17.09 -31.68 -35.08
CA SER B 535 18.34 -32.43 -35.19
C SER B 535 19.50 -31.70 -34.50
N GLU B 536 19.33 -30.40 -34.27
CA GLU B 536 20.32 -29.62 -33.52
C GLU B 536 20.11 -29.72 -32.01
N VAL B 537 20.95 -30.53 -31.37
CA VAL B 537 20.90 -30.76 -29.92
C VAL B 537 21.71 -29.68 -29.20
N LEU B 538 21.08 -28.99 -28.26
CA LEU B 538 21.73 -27.87 -27.61
C LEU B 538 22.47 -28.31 -26.35
N GLY B 539 21.98 -29.36 -25.71
CA GLY B 539 22.65 -29.92 -24.55
C GLY B 539 21.87 -31.05 -23.91
N GLN B 540 22.38 -31.53 -22.78
CA GLN B 540 21.79 -32.65 -22.05
C GLN B 540 21.52 -32.20 -20.63
N ILE B 541 20.31 -32.44 -20.14
CA ILE B 541 19.93 -31.93 -18.80
C ILE B 541 19.76 -33.07 -17.80
N CYS B 542 20.45 -32.99 -16.67
CA CYS B 542 20.27 -33.95 -15.60
C CYS B 542 18.89 -33.81 -14.98
N GLN B 543 18.28 -34.94 -14.62
CA GLN B 543 16.95 -34.94 -13.99
C GLN B 543 17.00 -35.32 -12.52
N ALA B 544 16.41 -34.50 -11.66
CA ALA B 544 16.36 -34.82 -10.22
C ALA B 544 15.29 -35.86 -9.92
N GLY B 545 15.65 -36.90 -9.17
CA GLY B 545 14.66 -37.78 -8.59
C GLY B 545 14.17 -37.18 -7.29
N THR B 546 13.31 -37.89 -6.57
CA THR B 546 12.78 -37.38 -5.31
C THR B 546 13.89 -37.23 -4.27
N THR B 547 14.91 -38.07 -4.37
CA THR B 547 16.05 -37.94 -3.46
C THR B 547 16.70 -36.56 -3.58
N GLU B 548 17.03 -36.18 -4.81
CA GLU B 548 17.69 -34.91 -5.04
C GLU B 548 16.78 -33.73 -4.74
N VAL B 549 15.49 -33.87 -5.05
CA VAL B 549 14.53 -32.80 -4.72
C VAL B 549 14.46 -32.63 -3.20
N GLY B 550 14.45 -33.75 -2.49
CA GLY B 550 14.48 -33.74 -1.02
C GLY B 550 15.72 -33.03 -0.51
N ASP B 551 16.88 -33.31 -1.14
CA ASP B 551 18.12 -32.64 -0.75
C ASP B 551 18.08 -31.13 -1.00
N ALA B 552 17.46 -30.73 -2.11
CA ALA B 552 17.32 -29.31 -2.42
C ALA B 552 16.45 -28.63 -1.39
N ILE B 553 15.34 -29.26 -1.05
CA ILE B 553 14.42 -28.74 -0.04
C ILE B 553 15.11 -28.64 1.31
N ALA B 554 15.89 -29.67 1.66
CA ALA B 554 16.65 -29.65 2.92
C ALA B 554 17.70 -28.52 2.96
N ALA B 555 18.31 -28.26 1.82
CA ALA B 555 19.35 -27.23 1.74
C ALA B 555 18.70 -25.85 1.84
N ALA B 556 17.57 -25.68 1.17
CA ALA B 556 16.85 -24.42 1.25
C ALA B 556 16.39 -24.18 2.69
N LYS B 557 15.86 -25.23 3.31
CA LYS B 557 15.39 -25.12 4.70
C LYS B 557 16.52 -24.78 5.65
N ALA B 558 17.71 -25.36 5.44
CA ALA B 558 18.86 -25.07 6.29
C ALA B 558 19.41 -23.65 6.07
N ALA B 559 19.26 -23.13 4.85
CA ALA B 559 19.76 -21.78 4.54
C ALA B 559 18.78 -20.69 4.99
N PHE B 560 17.52 -21.08 5.18
CA PHE B 560 16.45 -20.12 5.44
C PHE B 560 16.64 -19.21 6.67
N PRO B 561 17.05 -19.76 7.82
CA PRO B 561 17.14 -18.87 8.99
C PRO B 561 18.12 -17.70 8.82
N ALA B 562 19.33 -17.96 8.32
CA ALA B 562 20.30 -16.89 8.10
C ALA B 562 19.87 -15.95 6.97
N TRP B 563 19.15 -16.48 5.98
CA TRP B 563 18.70 -15.63 4.87
C TRP B 563 17.55 -14.73 5.32
N ARG B 564 16.61 -15.30 6.07
CA ARG B 564 15.51 -14.50 6.64
C ARG B 564 16.06 -13.37 7.53
N ASP B 565 17.12 -13.68 8.28
CA ASP B 565 17.74 -12.70 9.16
C ASP B 565 18.63 -11.69 8.43
N THR B 566 18.79 -11.86 7.13
CA THR B 566 19.60 -10.93 6.34
C THR B 566 18.78 -9.66 6.09
N ASP B 567 19.38 -8.50 6.33
CA ASP B 567 18.71 -7.21 6.12
C ASP B 567 18.12 -7.10 4.70
N PRO B 568 16.86 -6.65 4.59
CA PRO B 568 16.16 -6.57 3.29
C PRO B 568 16.94 -5.75 2.26
N ARG B 569 17.62 -4.70 2.68
CA ARG B 569 18.44 -3.93 1.75
C ARG B 569 19.59 -4.78 1.18
N THR B 570 20.16 -5.65 2.01
CA THR B 570 21.22 -6.54 1.53
C THR B 570 20.68 -7.59 0.58
N ARG B 571 19.50 -8.12 0.87
CA ARG B 571 18.89 -9.09 -0.04
C ARG B 571 18.59 -8.43 -1.39
N ALA B 572 18.15 -7.17 -1.36
CA ALA B 572 17.85 -6.44 -2.60
C ALA B 572 19.11 -6.23 -3.45
N GLU B 573 20.25 -6.04 -2.77
CA GLU B 573 21.52 -5.84 -3.44
C GLU B 573 21.92 -7.02 -4.33
N TYR B 574 21.56 -8.24 -3.92
CA TYR B 574 21.85 -9.41 -4.76
C TYR B 574 21.02 -9.39 -6.04
N LEU B 575 19.79 -8.93 -5.94
CA LEU B 575 18.96 -8.76 -7.14
C LEU B 575 19.55 -7.70 -8.08
N LEU B 576 20.04 -6.59 -7.52
CA LEU B 576 20.67 -5.55 -8.33
C LEU B 576 21.92 -6.04 -9.05
N LYS B 577 22.68 -6.91 -8.39
CA LYS B 577 23.91 -7.46 -8.97
C LYS B 577 23.55 -8.44 -10.08
N ALA B 578 22.51 -9.23 -9.85
CA ALA B 578 22.05 -10.19 -10.86
C ALA B 578 21.53 -9.44 -12.09
N ALA B 579 20.84 -8.33 -11.86
CA ALA B 579 20.37 -7.49 -12.95
C ALA B 579 21.54 -6.96 -13.76
N GLN B 580 22.60 -6.53 -13.08
CA GLN B 580 23.76 -6.00 -13.78
C GLN B 580 24.48 -7.11 -14.53
N ALA B 581 24.56 -8.29 -13.91
CA ALA B 581 25.15 -9.43 -14.60
C ALA B 581 24.38 -9.78 -15.90
N ALA B 582 23.06 -9.71 -15.85
CA ALA B 582 22.24 -10.03 -17.02
C ALA B 582 22.37 -8.94 -18.09
N ARG B 583 22.36 -7.69 -17.65
CA ARG B 583 22.52 -6.54 -18.54
C ARG B 583 23.79 -6.63 -19.40
N LYS B 584 24.91 -7.07 -18.80
CA LYS B 584 26.17 -7.29 -19.52
C LYS B 584 26.10 -8.43 -20.52
N ARG B 585 25.14 -9.33 -20.36
CA ARG B 585 25.03 -10.51 -21.23
C ARG B 585 23.76 -10.49 -22.07
N LEU B 586 23.17 -9.30 -22.28
CA LEU B 586 21.83 -9.20 -22.87
C LEU B 586 21.65 -9.94 -24.20
N PHE B 587 22.51 -9.67 -25.16
CA PHE B 587 22.37 -10.31 -26.47
C PHE B 587 22.71 -11.79 -26.41
N GLU B 588 23.66 -12.15 -25.57
CA GLU B 588 24.03 -13.57 -25.38
C GLU B 588 22.85 -14.37 -24.82
N LEU B 589 22.24 -13.87 -23.74
CA LEU B 589 21.11 -14.56 -23.13
C LEU B 589 19.94 -14.63 -24.10
N SER B 590 19.80 -13.58 -24.91
CA SER B 590 18.73 -13.52 -25.90
C SER B 590 18.95 -14.59 -26.97
N ALA B 591 20.19 -14.74 -27.40
CA ALA B 591 20.51 -15.70 -28.48
C ALA B 591 20.19 -17.13 -28.07
N TRP B 592 20.44 -17.47 -26.81
CA TRP B 592 20.09 -18.80 -26.31
C TRP B 592 18.59 -19.07 -26.48
N GLN B 593 17.75 -18.07 -26.21
CA GLN B 593 16.31 -18.26 -26.36
C GLN B 593 15.88 -18.41 -27.82
N VAL B 594 16.55 -17.72 -28.73
CA VAL B 594 16.23 -17.85 -30.15
C VAL B 594 16.35 -19.31 -30.55
N LEU B 595 17.43 -19.94 -30.12
CA LEU B 595 17.71 -21.32 -30.50
C LEU B 595 16.97 -22.38 -29.64
N GLU B 596 16.93 -22.19 -28.32
CA GLU B 596 16.35 -23.23 -27.47
C GLU B 596 14.82 -23.31 -27.53
N ILE B 597 14.15 -22.18 -27.73
CA ILE B 597 12.68 -22.22 -27.66
C ILE B 597 12.03 -21.49 -28.83
N GLY B 598 12.83 -21.06 -29.80
CA GLY B 598 12.30 -20.48 -31.00
C GLY B 598 11.72 -19.09 -30.84
N LYS B 599 12.26 -18.30 -29.92
CA LYS B 599 11.91 -16.88 -29.84
C LYS B 599 12.47 -16.16 -31.05
N GLN B 600 11.66 -15.26 -31.63
CA GLN B 600 12.18 -14.29 -32.60
C GLN B 600 13.13 -13.30 -31.89
N TRP B 601 13.98 -12.62 -32.65
CA TRP B 601 15.00 -11.73 -32.08
C TRP B 601 14.43 -10.75 -31.06
N ASP B 602 13.39 -10.03 -31.46
CA ASP B 602 12.74 -9.04 -30.59
C ASP B 602 12.07 -9.68 -29.38
N GLN B 603 11.47 -10.84 -29.59
CA GLN B 603 10.83 -11.59 -28.51
C GLN B 603 11.85 -12.06 -27.48
N ALA B 604 12.98 -12.55 -27.95
CA ALA B 604 14.03 -13.01 -27.04
C ALA B 604 14.62 -11.88 -26.21
N TYR B 605 14.95 -10.77 -26.85
CA TYR B 605 15.54 -9.64 -26.15
C TYR B 605 14.53 -9.12 -25.12
N ALA B 606 13.26 -9.05 -25.50
CA ALA B 606 12.22 -8.57 -24.57
C ALA B 606 12.03 -9.48 -23.35
N ASP B 607 12.27 -10.77 -23.51
CA ASP B 607 12.23 -11.74 -22.41
C ASP B 607 13.35 -11.41 -21.43
N VAL B 608 14.54 -11.11 -21.97
CA VAL B 608 15.66 -10.82 -21.09
C VAL B 608 15.52 -9.47 -20.40
N THR B 609 15.01 -8.45 -21.11
CA THR B 609 14.82 -7.15 -20.47
C THR B 609 13.76 -7.21 -19.38
N GLU B 610 12.74 -8.03 -19.59
CA GLU B 610 11.70 -8.18 -18.57
C GLU B 610 12.26 -8.85 -17.33
N ALA B 611 13.14 -9.82 -17.52
CA ALA B 611 13.77 -10.49 -16.40
C ALA B 611 14.55 -9.46 -15.60
N ILE B 612 15.26 -8.60 -16.30
CA ILE B 612 16.02 -7.53 -15.66
C ILE B 612 15.06 -6.56 -14.96
N ASP B 613 13.96 -6.23 -15.60
CA ASP B 613 12.96 -5.37 -14.98
C ASP B 613 12.45 -5.94 -13.63
N PHE B 614 12.11 -7.23 -13.59
CA PHE B 614 11.68 -7.85 -12.34
C PHE B 614 12.72 -7.67 -11.23
N LEU B 615 13.97 -7.96 -11.56
CA LEU B 615 15.08 -7.81 -10.59
C LEU B 615 15.18 -6.38 -10.04
N GLU B 616 15.21 -5.39 -10.94
CA GLU B 616 15.28 -3.98 -10.50
C GLU B 616 14.03 -3.55 -9.74
N TYR B 617 12.87 -4.03 -10.18
CA TYR B 617 11.61 -3.57 -9.56
C TYR B 617 11.39 -4.23 -8.19
N TYR B 618 11.55 -5.54 -8.11
CA TYR B 618 11.38 -6.25 -6.84
C TYR B 618 12.44 -5.87 -5.80
N ALA B 619 13.66 -5.57 -6.26
CA ALA B 619 14.68 -5.07 -5.33
C ALA B 619 14.17 -3.79 -4.68
N ARG B 620 13.65 -2.89 -5.50
CA ARG B 620 13.12 -1.63 -4.98
C ARG B 620 11.89 -1.83 -4.09
N GLU B 621 11.02 -2.75 -4.49
CA GLU B 621 9.84 -3.07 -3.70
C GLU B 621 10.20 -3.60 -2.31
N MET B 622 11.19 -4.49 -2.21
CA MET B 622 11.60 -5.01 -0.90
C MET B 622 12.23 -3.92 -0.03
N ILE B 623 12.96 -3.00 -0.65
CA ILE B 623 13.51 -1.88 0.11
C ILE B 623 12.37 -1.05 0.68
N ARG B 624 11.34 -0.80 -0.14
CA ARG B 624 10.16 -0.06 0.30
C ARG B 624 9.44 -0.79 1.43
N LEU B 625 9.25 -2.09 1.28
CA LEU B 625 8.44 -2.87 2.20
C LEU B 625 9.22 -3.33 3.43
N GLY B 626 10.55 -3.20 3.36
CA GLY B 626 11.42 -3.76 4.37
C GLY B 626 11.53 -2.97 5.66
N GLN B 627 11.14 -1.70 5.61
CA GLN B 627 11.16 -0.85 6.79
C GLN B 627 9.88 -1.03 7.60
N PRO B 628 10.01 -1.44 8.87
CA PRO B 628 8.82 -1.53 9.74
C PRO B 628 8.15 -0.16 9.85
N GLN B 629 6.83 -0.15 9.87
CA GLN B 629 6.08 1.10 9.94
C GLN B 629 5.37 1.18 11.27
N ARG B 630 5.39 2.35 11.90
CA ARG B 630 4.59 2.52 13.10
C ARG B 630 3.12 2.58 12.65
N VAL B 631 2.26 1.82 13.33
CA VAL B 631 0.83 1.89 13.08
C VAL B 631 0.15 2.35 14.37
N GLY B 632 -0.95 3.09 14.24
CA GLY B 632 -1.55 3.73 15.39
C GLY B 632 -0.78 4.94 15.87
N HIS B 633 -1.40 5.71 16.77
CA HIS B 633 -0.79 6.96 17.21
CA HIS B 633 -0.84 6.99 17.18
C HIS B 633 -1.03 7.25 18.68
N ALA B 634 -1.41 6.21 19.42
CA ALA B 634 -1.59 6.39 20.85
C ALA B 634 -0.21 6.53 21.52
N PRO B 635 -0.11 7.43 22.51
CA PRO B 635 1.14 7.62 23.25
C PRO B 635 1.32 6.48 24.26
N GLY B 636 2.52 6.35 24.82
CA GLY B 636 2.78 5.29 25.77
C GLY B 636 2.88 3.92 25.10
N GLU B 637 2.82 3.92 23.78
CA GLU B 637 2.70 2.68 23.01
C GLU B 637 3.39 2.82 21.66
N LEU B 638 4.07 1.75 21.24
CA LEU B 638 4.63 1.69 19.89
C LEU B 638 4.19 0.38 19.25
N ASN B 639 3.46 0.46 18.15
CA ASN B 639 3.17 -0.71 17.34
C ASN B 639 3.94 -0.62 16.04
N HIS B 640 4.72 -1.64 15.72
CA HIS B 640 5.38 -1.70 14.42
C HIS B 640 4.88 -2.89 13.61
N TYR B 641 4.49 -2.59 12.37
CA TYR B 641 3.92 -3.58 11.44
C TYR B 641 4.98 -3.84 10.37
N PHE B 642 5.28 -5.11 10.10
CA PHE B 642 6.35 -5.45 9.16
C PHE B 642 6.11 -6.85 8.63
N TYR B 643 6.95 -7.31 7.73
CA TYR B 643 6.67 -8.58 7.07
C TYR B 643 7.77 -9.61 7.28
N GLU B 644 7.40 -10.89 7.27
CA GLU B 644 8.37 -11.98 7.44
C GLU B 644 8.18 -12.97 6.30
N PRO B 645 9.28 -13.62 5.87
CA PRO B 645 9.11 -14.65 4.84
C PRO B 645 8.48 -15.92 5.41
N LYS B 646 8.20 -16.88 4.53
CA LYS B 646 7.48 -18.10 4.89
C LYS B 646 8.40 -19.30 5.13
N GLY B 647 9.33 -19.51 4.22
CA GLY B 647 10.25 -20.64 4.33
C GLY B 647 10.73 -21.05 2.96
N VAL B 648 10.46 -22.31 2.59
CA VAL B 648 10.93 -22.82 1.31
C VAL B 648 9.82 -22.65 0.27
N ALA B 649 10.18 -22.05 -0.87
CA ALA B 649 9.25 -21.87 -1.99
C ALA B 649 9.62 -22.78 -3.14
N ALA B 650 8.64 -23.53 -3.64
CA ALA B 650 8.82 -24.28 -4.89
C ALA B 650 8.42 -23.33 -6.02
N VAL B 651 9.26 -23.23 -7.03
CA VAL B 651 8.97 -22.35 -8.17
C VAL B 651 8.92 -23.25 -9.40
N ILE B 652 7.75 -23.38 -9.99
CA ILE B 652 7.54 -24.25 -11.15
C ILE B 652 7.26 -23.37 -12.37
N ALA B 653 8.24 -23.23 -13.24
CA ALA B 653 8.23 -22.16 -14.25
C ALA B 653 7.88 -22.69 -15.64
N PRO B 654 7.30 -21.83 -16.49
CA PRO B 654 6.91 -22.27 -17.83
C PRO B 654 8.06 -22.10 -18.82
N TRP B 655 7.90 -22.67 -20.02
CA TRP B 655 8.89 -22.52 -21.09
C TRP B 655 8.69 -21.30 -21.99
N ASN B 656 7.50 -20.69 -21.95
CA ASN B 656 7.18 -19.64 -22.93
C ASN B 656 7.86 -18.29 -22.66
N PHE B 657 8.06 -17.96 -21.38
CA PHE B 657 8.92 -16.84 -21.02
C PHE B 657 9.95 -17.36 -20.04
N PRO B 658 10.93 -18.11 -20.58
CA PRO B 658 11.81 -18.99 -19.80
C PRO B 658 12.80 -18.24 -18.91
N LEU B 659 13.14 -17.00 -19.23
CA LEU B 659 13.97 -16.23 -18.29
C LEU B 659 13.13 -15.24 -17.51
N ALA B 660 12.24 -14.53 -18.21
CA ALA B 660 11.48 -13.46 -17.56
C ALA B 660 10.64 -13.98 -16.39
N ILE B 661 9.78 -14.97 -16.66
CA ILE B 661 8.84 -15.41 -15.63
C ILE B 661 9.51 -16.24 -14.54
N SER B 662 10.47 -17.08 -14.93
CA SER B 662 11.28 -17.79 -13.95
C SER B 662 11.96 -16.79 -13.02
N MET B 663 12.63 -15.81 -13.59
CA MET B 663 13.42 -14.88 -12.79
C MET B 663 12.48 -14.04 -11.93
N GLY B 664 11.33 -13.69 -12.49
CA GLY B 664 10.31 -12.96 -11.75
C GLY B 664 9.85 -13.71 -10.51
N MET B 665 9.42 -14.95 -10.69
CA MET B 665 8.92 -15.72 -9.54
C MET B 665 10.05 -16.04 -8.55
N ALA B 666 11.20 -16.46 -9.06
CA ALA B 666 12.30 -16.83 -8.15
C ALA B 666 12.86 -15.63 -7.38
N SER B 667 13.08 -14.50 -8.07
CA SER B 667 13.66 -13.34 -7.40
C SER B 667 12.68 -12.75 -6.40
N ALA B 668 11.38 -12.82 -6.68
CA ALA B 668 10.37 -12.33 -5.73
C ALA B 668 10.43 -13.14 -4.44
N ALA B 669 10.48 -14.47 -4.57
CA ALA B 669 10.56 -15.35 -3.41
C ALA B 669 11.86 -15.12 -2.63
N ILE B 670 12.97 -15.00 -3.35
CA ILE B 670 14.29 -14.79 -2.75
C ILE B 670 14.41 -13.43 -2.04
N VAL B 671 14.03 -12.35 -2.72
CA VAL B 671 14.21 -11.03 -2.12
C VAL B 671 13.40 -10.88 -0.83
N THR B 672 12.26 -11.57 -0.75
CA THR B 672 11.39 -11.43 0.41
C THR B 672 11.88 -12.30 1.58
N GLY B 673 12.93 -13.07 1.34
CA GLY B 673 13.56 -13.78 2.44
C GLY B 673 13.28 -15.27 2.47
N ASN B 674 12.64 -15.77 1.41
CA ASN B 674 12.41 -17.19 1.27
C ASN B 674 13.56 -17.84 0.52
N CYS B 675 13.67 -19.16 0.61
CA CYS B 675 14.66 -19.90 -0.17
C CYS B 675 13.91 -20.74 -1.18
N VAL B 676 14.55 -20.99 -2.33
CA VAL B 676 13.82 -21.48 -3.51
C VAL B 676 14.31 -22.81 -4.01
N VAL B 677 13.38 -23.70 -4.34
CA VAL B 677 13.69 -24.90 -5.14
C VAL B 677 13.00 -24.69 -6.47
N PHE B 678 13.78 -24.72 -7.54
CA PHE B 678 13.31 -24.23 -8.83
C PHE B 678 13.28 -25.34 -9.86
N LYS B 679 12.10 -25.59 -10.44
CA LYS B 679 11.99 -26.57 -11.51
C LYS B 679 11.70 -25.82 -12.82
N PRO B 680 12.72 -25.69 -13.69
CA PRO B 680 12.41 -25.07 -14.98
C PRO B 680 11.66 -26.09 -15.81
N SER B 681 10.97 -25.62 -16.85
CA SER B 681 10.35 -26.53 -17.80
C SER B 681 11.45 -27.32 -18.50
N GLY B 682 11.18 -28.58 -18.84
CA GLY B 682 12.18 -29.42 -19.48
C GLY B 682 12.82 -28.78 -20.71
N ILE B 683 11.97 -28.28 -21.59
CA ILE B 683 12.46 -27.80 -22.87
C ILE B 683 13.18 -26.44 -22.83
N THR B 684 13.18 -25.78 -21.68
CA THR B 684 13.96 -24.55 -21.53
C THR B 684 14.87 -24.63 -20.31
N SER B 685 15.48 -25.79 -20.10
CA SER B 685 16.30 -26.01 -18.92
C SER B 685 17.62 -25.22 -18.97
N ILE B 686 18.16 -25.03 -20.18
CA ILE B 686 19.37 -24.21 -20.32
C ILE B 686 19.08 -22.75 -19.93
N ILE B 687 17.93 -22.23 -20.33
CA ILE B 687 17.57 -20.88 -19.89
C ILE B 687 17.46 -20.85 -18.36
N GLY B 688 16.94 -21.93 -17.77
CA GLY B 688 16.85 -22.02 -16.32
C GLY B 688 18.23 -22.02 -15.69
N TRP B 689 19.19 -22.62 -16.38
CA TRP B 689 20.57 -22.58 -15.93
C TRP B 689 21.14 -21.17 -15.88
N HIS B 690 20.59 -20.27 -16.71
CA HIS B 690 21.01 -18.87 -16.66
C HIS B 690 20.74 -18.24 -15.29
N LEU B 691 19.67 -18.67 -14.63
CA LEU B 691 19.41 -18.25 -13.25
C LEU B 691 20.50 -18.70 -12.30
N VAL B 692 20.98 -19.93 -12.45
CA VAL B 692 22.10 -20.39 -11.65
C VAL B 692 23.31 -19.49 -11.89
N GLU B 693 23.61 -19.21 -13.16
CA GLU B 693 24.77 -18.38 -13.50
C GLU B 693 24.62 -16.96 -12.94
N LEU B 694 23.46 -16.38 -13.13
CA LEU B 694 23.23 -15.01 -12.67
C LEU B 694 23.29 -14.90 -11.14
N PHE B 695 22.66 -15.82 -10.42
CA PHE B 695 22.68 -15.75 -8.96
C PHE B 695 24.04 -16.12 -8.40
N ARG B 696 24.73 -17.03 -9.07
CA ARG B 696 26.08 -17.38 -8.64
C ARG B 696 26.98 -16.16 -8.82
N GLU B 697 26.86 -15.47 -9.96
CA GLU B 697 27.69 -14.31 -10.21
C GLU B 697 27.41 -13.19 -9.21
N ALA B 698 26.17 -13.08 -8.77
CA ALA B 698 25.82 -12.09 -7.77
C ALA B 698 26.32 -12.46 -6.38
N GLY B 699 26.76 -13.71 -6.20
CA GLY B 699 27.27 -14.18 -4.93
C GLY B 699 26.21 -14.59 -3.92
N LEU B 700 25.03 -14.94 -4.40
CA LEU B 700 23.94 -15.40 -3.55
C LEU B 700 24.38 -16.57 -2.64
N PRO B 701 24.07 -16.51 -1.34
CA PRO B 701 24.52 -17.54 -0.40
C PRO B 701 24.00 -18.93 -0.78
N GLU B 702 24.77 -19.97 -0.46
CA GLU B 702 24.40 -21.33 -0.87
C GLU B 702 23.06 -21.79 -0.28
N GLY B 703 22.25 -22.47 -1.08
CA GLY B 703 20.98 -22.99 -0.58
C GLY B 703 19.80 -22.06 -0.75
N VAL B 704 20.07 -20.78 -0.97
CA VAL B 704 19.01 -19.80 -1.20
C VAL B 704 18.35 -20.02 -2.57
N PHE B 705 19.13 -20.46 -3.55
CA PHE B 705 18.56 -20.83 -4.83
C PHE B 705 19.07 -22.21 -5.25
N ASN B 706 18.13 -23.11 -5.53
CA ASN B 706 18.46 -24.48 -5.95
C ASN B 706 17.77 -24.82 -7.26
N PHE B 707 18.54 -25.42 -8.17
CA PHE B 707 18.08 -25.72 -9.53
C PHE B 707 17.90 -27.24 -9.67
N THR B 708 16.65 -27.68 -9.78
CA THR B 708 16.32 -29.10 -9.86
C THR B 708 15.29 -29.39 -10.94
N PRO B 709 15.71 -29.31 -12.22
CA PRO B 709 14.85 -29.84 -13.28
C PRO B 709 14.63 -31.32 -13.00
N GLY B 710 13.46 -31.84 -13.37
CA GLY B 710 13.16 -33.24 -13.13
C GLY B 710 11.90 -33.62 -13.88
N ARG B 711 11.63 -34.92 -14.01
CA ARG B 711 10.40 -35.38 -14.63
C ARG B 711 9.22 -35.21 -13.67
N GLY B 712 8.19 -34.47 -14.08
CA GLY B 712 7.01 -34.28 -13.26
C GLY B 712 6.38 -35.60 -12.81
N SER B 713 6.44 -36.61 -13.68
CA SER B 713 5.88 -37.91 -13.38
C SER B 713 6.63 -38.61 -12.26
N VAL B 714 7.85 -38.17 -12.00
CA VAL B 714 8.66 -38.76 -10.93
C VAL B 714 8.62 -37.90 -9.66
N MET B 715 8.79 -36.60 -9.81
CA MET B 715 8.98 -35.73 -8.63
C MET B 715 8.02 -34.55 -8.54
N GLY B 716 7.06 -34.49 -9.46
CA GLY B 716 6.10 -33.40 -9.48
C GLY B 716 5.26 -33.28 -8.23
N ASP B 717 4.54 -34.33 -7.88
CA ASP B 717 3.71 -34.30 -6.69
C ASP B 717 4.59 -34.28 -5.45
N TYR B 718 5.73 -34.99 -5.50
CA TYR B 718 6.65 -35.02 -4.36
C TYR B 718 7.02 -33.60 -3.93
N LEU B 719 7.36 -32.76 -4.89
CA LEU B 719 7.75 -31.38 -4.58
C LEU B 719 6.55 -30.60 -3.99
N VAL B 720 5.41 -30.66 -4.67
CA VAL B 720 4.21 -29.96 -4.21
C VAL B 720 3.71 -30.44 -2.84
N ASP B 721 3.79 -31.76 -2.60
CA ASP B 721 3.25 -32.36 -1.37
C ASP B 721 4.16 -32.23 -0.15
N HIS B 722 5.42 -31.91 -0.38
CA HIS B 722 6.43 -31.99 0.69
C HIS B 722 6.08 -31.09 1.88
N PRO B 723 6.20 -31.62 3.11
CA PRO B 723 5.86 -30.89 4.33
C PRO B 723 6.70 -29.63 4.58
N ASP B 724 7.92 -29.54 4.03
CA ASP B 724 8.74 -28.34 4.28
C ASP B 724 8.58 -27.22 3.24
N ILE B 725 7.68 -27.42 2.28
CA ILE B 725 7.34 -26.36 1.34
C ILE B 725 6.26 -25.48 1.98
N SER B 726 6.45 -24.15 1.95
CA SER B 726 5.47 -23.23 2.52
C SER B 726 4.79 -22.40 1.43
N LEU B 727 5.38 -22.40 0.24
CA LEU B 727 4.84 -21.56 -0.84
C LEU B 727 5.12 -22.22 -2.18
N ILE B 728 4.15 -22.15 -3.09
CA ILE B 728 4.32 -22.66 -4.44
C ILE B 728 3.93 -21.57 -5.45
N ALA B 729 4.87 -21.20 -6.30
CA ALA B 729 4.63 -20.25 -7.37
C ALA B 729 4.62 -21.07 -8.64
N PHE B 730 3.50 -21.03 -9.36
CA PHE B 730 3.33 -21.84 -10.55
C PHE B 730 2.76 -20.98 -11.65
N THR B 731 3.31 -21.09 -12.86
CA THR B 731 2.72 -20.47 -14.04
C THR B 731 2.62 -21.55 -15.09
N GLY B 732 1.42 -21.78 -15.63
CA GLY B 732 1.21 -22.87 -16.56
C GLY B 732 -0.26 -23.15 -16.84
N SER B 733 -0.60 -24.38 -17.19
CA SER B 733 -1.98 -24.70 -17.60
C SER B 733 -2.97 -24.72 -16.44
N MET B 734 -4.24 -24.50 -16.75
CA MET B 734 -5.32 -24.56 -15.74
C MET B 734 -5.41 -25.95 -15.08
N GLU B 735 -5.37 -27.01 -15.87
CA GLU B 735 -5.51 -28.35 -15.32
C GLU B 735 -4.45 -28.64 -14.26
N THR B 736 -3.22 -28.21 -14.53
CA THR B 736 -2.11 -28.45 -13.62
C THR B 736 -2.20 -27.52 -12.41
N GLY B 737 -2.52 -26.25 -12.64
CA GLY B 737 -2.66 -25.30 -11.56
C GLY B 737 -3.75 -25.68 -10.59
N LEU B 738 -4.89 -26.09 -11.12
CA LEU B 738 -6.01 -26.52 -10.27
C LEU B 738 -5.63 -27.75 -9.46
N ARG B 739 -4.90 -28.67 -10.09
CA ARG B 739 -4.43 -29.86 -9.37
C ARG B 739 -3.49 -29.53 -8.22
N ILE B 740 -2.56 -28.60 -8.47
CA ILE B 740 -1.62 -28.17 -7.43
C ILE B 740 -2.36 -27.50 -6.28
N ILE B 741 -3.29 -26.62 -6.62
CA ILE B 741 -4.10 -25.94 -5.62
C ILE B 741 -4.80 -26.97 -4.73
N GLU B 742 -5.41 -27.98 -5.34
CA GLU B 742 -6.06 -29.03 -4.56
C GLU B 742 -5.10 -29.81 -3.65
N ARG B 743 -3.98 -30.30 -4.20
CA ARG B 743 -3.02 -31.07 -3.39
C ARG B 743 -2.35 -30.23 -2.32
N ALA B 744 -1.97 -29.01 -2.66
CA ALA B 744 -1.24 -28.15 -1.72
C ALA B 744 -2.05 -27.75 -0.50
N ALA B 745 -3.38 -27.88 -0.58
CA ALA B 745 -4.26 -27.50 0.53
C ALA B 745 -4.22 -28.47 1.72
N LYS B 746 -3.86 -29.73 1.47
CA LYS B 746 -3.67 -30.67 2.58
C LYS B 746 -2.48 -30.28 3.45
N VAL B 747 -2.66 -30.33 4.78
CA VAL B 747 -1.56 -30.13 5.72
C VAL B 747 -1.03 -31.50 6.21
N HIS B 748 0.22 -31.80 5.88
CA HIS B 748 0.83 -33.08 6.24
C HIS B 748 1.51 -33.02 7.60
N PRO B 749 1.69 -34.19 8.24
CA PRO B 749 2.48 -34.23 9.48
C PRO B 749 3.85 -33.57 9.29
N GLY B 750 4.22 -32.69 10.21
CA GLY B 750 5.47 -31.98 10.12
C GLY B 750 5.34 -30.65 9.41
N GLN B 751 4.21 -30.44 8.73
CA GLN B 751 4.03 -29.23 7.92
C GLN B 751 3.71 -28.00 8.78
N ALA B 752 4.60 -27.00 8.72
CA ALA B 752 4.51 -25.82 9.59
C ALA B 752 3.45 -24.79 9.17
N ASN B 753 3.22 -24.64 7.87
CA ASN B 753 2.35 -23.59 7.35
C ASN B 753 1.25 -24.13 6.45
N VAL B 754 0.14 -23.39 6.35
CA VAL B 754 -0.78 -23.63 5.25
C VAL B 754 -0.08 -23.12 4.01
N LYS B 755 0.03 -23.95 2.96
CA LYS B 755 0.77 -23.54 1.77
C LYS B 755 0.12 -22.37 1.05
N LYS B 756 0.93 -21.36 0.73
CA LYS B 756 0.47 -20.21 -0.04
C LYS B 756 0.63 -20.57 -1.51
N ILE B 757 -0.45 -20.42 -2.29
CA ILE B 757 -0.36 -20.72 -3.72
C ILE B 757 -0.36 -19.44 -4.56
N ILE B 758 0.62 -19.32 -5.42
CA ILE B 758 0.62 -18.27 -6.42
C ILE B 758 0.63 -18.96 -7.79
N SER B 759 -0.47 -18.81 -8.53
CA SER B 759 -0.75 -19.67 -9.69
C SER B 759 -1.32 -18.88 -10.85
N GLU B 760 -0.52 -18.66 -11.88
CA GLU B 760 -1.03 -18.02 -13.10
C GLU B 760 -1.32 -19.09 -14.13
N MET B 761 -2.55 -19.10 -14.63
CA MET B 761 -2.98 -20.18 -15.49
C MET B 761 -3.35 -19.62 -16.88
N GLY B 762 -4.28 -20.25 -17.58
CA GLY B 762 -4.51 -19.86 -18.96
C GLY B 762 -5.31 -18.60 -19.22
N GLY B 763 -5.44 -18.27 -20.50
CA GLY B 763 -6.38 -17.25 -20.91
C GLY B 763 -6.97 -17.72 -22.24
N LYS B 764 -8.21 -17.30 -22.51
CA LYS B 764 -8.80 -17.45 -23.85
C LYS B 764 -9.20 -16.04 -24.26
N ASN B 765 -8.21 -15.25 -24.62
CA ASN B 765 -8.34 -13.80 -24.71
C ASN B 765 -8.94 -13.30 -26.02
N ALA B 766 -9.89 -12.39 -25.89
CA ALA B 766 -10.55 -11.81 -27.06
C ALA B 766 -10.15 -10.37 -27.28
N ILE B 767 -10.07 -9.99 -28.55
CA ILE B 767 -10.03 -8.57 -28.90
C ILE B 767 -11.32 -8.23 -29.64
N ILE B 768 -11.97 -7.15 -29.24
CA ILE B 768 -13.20 -6.70 -29.90
C ILE B 768 -12.86 -5.63 -30.93
N ILE B 769 -13.39 -5.81 -32.15
CA ILE B 769 -13.22 -4.81 -33.21
C ILE B 769 -14.57 -4.13 -33.44
N ASP B 770 -14.72 -2.92 -32.91
CA ASP B 770 -15.99 -2.18 -32.97
C ASP B 770 -16.17 -1.58 -34.37
N ASP B 771 -17.40 -1.18 -34.68
CA ASP B 771 -17.75 -0.58 -35.96
C ASP B 771 -16.85 0.56 -36.40
N ASP B 772 -16.45 1.38 -35.44
CA ASP B 772 -15.71 2.59 -35.74
C ASP B 772 -14.20 2.44 -35.53
N ALA B 773 -13.73 1.20 -35.43
CA ALA B 773 -12.31 0.96 -35.18
C ALA B 773 -11.46 1.49 -36.33
N ASP B 774 -10.26 1.98 -35.99
CA ASP B 774 -9.26 2.32 -36.99
C ASP B 774 -8.62 1.01 -37.41
N LEU B 775 -8.99 0.52 -38.59
CA LEU B 775 -8.52 -0.79 -39.05
C LEU B 775 -7.04 -0.79 -39.45
N ASP B 776 -6.52 0.37 -39.82
CA ASP B 776 -5.08 0.50 -40.10
C ASP B 776 -4.28 0.16 -38.86
N GLU B 777 -4.86 0.40 -37.69
CA GLU B 777 -4.21 0.05 -36.43
C GLU B 777 -4.64 -1.34 -35.95
N ALA B 778 -5.94 -1.61 -36.03
CA ALA B 778 -6.50 -2.85 -35.47
C ALA B 778 -5.92 -4.10 -36.13
N VAL B 779 -5.83 -4.09 -37.45
CA VAL B 779 -5.38 -5.27 -38.19
C VAL B 779 -3.95 -5.73 -37.79
N PRO B 780 -2.95 -4.83 -37.83
CA PRO B 780 -1.64 -5.34 -37.43
C PRO B 780 -1.51 -5.67 -35.94
N HIS B 781 -2.23 -4.96 -35.09
CA HIS B 781 -2.20 -5.29 -33.66
C HIS B 781 -2.88 -6.62 -33.35
N VAL B 782 -3.93 -6.96 -34.10
CA VAL B 782 -4.56 -8.27 -33.94
C VAL B 782 -3.65 -9.38 -34.44
N LEU B 783 -3.01 -9.17 -35.60
CA LEU B 783 -2.12 -10.20 -36.14
C LEU B 783 -0.97 -10.48 -35.17
N TYR B 784 -0.42 -9.43 -34.58
CA TYR B 784 0.71 -9.63 -33.66
C TYR B 784 0.26 -10.28 -32.35
N SER B 785 -0.94 -9.89 -31.87
CA SER B 785 -1.47 -10.44 -30.62
C SER B 785 -1.78 -11.92 -30.75
N ALA B 786 -2.15 -12.34 -31.95
CA ALA B 786 -2.53 -13.73 -32.21
C ALA B 786 -1.31 -14.58 -32.52
N PHE B 787 -0.37 -14.03 -33.28
CA PHE B 787 0.68 -14.85 -33.87
C PHE B 787 2.10 -14.50 -33.45
N GLY B 788 2.28 -13.42 -32.67
CA GLY B 788 3.60 -13.14 -32.11
C GLY B 788 4.07 -14.34 -31.29
N PHE B 789 5.34 -14.73 -31.43
CA PHE B 789 5.85 -15.94 -30.81
C PHE B 789 4.91 -17.16 -31.03
N GLN B 790 4.36 -17.28 -32.25
CA GLN B 790 3.54 -18.45 -32.62
C GLN B 790 2.31 -18.60 -31.76
N GLY B 791 1.82 -17.51 -31.16
CA GLY B 791 0.63 -17.61 -30.33
C GLY B 791 0.88 -18.21 -28.95
N GLN B 792 2.14 -18.37 -28.56
CA GLN B 792 2.46 -19.10 -27.33
C GLN B 792 2.59 -18.20 -26.10
N LYS B 793 1.55 -17.42 -25.84
CA LYS B 793 1.56 -16.47 -24.72
C LYS B 793 0.25 -16.63 -24.00
N CYS B 794 0.26 -16.53 -22.67
CA CYS B 794 -0.98 -16.68 -21.91
C CYS B 794 -1.89 -15.51 -22.26
N SER B 795 -1.27 -14.41 -22.68
CA SER B 795 -1.97 -13.18 -23.03
C SER B 795 -2.40 -13.11 -24.49
N ALA B 796 -2.03 -14.09 -25.31
CA ALA B 796 -2.28 -13.99 -26.76
C ALA B 796 -3.76 -13.86 -27.11
N CYS B 797 -4.07 -13.12 -28.18
CA CYS B 797 -5.42 -13.08 -28.72
C CYS B 797 -5.73 -14.36 -29.46
N SER B 798 -6.74 -15.09 -29.02
CA SER B 798 -7.14 -16.32 -29.72
C SER B 798 -8.57 -16.22 -30.23
N ARG B 799 -9.22 -15.11 -29.90
CA ARG B 799 -10.58 -14.84 -30.36
C ARG B 799 -10.63 -13.40 -30.81
N VAL B 800 -10.96 -13.15 -32.07
CA VAL B 800 -11.22 -11.77 -32.45
C VAL B 800 -12.70 -11.63 -32.79
N ILE B 801 -13.37 -10.76 -32.05
CA ILE B 801 -14.83 -10.64 -32.11
C ILE B 801 -15.13 -9.36 -32.86
N VAL B 802 -15.71 -9.50 -34.03
CA VAL B 802 -15.77 -8.39 -34.97
C VAL B 802 -17.23 -8.01 -35.22
N LEU B 803 -17.51 -6.71 -35.13
CA LEU B 803 -18.86 -6.19 -35.32
C LEU B 803 -19.31 -6.40 -36.77
N ASP B 804 -20.57 -6.82 -36.90
CA ASP B 804 -21.22 -7.21 -38.14
C ASP B 804 -20.93 -6.32 -39.34
N ALA B 805 -21.08 -5.01 -39.17
CA ALA B 805 -20.97 -4.07 -40.30
C ALA B 805 -19.55 -3.82 -40.81
N VAL B 806 -18.54 -4.25 -40.06
CA VAL B 806 -17.16 -4.04 -40.48
C VAL B 806 -16.47 -5.40 -40.71
N TYR B 807 -17.22 -6.48 -40.54
CA TYR B 807 -16.66 -7.83 -40.57
C TYR B 807 -15.94 -8.15 -41.89
N ASP B 808 -16.64 -7.99 -43.01
CA ASP B 808 -16.08 -8.41 -44.29
C ASP B 808 -14.81 -7.66 -44.65
N LYS B 809 -14.79 -6.35 -44.40
CA LYS B 809 -13.61 -5.57 -44.72
C LYS B 809 -12.45 -5.77 -43.73
N PHE B 810 -12.76 -5.93 -42.44
CA PHE B 810 -11.73 -6.30 -41.47
C PHE B 810 -11.05 -7.62 -41.84
N ILE B 811 -11.87 -8.64 -42.09
CA ILE B 811 -11.35 -9.96 -42.43
C ILE B 811 -10.51 -9.96 -43.70
N GLU B 812 -10.97 -9.26 -44.73
CA GLU B 812 -10.21 -9.19 -45.98
C GLU B 812 -8.79 -8.66 -45.70
N ARG B 813 -8.70 -7.60 -44.90
CA ARG B 813 -7.41 -6.98 -44.64
C ARG B 813 -6.55 -7.83 -43.71
N LEU B 814 -7.15 -8.42 -42.67
CA LEU B 814 -6.40 -9.29 -41.76
C LEU B 814 -5.80 -10.47 -42.52
N VAL B 815 -6.65 -11.13 -43.31
CA VAL B 815 -6.17 -12.28 -44.10
C VAL B 815 -5.11 -11.88 -45.13
N SER B 816 -5.33 -10.77 -45.83
CA SER B 816 -4.33 -10.30 -46.80
C SER B 816 -3.00 -9.93 -46.13
N MET B 817 -3.06 -9.35 -44.93
CA MET B 817 -1.82 -9.09 -44.21
C MET B 817 -1.15 -10.40 -43.77
N ALA B 818 -1.93 -11.34 -43.25
CA ALA B 818 -1.38 -12.64 -42.86
C ALA B 818 -0.66 -13.30 -44.03
N LYS B 819 -1.25 -13.20 -45.23
CA LYS B 819 -0.67 -13.81 -46.42
C LYS B 819 0.73 -13.29 -46.75
N ALA B 820 1.02 -12.06 -46.35
CA ALA B 820 2.33 -11.45 -46.62
C ALA B 820 3.40 -11.96 -45.68
N THR B 821 2.99 -12.46 -44.51
CA THR B 821 3.96 -12.92 -43.52
C THR B 821 4.52 -14.28 -43.90
N LYS B 822 5.72 -14.57 -43.41
CA LYS B 822 6.38 -15.84 -43.68
C LYS B 822 6.61 -16.61 -42.38
N VAL B 823 6.46 -17.93 -42.43
CA VAL B 823 6.67 -18.78 -41.27
C VAL B 823 7.98 -19.55 -41.46
N GLY B 824 8.84 -19.53 -40.45
CA GLY B 824 10.12 -20.21 -40.55
C GLY B 824 11.01 -19.95 -39.34
N PRO B 825 12.23 -20.51 -39.34
CA PRO B 825 13.17 -20.41 -38.22
C PRO B 825 13.30 -19.01 -37.63
N SER B 826 13.20 -18.91 -36.31
CA SER B 826 13.25 -17.63 -35.62
C SER B 826 14.62 -16.97 -35.70
N GLU B 827 15.65 -17.73 -36.08
CA GLU B 827 16.97 -17.11 -36.17
C GLU B 827 17.09 -16.25 -37.42
N ASP B 828 16.22 -16.49 -38.40
CA ASP B 828 16.11 -15.65 -39.60
C ASP B 828 15.07 -14.56 -39.32
N PRO B 829 15.50 -13.29 -39.24
CA PRO B 829 14.62 -12.20 -38.85
C PRO B 829 13.53 -11.87 -39.88
N ALA B 830 13.62 -12.45 -41.06
CA ALA B 830 12.61 -12.24 -42.10
C ALA B 830 11.29 -12.97 -41.80
N ASN B 831 11.35 -14.00 -40.96
CA ASN B 831 10.17 -14.77 -40.59
C ASN B 831 9.35 -14.10 -39.50
N TYR B 832 8.04 -14.11 -39.65
CA TYR B 832 7.14 -13.47 -38.67
C TYR B 832 6.98 -14.35 -37.43
N MET B 833 6.87 -15.66 -37.66
CA MET B 833 6.77 -16.64 -36.59
C MET B 833 7.37 -17.95 -37.10
N GLY B 834 7.59 -18.90 -36.19
CA GLY B 834 8.30 -20.12 -36.52
C GLY B 834 7.69 -21.32 -35.82
N ALA B 835 8.51 -22.33 -35.57
CA ALA B 835 8.01 -23.58 -35.01
C ALA B 835 7.52 -23.37 -33.59
N VAL B 836 6.55 -24.19 -33.18
CA VAL B 836 6.08 -24.19 -31.80
C VAL B 836 7.04 -24.99 -30.93
N ALA B 837 6.76 -25.04 -29.63
CA ALA B 837 7.75 -25.43 -28.62
C ALA B 837 8.36 -26.83 -28.73
N ASP B 838 7.55 -27.82 -29.08
CA ASP B 838 8.03 -29.20 -29.19
C ASP B 838 7.04 -30.05 -29.98
N ASP B 839 7.36 -31.34 -30.14
CA ASP B 839 6.54 -32.22 -30.95
C ASP B 839 5.13 -32.38 -30.35
N LYS B 840 5.06 -32.42 -29.02
CA LYS B 840 3.77 -32.59 -28.35
C LYS B 840 2.87 -31.39 -28.60
N ALA B 841 3.42 -30.19 -28.45
CA ALA B 841 2.69 -28.96 -28.77
C ALA B 841 2.22 -28.93 -30.22
N MET B 842 3.10 -29.30 -31.14
CA MET B 842 2.75 -29.26 -32.58
C MET B 842 1.56 -30.17 -32.84
N LYS B 843 1.58 -31.37 -32.27
CA LYS B 843 0.47 -32.31 -32.46
C LYS B 843 -0.83 -31.85 -31.80
N SER B 844 -0.73 -31.32 -30.58
CA SER B 844 -1.91 -30.81 -29.88
C SER B 844 -2.53 -29.65 -30.65
N ILE B 845 -1.70 -28.70 -31.07
CA ILE B 845 -2.19 -27.56 -31.84
C ILE B 845 -2.82 -27.96 -33.19
N LYS B 846 -2.17 -28.86 -33.93
CA LYS B 846 -2.73 -29.32 -35.20
C LYS B 846 -4.09 -30.00 -35.01
N GLU B 847 -4.26 -30.75 -33.92
CA GLU B 847 -5.56 -31.35 -33.63
C GLU B 847 -6.62 -30.30 -33.36
N TYR B 848 -6.27 -29.26 -32.61
CA TYR B 848 -7.19 -28.15 -32.38
C TYR B 848 -7.56 -27.45 -33.69
N ALA B 849 -6.59 -27.24 -34.56
CA ALA B 849 -6.88 -26.63 -35.86
C ALA B 849 -7.89 -27.46 -36.63
N GLU B 850 -7.72 -28.78 -36.61
CA GLU B 850 -8.66 -29.65 -37.33
C GLU B 850 -10.06 -29.58 -36.71
N ILE B 851 -10.12 -29.59 -35.38
CA ILE B 851 -11.39 -29.42 -34.68
C ILE B 851 -12.03 -28.11 -35.10
N GLY B 852 -11.23 -27.06 -35.12
CA GLY B 852 -11.71 -25.74 -35.46
C GLY B 852 -12.21 -25.63 -36.88
N LYS B 853 -11.56 -26.33 -37.80
CA LYS B 853 -11.99 -26.27 -39.20
C LYS B 853 -13.29 -27.03 -39.41
N ARG B 854 -13.69 -27.82 -38.42
CA ARG B 854 -14.96 -28.55 -38.49
C ARG B 854 -16.08 -27.78 -37.80
N GLU B 855 -15.70 -26.85 -36.93
CA GLU B 855 -16.68 -26.00 -36.26
C GLU B 855 -16.98 -24.76 -37.11
N GLY B 856 -15.93 -24.14 -37.63
CA GLY B 856 -16.08 -22.94 -38.44
C GLY B 856 -15.58 -23.18 -39.84
N HIS B 857 -15.05 -22.13 -40.47
CA HIS B 857 -14.54 -22.26 -41.82
C HIS B 857 -13.18 -21.61 -41.95
N VAL B 858 -12.24 -22.34 -42.55
CA VAL B 858 -10.86 -21.85 -42.66
C VAL B 858 -10.80 -20.57 -43.52
N LEU B 859 -10.17 -19.52 -43.00
CA LEU B 859 -9.99 -18.29 -43.75
C LEU B 859 -8.56 -18.16 -44.28
N TYR B 860 -7.61 -18.75 -43.55
CA TYR B 860 -6.21 -18.69 -43.97
C TYR B 860 -5.44 -19.80 -43.29
N GLU B 861 -4.60 -20.48 -44.07
CA GLU B 861 -3.69 -21.48 -43.51
C GLU B 861 -2.38 -21.34 -44.26
N SER B 862 -1.35 -20.85 -43.55
CA SER B 862 -0.10 -20.50 -44.22
C SER B 862 0.67 -21.72 -44.71
N PRO B 863 1.54 -21.53 -45.71
CA PRO B 863 2.56 -22.56 -45.96
C PRO B 863 3.49 -22.64 -44.75
N VAL B 864 4.24 -23.74 -44.63
CA VAL B 864 5.29 -23.87 -43.62
C VAL B 864 6.48 -24.47 -44.36
N PRO B 865 7.70 -24.35 -43.80
CA PRO B 865 8.85 -24.89 -44.55
C PRO B 865 8.79 -26.41 -44.66
N ALA B 866 9.37 -26.95 -45.72
CA ALA B 866 9.52 -28.39 -45.87
C ALA B 866 10.61 -28.88 -44.92
N GLY B 867 10.56 -30.16 -44.56
CA GLY B 867 11.62 -30.75 -43.74
C GLY B 867 11.40 -30.64 -42.24
N GLU B 868 12.47 -30.77 -41.46
CA GLU B 868 12.34 -30.85 -40.01
C GLU B 868 11.92 -29.51 -39.37
N GLY B 869 11.37 -29.61 -38.16
CA GLY B 869 10.92 -28.43 -37.43
C GLY B 869 9.47 -28.56 -37.00
N TYR B 870 9.14 -28.11 -35.79
CA TYR B 870 7.78 -28.29 -35.26
C TYR B 870 6.84 -27.21 -35.77
N PHE B 871 6.63 -27.17 -37.09
CA PHE B 871 5.84 -26.11 -37.70
C PHE B 871 4.34 -26.34 -37.67
N VAL B 872 3.61 -25.31 -37.27
CA VAL B 872 2.16 -25.26 -37.36
C VAL B 872 1.84 -24.05 -38.21
N PRO B 873 1.00 -24.22 -39.22
CA PRO B 873 0.63 -23.09 -40.09
C PRO B 873 0.03 -21.94 -39.29
N MET B 874 0.30 -20.70 -39.68
CA MET B 874 -0.50 -19.57 -39.19
C MET B 874 -1.93 -19.82 -39.67
N THR B 875 -2.88 -19.97 -38.75
CA THR B 875 -4.23 -20.44 -39.08
C THR B 875 -5.31 -19.48 -38.57
N ILE B 876 -6.20 -19.06 -39.48
CA ILE B 876 -7.34 -18.21 -39.11
C ILE B 876 -8.66 -18.89 -39.53
N ILE B 877 -9.59 -19.01 -38.58
CA ILE B 877 -10.82 -19.77 -38.80
C ILE B 877 -11.99 -18.86 -38.43
N GLY B 878 -12.95 -18.70 -39.35
CA GLY B 878 -14.09 -17.81 -39.11
C GLY B 878 -15.35 -18.62 -38.86
N GLY B 879 -16.48 -17.95 -38.67
CA GLY B 879 -17.72 -18.63 -38.34
C GLY B 879 -17.76 -19.21 -36.92
N ILE B 880 -16.87 -18.75 -36.06
CA ILE B 880 -16.77 -19.32 -34.72
C ILE B 880 -17.76 -18.67 -33.76
N LYS B 881 -18.39 -19.48 -32.91
CA LYS B 881 -19.39 -19.02 -31.96
C LYS B 881 -19.02 -19.50 -30.56
N PRO B 882 -19.60 -18.87 -29.51
CA PRO B 882 -19.17 -19.18 -28.14
C PRO B 882 -19.35 -20.67 -27.77
N GLU B 883 -20.29 -21.33 -28.44
CA GLU B 883 -20.57 -22.74 -28.19
C GLU B 883 -19.44 -23.66 -28.65
N HIS B 884 -18.53 -23.13 -29.47
CA HIS B 884 -17.52 -23.99 -30.11
C HIS B 884 -16.31 -24.24 -29.22
N ARG B 885 -15.67 -25.40 -29.39
CA ARG B 885 -14.51 -25.75 -28.57
C ARG B 885 -13.38 -24.75 -28.74
N ILE B 886 -13.10 -24.34 -29.98
CA ILE B 886 -11.99 -23.40 -30.17
C ILE B 886 -12.38 -21.98 -29.75
N ALA B 887 -13.63 -21.79 -29.33
CA ALA B 887 -14.00 -20.52 -28.69
C ALA B 887 -13.84 -20.58 -27.16
N GLN B 888 -13.46 -21.74 -26.64
CA GLN B 888 -13.45 -21.95 -25.18
C GLN B 888 -12.13 -22.48 -24.63
N GLU B 889 -11.46 -23.32 -25.40
CA GLU B 889 -10.31 -24.06 -24.91
C GLU B 889 -9.02 -23.39 -25.35
N GLU B 890 -8.06 -23.29 -24.44
CA GLU B 890 -6.81 -22.61 -24.73
C GLU B 890 -5.96 -23.49 -25.61
N ILE B 891 -5.56 -22.99 -26.77
CA ILE B 891 -4.80 -23.77 -27.75
C ILE B 891 -3.30 -23.54 -27.62
N PHE B 892 -2.93 -22.32 -27.23
CA PHE B 892 -1.53 -21.94 -27.05
C PHE B 892 -0.72 -22.15 -28.31
N GLY B 893 -1.27 -21.71 -29.43
CA GLY B 893 -0.63 -21.88 -30.73
C GLY B 893 -1.19 -20.92 -31.75
N PRO B 894 -0.70 -20.99 -32.99
CA PRO B 894 -1.08 -19.98 -33.98
C PRO B 894 -2.41 -20.29 -34.66
N VAL B 895 -3.46 -20.34 -33.84
CA VAL B 895 -4.82 -20.60 -34.32
C VAL B 895 -5.75 -19.50 -33.82
N LEU B 896 -6.23 -18.67 -34.73
CA LEU B 896 -7.07 -17.54 -34.37
C LEU B 896 -8.52 -17.78 -34.78
N ALA B 897 -9.44 -17.65 -33.82
CA ALA B 897 -10.87 -17.78 -34.07
C ALA B 897 -11.46 -16.41 -34.35
N VAL B 898 -12.20 -16.30 -35.44
CA VAL B 898 -12.90 -15.05 -35.78
C VAL B 898 -14.41 -15.22 -35.55
N MET B 899 -15.00 -14.30 -34.78
CA MET B 899 -16.39 -14.42 -34.32
C MET B 899 -17.17 -13.18 -34.74
N ARG B 900 -18.34 -13.37 -35.36
CA ARG B 900 -19.10 -12.26 -35.93
C ARG B 900 -20.24 -11.84 -35.00
N ALA B 901 -20.09 -10.70 -34.35
CA ALA B 901 -21.08 -10.24 -33.36
C ALA B 901 -22.15 -9.36 -34.00
N LYS B 902 -23.41 -9.55 -33.62
CA LYS B 902 -24.48 -8.80 -34.28
C LYS B 902 -24.53 -7.35 -33.82
N ASP B 903 -24.05 -7.09 -32.60
CA ASP B 903 -24.02 -5.72 -32.07
C ASP B 903 -23.06 -5.64 -30.88
N PHE B 904 -22.81 -4.45 -30.36
CA PHE B 904 -21.79 -4.30 -29.34
C PHE B 904 -22.14 -5.05 -28.05
N ASP B 905 -23.43 -5.07 -27.72
CA ASP B 905 -23.90 -5.84 -26.58
C ASP B 905 -23.54 -7.31 -26.71
N GLN B 906 -23.75 -7.90 -27.88
CA GLN B 906 -23.39 -9.30 -28.06
C GLN B 906 -21.88 -9.48 -28.04
N ALA B 907 -21.14 -8.48 -28.51
CA ALA B 907 -19.67 -8.58 -28.53
C ALA B 907 -19.13 -8.71 -27.12
N ILE B 908 -19.66 -7.89 -26.23
CA ILE B 908 -19.23 -7.92 -24.83
C ILE B 908 -19.61 -9.24 -24.18
N GLU B 909 -20.85 -9.66 -24.42
CA GLU B 909 -21.34 -10.93 -23.89
C GLU B 909 -20.49 -12.10 -24.37
N TRP B 910 -20.14 -12.10 -25.66
CA TRP B 910 -19.25 -13.13 -26.20
C TRP B 910 -17.84 -13.06 -25.62
N ALA B 911 -17.33 -11.85 -25.41
CA ALA B 911 -16.01 -11.69 -24.80
C ALA B 911 -15.99 -12.33 -23.41
N ASN B 912 -17.09 -12.18 -22.69
CA ASN B 912 -17.23 -12.71 -21.33
C ASN B 912 -17.72 -14.15 -21.23
N SER B 913 -17.75 -14.88 -22.36
CA SER B 913 -18.38 -16.22 -22.39
C SER B 913 -17.46 -17.42 -22.06
N THR B 914 -16.23 -17.17 -21.63
CA THR B 914 -15.31 -18.27 -21.33
C THR B 914 -15.13 -18.35 -19.82
N GLN B 915 -14.37 -19.32 -19.34
CA GLN B 915 -14.13 -19.39 -17.90
C GLN B 915 -12.86 -18.63 -17.48
N PHE B 916 -12.21 -17.98 -18.44
CA PHE B 916 -10.97 -17.28 -18.17
C PHE B 916 -11.18 -15.78 -18.16
N ALA B 917 -10.25 -15.05 -17.56
CA ALA B 917 -10.31 -13.59 -17.54
C ALA B 917 -8.92 -12.98 -17.41
N LEU B 918 -8.04 -13.32 -18.34
CA LEU B 918 -6.65 -12.89 -18.24
C LEU B 918 -6.41 -11.56 -18.94
N THR B 919 -6.40 -11.56 -20.28
CA THR B 919 -6.31 -10.29 -21.01
C THR B 919 -7.49 -10.11 -21.96
N GLY B 920 -7.62 -8.88 -22.47
CA GLY B 920 -8.62 -8.59 -23.48
C GLY B 920 -8.24 -7.31 -24.18
N GLY B 921 -8.81 -7.09 -25.36
CA GLY B 921 -8.52 -5.88 -26.10
C GLY B 921 -9.79 -5.34 -26.73
N ILE B 922 -9.80 -4.05 -27.02
CA ILE B 922 -10.89 -3.46 -27.79
C ILE B 922 -10.37 -2.34 -28.67
N PHE B 923 -10.66 -2.40 -29.97
CA PHE B 923 -10.44 -1.25 -30.84
C PHE B 923 -11.77 -0.59 -31.06
N SER B 924 -11.88 0.65 -30.60
CA SER B 924 -13.11 1.42 -30.68
C SER B 924 -12.80 2.88 -30.48
N ARG B 925 -13.59 3.75 -31.11
CA ARG B 925 -13.42 5.19 -30.92
C ARG B 925 -14.75 5.76 -30.49
N SER B 926 -15.52 4.92 -29.78
CA SER B 926 -16.78 5.33 -29.19
C SER B 926 -16.61 5.44 -27.67
N PRO B 927 -16.72 6.66 -27.13
CA PRO B 927 -16.57 6.86 -25.69
C PRO B 927 -17.53 5.97 -24.88
N GLU B 928 -18.75 5.78 -25.34
CA GLU B 928 -19.70 4.94 -24.61
C GLU B 928 -19.34 3.46 -24.63
N HIS B 929 -18.91 2.98 -25.79
CA HIS B 929 -18.48 1.58 -25.91
C HIS B 929 -17.23 1.32 -25.10
N LEU B 930 -16.31 2.28 -25.08
CA LEU B 930 -15.09 2.09 -24.29
C LEU B 930 -15.43 2.09 -22.81
N ALA B 931 -16.32 2.97 -22.39
CA ALA B 931 -16.77 3.01 -20.99
C ALA B 931 -17.43 1.69 -20.58
N LYS B 932 -18.29 1.17 -21.45
CA LYS B 932 -18.92 -0.13 -21.22
C LYS B 932 -17.87 -1.23 -21.09
N ALA B 933 -16.88 -1.23 -21.99
CA ALA B 933 -15.83 -2.23 -21.93
C ALA B 933 -15.00 -2.11 -20.66
N ARG B 934 -14.64 -0.88 -20.26
CA ARG B 934 -13.86 -0.72 -19.03
C ARG B 934 -14.58 -1.36 -17.85
N ARG B 935 -15.88 -1.14 -17.79
CA ARG B 935 -16.68 -1.64 -16.68
C ARG B 935 -16.96 -3.14 -16.78
N GLU B 936 -17.41 -3.61 -17.94
CA GLU B 936 -17.97 -4.97 -18.06
C GLU B 936 -17.04 -6.05 -18.63
N PHE B 937 -16.02 -5.64 -19.37
CA PHE B 937 -15.09 -6.60 -19.97
C PHE B 937 -14.04 -6.89 -18.89
N ARG B 938 -14.41 -7.75 -17.94
CA ARG B 938 -13.68 -7.83 -16.67
C ARG B 938 -12.49 -8.79 -16.68
N VAL B 939 -11.51 -8.53 -17.54
CA VAL B 939 -10.28 -9.34 -17.57
C VAL B 939 -9.25 -8.68 -16.66
N GLY B 940 -8.18 -9.41 -16.32
CA GLY B 940 -7.13 -8.85 -15.48
C GLY B 940 -6.38 -7.68 -16.11
N ASN B 941 -6.20 -7.73 -17.43
CA ASN B 941 -5.52 -6.68 -18.15
C ASN B 941 -6.28 -6.39 -19.43
N LEU B 942 -6.99 -5.28 -19.43
CA LEU B 942 -7.75 -4.83 -20.60
C LEU B 942 -6.96 -3.75 -21.34
N TYR B 943 -6.84 -3.90 -22.65
CA TYR B 943 -6.07 -2.96 -23.46
C TYR B 943 -6.96 -2.26 -24.46
N ILE B 944 -6.85 -0.93 -24.52
CA ILE B 944 -7.68 -0.14 -25.42
C ILE B 944 -6.84 0.41 -26.58
N ASN B 945 -7.23 0.05 -27.80
CA ASN B 945 -6.59 0.51 -29.04
C ASN B 945 -5.12 0.17 -29.18
N ARG B 946 -4.76 -1.05 -28.80
CA ARG B 946 -3.42 -1.57 -29.01
C ARG B 946 -3.47 -3.06 -28.77
N ASN B 947 -2.38 -3.76 -29.06
CA ASN B 947 -2.33 -5.20 -28.81
C ASN B 947 -2.56 -5.57 -27.34
N ASN B 948 -3.01 -6.80 -27.09
CA ASN B 948 -3.29 -7.21 -25.72
C ASN B 948 -2.20 -8.03 -25.10
N THR B 949 -1.05 -8.06 -25.75
CA THR B 949 0.12 -8.79 -25.24
C THR B 949 1.22 -7.82 -24.84
N GLY B 950 2.30 -8.34 -24.28
CA GLY B 950 3.47 -7.52 -24.02
C GLY B 950 3.45 -6.63 -22.78
N ALA B 951 2.84 -7.13 -21.71
CA ALA B 951 2.79 -6.39 -20.45
C ALA B 951 4.18 -6.05 -19.87
N LEU B 952 4.34 -4.80 -19.43
CA LEU B 952 5.62 -4.38 -18.86
C LEU B 952 5.54 -4.23 -17.34
N VAL B 953 6.66 -4.47 -16.67
CA VAL B 953 6.74 -4.30 -15.22
C VAL B 953 6.35 -2.87 -14.82
N GLU B 954 5.55 -2.77 -13.74
CA GLU B 954 5.04 -1.51 -13.18
C GLU B 954 3.94 -0.87 -14.02
N ARG B 955 4.18 -0.73 -15.32
CA ARG B 955 3.17 -0.18 -16.21
C ARG B 955 1.93 -1.08 -16.36
N GLN B 956 2.14 -2.37 -16.57
CA GLN B 956 1.02 -3.32 -16.68
C GLN B 956 1.21 -4.55 -15.81
N PRO B 957 0.98 -4.42 -14.49
CA PRO B 957 1.05 -5.59 -13.61
C PRO B 957 0.05 -6.64 -14.10
N PHE B 958 0.52 -7.87 -14.19
CA PHE B 958 -0.10 -8.86 -15.04
C PHE B 958 -0.66 -10.04 -14.25
N GLY B 959 -1.90 -10.43 -14.55
CA GLY B 959 -2.52 -11.54 -13.85
C GLY B 959 -4.01 -11.29 -13.73
N GLY B 960 -4.77 -12.39 -13.64
CA GLY B 960 -6.21 -12.28 -13.48
C GLY B 960 -6.78 -13.26 -12.48
N ALA B 961 -8.12 -13.30 -12.44
CA ALA B 961 -8.84 -14.25 -11.61
C ALA B 961 -9.66 -15.21 -12.48
N ARG B 962 -10.86 -15.58 -12.01
CA ARG B 962 -11.63 -16.66 -12.62
C ARG B 962 -10.74 -17.90 -12.74
N MET B 963 -10.73 -18.55 -13.90
CA MET B 963 -9.85 -19.72 -14.06
C MET B 963 -8.46 -19.35 -14.62
N SER B 964 -8.14 -18.06 -14.60
CA SER B 964 -6.85 -17.59 -15.11
C SER B 964 -5.81 -17.42 -14.00
N GLY B 965 -6.20 -17.59 -12.74
CA GLY B 965 -5.25 -17.35 -11.65
C GLY B 965 -5.95 -17.05 -10.33
N VAL B 966 -5.18 -16.68 -9.32
CA VAL B 966 -5.73 -16.44 -7.99
C VAL B 966 -5.66 -14.98 -7.57
N GLY B 967 -5.52 -14.09 -8.56
CA GLY B 967 -5.59 -12.68 -8.30
C GLY B 967 -4.25 -12.10 -7.86
N THR B 968 -3.16 -12.72 -8.29
CA THR B 968 -1.84 -12.16 -8.06
C THR B 968 -1.36 -11.49 -9.34
N LYS B 969 -0.73 -10.32 -9.21
CA LYS B 969 -0.25 -9.58 -10.37
C LYS B 969 1.24 -9.32 -10.31
N ALA B 970 2.01 -10.15 -11.01
CA ALA B 970 3.45 -9.96 -11.15
C ALA B 970 3.80 -8.58 -11.68
N GLY B 971 4.92 -8.03 -11.21
CA GLY B 971 5.37 -6.75 -11.70
C GLY B 971 4.55 -5.58 -11.19
N GLY B 972 3.83 -5.78 -10.09
CA GLY B 972 2.99 -4.74 -9.52
C GLY B 972 3.27 -4.55 -8.04
N PRO B 973 2.67 -3.52 -7.43
CA PRO B 973 3.02 -3.16 -6.05
C PRO B 973 2.30 -3.99 -4.99
N ASP B 974 1.46 -4.94 -5.39
CA ASP B 974 0.84 -5.86 -4.42
C ASP B 974 1.54 -7.22 -4.39
N TYR B 975 2.49 -7.44 -5.31
CA TYR B 975 3.00 -8.79 -5.56
C TYR B 975 3.86 -9.37 -4.43
N LEU B 976 4.87 -8.63 -3.98
CA LEU B 976 5.77 -9.18 -2.96
C LEU B 976 5.05 -9.60 -1.67
N LEU B 977 3.95 -8.93 -1.30
CA LEU B 977 3.24 -9.29 -0.08
C LEU B 977 2.74 -10.74 -0.09
N HIS B 978 2.52 -11.31 -1.27
CA HIS B 978 2.05 -12.70 -1.35
C HIS B 978 3.09 -13.71 -0.87
N PHE B 979 4.35 -13.29 -0.81
CA PHE B 979 5.45 -14.19 -0.45
C PHE B 979 5.83 -14.02 1.02
N MET B 980 5.04 -13.23 1.76
CA MET B 980 5.36 -12.94 3.15
C MET B 980 4.12 -13.03 4.03
N ASP B 981 4.29 -12.87 5.33
CA ASP B 981 3.14 -12.68 6.24
C ASP B 981 3.46 -11.53 7.16
N PRO B 982 2.44 -10.74 7.51
CA PRO B 982 2.67 -9.59 8.37
C PRO B 982 2.86 -9.98 9.84
N ARG B 983 3.59 -9.14 10.58
CA ARG B 983 3.81 -9.33 12.00
C ARG B 983 3.67 -7.95 12.63
N VAL B 984 3.18 -7.91 13.87
CA VAL B 984 3.12 -6.67 14.64
C VAL B 984 3.83 -6.85 15.98
N VAL B 985 4.66 -5.88 16.35
CA VAL B 985 5.24 -5.87 17.69
C VAL B 985 4.71 -4.65 18.41
N THR B 986 4.12 -4.86 19.58
CA THR B 986 3.50 -3.79 20.37
C THR B 986 4.25 -3.65 21.68
N GLU B 987 4.73 -2.46 21.98
CA GLU B 987 5.46 -2.24 23.21
C GLU B 987 4.79 -1.18 24.07
N ASN B 988 4.59 -1.52 25.33
CA ASN B 988 4.21 -0.54 26.34
C ASN B 988 5.47 0.19 26.77
N THR B 989 5.57 1.46 26.43
CA THR B 989 6.79 2.23 26.68
C THR B 989 6.79 2.98 28.00
N MET B 990 5.70 2.86 28.75
CA MET B 990 5.59 3.53 30.04
C MET B 990 6.24 2.72 31.18
N ARG B 991 7.22 3.33 31.85
CA ARG B 991 7.82 2.76 33.06
C ARG B 991 7.78 3.81 34.17
N ARG B 992 7.29 3.41 35.35
CA ARG B 992 7.22 4.30 36.51
C ARG B 992 6.47 5.60 36.24
N GLY B 993 5.43 5.52 35.41
CA GLY B 993 4.58 6.67 35.14
C GLY B 993 5.14 7.63 34.11
N PHE B 994 6.14 7.19 33.36
CA PHE B 994 6.72 8.02 32.33
C PHE B 994 6.97 7.27 31.01
N ALA B 995 6.51 7.86 29.92
CA ALA B 995 6.76 7.31 28.59
C ALA B 995 7.38 8.41 27.73
N PRO B 996 8.33 8.03 26.86
CA PRO B 996 8.91 8.99 25.92
C PRO B 996 7.87 9.49 24.94
N ILE B 997 7.96 10.75 24.54
CA ILE B 997 7.09 11.27 23.51
C ILE B 997 7.66 10.88 22.17
N GLU B 998 6.84 10.31 21.30
CA GLU B 998 7.30 9.94 19.98
C GLU B 998 6.68 10.91 18.98
N GLU B 999 7.30 11.06 17.82
CA GLU B 999 6.95 12.15 16.91
C GLU B 999 5.47 12.18 16.48
N ASP B 1000 4.94 11.03 16.12
CA ASP B 1000 3.58 10.97 15.59
C ASP B 1000 2.51 10.73 16.65
N ASP B 1001 2.87 10.85 17.93
CA ASP B 1001 1.94 10.61 19.03
C ASP B 1001 0.76 11.60 19.01
N ASP B 1002 -0.44 11.09 19.26
CA ASP B 1002 -1.54 11.97 19.67
C ASP B 1002 -1.22 12.48 21.07
N TRP B 1003 -0.96 13.78 21.19
CA TRP B 1003 -0.55 14.35 22.47
C TRP B 1003 -1.28 15.65 22.79
N VAL B 1004 -0.68 16.50 23.63
CA VAL B 1004 -1.36 17.70 24.14
C VAL B 1004 -0.60 19.00 23.87
PA P5F C . 5.34 22.32 40.90
O1A P5F C . 5.01 23.82 41.10
O2A P5F C . 6.51 22.03 40.10
O5B P5F C . 4.33 21.52 40.13
C5B P5F C . 4.52 20.22 39.59
C4B P5F C . 3.15 19.63 39.22
O4B P5F C . 2.52 20.30 38.13
C3B P5F C . 3.18 18.20 38.78
O3B P5F C . 3.31 17.32 39.83
C2B P5F C . 1.87 18.07 38.12
O2B P5F C . 0.86 17.83 39.04
C1B P5F C . 1.68 19.38 37.47
N9A P5F C . 2.01 19.38 36.06
C8A P5F C . 3.20 19.03 35.44
N7A P5F C . 3.05 19.17 34.11
C5A P5F C . 1.77 19.62 33.83
C6A P5F C . 1.10 19.94 32.67
N6A P5F C . 1.78 19.83 31.40
N1A P5F C . -0.17 20.36 32.72
C2A P5F C . -0.84 20.48 33.91
N3A P5F C . -0.20 20.17 35.08
C4A P5F C . 1.08 19.75 35.08
N1 P5F C . 0.26 13.53 44.67
C2 P5F C . -0.97 12.81 44.50
O2 P5F C . -1.53 12.75 43.25
N3 P5F C . -1.59 12.18 45.60
C4 P5F C . -1.03 12.25 46.87
O4 P5F C . -1.63 11.64 47.94
C4X P5F C . 0.26 12.98 47.05
N5 P5F C . 0.92 13.00 48.33
C5X P5F C . 1.78 14.14 48.58
C6 P5F C . 2.03 14.56 49.99
C7 P5F C . 2.86 15.67 50.23
C7M P5F C . 3.11 16.11 51.64
C8 P5F C . 3.44 16.38 49.12
C8M P5F C . 4.32 17.58 49.37
C9 P5F C . 3.19 15.98 47.78
C9A P5F C . 2.32 14.80 47.53
N10 P5F C . 2.05 14.36 46.16
C10 P5F C . 0.86 13.58 45.99
C1' P5F C . 2.79 14.86 44.98
C2' P5F C . 2.19 16.15 44.45
O2' P5F C . 0.98 15.89 43.81
C3' P5F C . 3.10 16.86 43.45
O3' P5F C . 3.44 15.95 42.46
C4' P5F C . 4.40 17.46 44.00
O4' P5F C . 4.23 17.95 45.30
C5' P5F C . 5.02 18.53 43.09
O5' P5F C . 4.22 19.69 42.95
P P5F C . 4.76 21.16 43.32
O1P P5F C . 3.72 22.24 43.78
O2P P5F C . 5.91 20.77 44.34
O3P P5F C . 5.75 21.48 42.06
C21 P5F C . 1.50 10.76 48.93
C22 P5F C . 1.51 11.87 48.19
C23 P5F C . 1.21 9.43 48.23
OAF 2L3 D . 4.98 9.37 42.54
SAQ 2L3 D . 5.07 8.77 43.86
OAD 2L3 D . 5.75 7.49 43.75
OAE 2L3 D . 6.02 9.62 44.54
CAP 2L3 D . 3.50 8.56 44.65
CAA 2L3 D . 2.55 7.85 43.74
CAK 2L3 D . 2.94 9.90 45.04
CAL 2L3 D . 3.79 10.51 46.11
OAB 2L3 D . 4.05 11.85 46.11
CAN 2L3 D . 4.37 9.65 47.17
CAI 2L3 D . 4.96 10.29 48.37
CAG 2L3 D . 5.52 9.45 49.36
CAH 2L3 D . 5.51 8.05 49.22
CAJ 2L3 D . 4.94 7.45 48.10
CAO 2L3 D . 4.36 8.31 47.05
CAM 2L3 D . 3.77 7.70 45.83
OAC 2L3 D . 3.52 6.35 45.80
C1 EDO E . -7.16 27.53 34.57
O1 EDO E . -7.55 28.55 35.42
C2 EDO E . -7.68 26.24 35.11
O2 EDO E . -7.02 25.94 36.29
C1 EDO F . -1.02 3.04 30.51
O1 EDO F . -1.96 2.19 29.95
C2 EDO F . 0.01 2.23 31.21
O2 EDO F . 0.96 1.79 30.31
C1 EDO G . -11.37 8.29 32.73
O1 EDO G . -12.36 9.22 32.46
C2 EDO G . -10.03 8.92 32.48
O2 EDO G . -9.01 8.01 32.75
C1 EDO H . -7.92 5.10 8.20
O1 EDO H . -6.77 5.05 8.96
C2 EDO H . -8.12 3.82 7.46
O2 EDO H . -8.12 4.07 6.10
C1 EDO I . 18.89 -17.80 34.61
O1 EDO I . 19.23 -16.61 33.99
C2 EDO I . 18.29 -17.50 35.94
O2 EDO I . 16.95 -17.25 35.80
PA P5F J . 6.94 25.66 -38.13
O1A P5F J . 5.76 26.11 -37.23
O2A P5F J . 8.06 26.54 -38.33
O5B P5F J . 7.68 24.46 -37.70
C5B P5F J . 7.01 23.39 -37.03
C4B P5F J . 7.91 22.15 -36.86
O4B P5F J . 8.83 22.26 -35.80
C3B P5F J . 7.17 20.87 -36.58
O3B P5F J . 6.68 20.28 -37.72
C2B P5F J . 8.24 20.03 -36.00
O2B P5F J . 8.96 19.44 -37.03
C1B P5F J . 9.08 20.99 -35.25
N9A P5F J . 8.78 21.05 -33.83
C8A P5F J . 7.57 21.33 -33.21
N7A P5F J . 7.73 21.30 -31.87
C5A P5F J . 9.05 21.02 -31.58
C6A P5F J . 9.75 20.87 -30.38
N6A P5F J . 9.08 21.05 -29.12
N1A P5F J . 11.06 20.59 -30.43
C2A P5F J . 11.72 20.44 -31.61
N3A P5F J . 11.07 20.56 -32.80
C4A P5F J . 9.75 20.85 -32.81
N1 P5F J . 7.55 15.90 -43.01
C2 P5F J . 8.32 14.68 -42.94
O2 P5F J . 8.80 14.26 -41.71
N3 P5F J . 8.61 13.92 -44.09
C4 P5F J . 8.14 14.32 -45.34
O4 P5F J . 8.40 13.58 -46.47
C4X P5F J . 7.33 15.57 -45.44
N5 P5F J . 6.66 15.93 -46.67
C5X P5F J . 6.47 17.36 -46.84
C6 P5F J . 6.52 17.96 -48.20
C7 P5F J . 6.39 19.37 -48.29
C7M P5F J . 6.43 20.01 -49.66
C8 P5F J . 6.21 20.19 -47.13
C8M P5F J . 6.05 21.69 -47.22
C9 P5F J . 6.16 19.59 -45.86
C9A P5F J . 6.30 18.13 -45.74
N10 P5F J . 6.35 17.51 -44.44
C10 P5F J . 7.07 16.29 -44.31
C1' P5F J . 5.81 18.14 -43.24
C2' P5F J . 6.82 19.04 -42.61
O2' P5F J . 7.73 18.29 -41.87
C3' P5F J . 6.06 20.04 -41.75
O3' P5F J . 5.19 20.78 -42.52
C4' P5F J . 6.97 21.08 -41.17
O4' P5F J . 7.71 20.53 -40.13
C5' P5F J . 6.17 22.31 -40.75
O5' P5F J . 7.15 23.20 -40.34
P P5F J . 7.28 24.69 -40.81
O1P P5F J . 8.69 25.23 -41.28
O2P P5F J . 6.09 24.78 -41.84
O3P P5F J . 6.52 25.36 -39.55
C21 P5F J . 5.40 14.00 -46.75
C22 P5F J . 5.70 15.19 -47.32
C23 P5F J . 4.48 12.99 -47.44
OAF 2L3 K . 0.73 15.46 -42.94
SAQ 2L3 K . 1.04 14.16 -42.38
OAD 2L3 K . 1.31 14.43 -40.99
OAE 2L3 K . -0.21 13.45 -42.43
CAP 2L3 K . 2.34 13.27 -43.19
CAA 2L3 K . 2.88 12.26 -42.24
CAK 2L3 K . 3.41 14.23 -43.58
CAL 2L3 K . 2.98 15.11 -44.72
OAB 2L3 K . 3.47 16.39 -44.80
CAN 2L3 K . 2.03 14.62 -45.76
CAI 2L3 K . 1.71 15.45 -46.94
CAG 2L3 K . 0.80 14.96 -47.89
CAH 2L3 K . 0.21 13.70 -47.74
CAJ 2L3 K . 0.51 12.91 -46.62
CAO 2L3 K . 1.46 13.42 -45.61
CAM 2L3 K . 1.79 12.60 -44.41
OAC 2L3 K . 1.57 11.24 -44.44
OAF 2LB L . -0.23 13.25 -42.65
SAQ 2LB L . -0.27 11.96 -43.31
OAD 2LB L . -1.46 12.01 -44.13
OAE 2LB L . -0.61 10.99 -42.30
CAP 2LB L . 1.20 11.62 -44.20
CAA 2LB L . 1.69 10.25 -43.87
CAK 2LB L . 0.89 11.71 -45.67
CAL 2LB L . 0.92 13.09 -46.22
OAB 2LB L . 0.14 13.41 -47.30
CAN 2LB L . 1.80 14.14 -45.64
CAI 2LB L . 2.00 15.42 -46.36
CAG 2LB L . 2.83 16.40 -45.81
CAH 2LB L . 3.47 16.15 -44.59
CAJ 2LB L . 3.30 14.95 -43.90
CAO 2LB L . 2.42 13.92 -44.48
CAM 2LB L . 2.22 12.64 -43.75
OAC 2LB L . 2.96 12.40 -42.61
C1 EDO M . 9.63 1.05 -7.91
O1 EDO M . 8.53 1.88 -8.01
C2 EDO M . 9.33 -0.14 -7.06
O2 EDO M . 9.23 0.21 -5.72
C1 EDO N . 15.17 4.80 -31.69
O1 EDO N . 16.51 5.08 -31.42
C2 EDO N . 14.38 6.05 -31.46
O2 EDO N . 13.04 5.77 -31.67
C1 EDO O . 0.20 -0.20 25.40
O1 EDO O . -0.26 -1.03 24.39
C2 EDO O . -0.83 -0.16 26.48
O2 EDO O . -0.36 -0.91 27.55
#